data_2OT2
#
_entry.id   2OT2
#
_entity_poly.entity_id   1
_entity_poly.type   'polypeptide(L)'
_entity_poly.pdbx_seq_one_letter_code
;MCIGVPGQIRTIDGNQAKVDVCGIQRDVDLTLVGSCDENGQPRVGQWVLVHVGFAMSVINEAEARDTLDALQNMFDVEPD
VGALLYGEEK
;
_entity_poly.pdbx_strand_id   A
#
# COMPACT_ATOMS: atom_id res chain seq x y z
N MET A 1 7.54 1.61 12.69
CA MET A 1 8.39 2.61 12.00
C MET A 1 8.43 2.31 10.49
N CYS A 2 9.19 1.29 10.06
CA CYS A 2 9.27 0.90 8.66
C CYS A 2 7.90 0.43 8.14
N ILE A 3 7.72 0.47 6.82
CA ILE A 3 6.53 0.01 6.12
C ILE A 3 6.97 -0.38 4.70
N GLY A 4 6.23 -1.29 4.05
CA GLY A 4 6.56 -1.87 2.76
C GLY A 4 5.38 -2.72 2.28
N VAL A 5 4.19 -2.12 2.17
CA VAL A 5 2.92 -2.83 1.94
C VAL A 5 2.08 -2.03 0.92
N PRO A 6 1.37 -2.68 -0.02
CA PRO A 6 0.38 -2.02 -0.87
C PRO A 6 -0.75 -1.35 -0.07
N GLY A 7 -1.41 -0.36 -0.68
CA GLY A 7 -2.63 0.23 -0.16
C GLY A 7 -3.33 1.04 -1.25
N GLN A 8 -4.54 1.53 -0.98
CA GLN A 8 -5.30 2.35 -1.91
C GLN A 8 -5.13 3.81 -1.49
N ILE A 9 -4.90 4.71 -2.44
CA ILE A 9 -4.89 6.16 -2.26
C ILE A 9 -6.35 6.56 -1.97
N ARG A 10 -6.80 6.36 -0.73
CA ARG A 10 -8.21 6.47 -0.37
C ARG A 10 -8.65 7.92 -0.18
N THR A 11 -7.74 8.83 0.13
CA THR A 11 -7.98 10.27 0.19
C THR A 11 -6.65 10.97 -0.12
N ILE A 12 -6.68 12.23 -0.56
CA ILE A 12 -5.51 13.06 -0.85
C ILE A 12 -5.72 14.39 -0.11
N ASP A 13 -4.65 14.99 0.39
CA ASP A 13 -4.69 16.26 1.13
C ASP A 13 -3.84 17.34 0.45
N GLY A 14 -2.84 16.93 -0.34
CA GLY A 14 -1.94 17.81 -1.09
C GLY A 14 -0.86 16.91 -1.66
N ASN A 15 0.41 17.23 -1.41
CA ASN A 15 1.51 16.31 -1.72
C ASN A 15 1.39 15.04 -0.86
N GLN A 16 0.80 15.16 0.33
CA GLN A 16 0.50 14.03 1.18
C GLN A 16 -0.86 13.46 0.80
N ALA A 17 -1.02 12.17 1.04
CA ALA A 17 -2.25 11.43 0.87
C ALA A 17 -2.45 10.47 2.03
N LYS A 18 -3.67 9.94 2.16
CA LYS A 18 -4.09 9.10 3.27
C LYS A 18 -4.36 7.73 2.68
N VAL A 19 -3.30 6.97 2.43
CA VAL A 19 -3.37 5.68 1.78
C VAL A 19 -3.93 4.69 2.81
N ASP A 20 -5.04 4.02 2.49
CA ASP A 20 -5.53 2.91 3.29
C ASP A 20 -4.64 1.72 3.03
N VAL A 21 -3.81 1.35 3.99
CA VAL A 21 -2.93 0.19 3.92
C VAL A 21 -3.74 -1.03 4.38
N CYS A 22 -4.81 -1.29 3.63
CA CYS A 22 -5.73 -2.42 3.78
C CYS A 22 -6.18 -2.68 5.23
N GLY A 23 -6.52 -1.62 5.98
CA GLY A 23 -7.03 -1.75 7.33
C GLY A 23 -7.15 -0.42 8.05
N ILE A 24 -6.21 0.51 7.81
CA ILE A 24 -6.24 1.86 8.37
C ILE A 24 -5.46 2.78 7.42
N GLN A 25 -5.81 4.07 7.42
CA GLN A 25 -5.13 5.06 6.60
C GLN A 25 -3.80 5.44 7.26
N ARG A 26 -2.76 5.58 6.43
CA ARG A 26 -1.44 6.10 6.78
C ARG A 26 -1.22 7.37 5.96
N ASP A 27 -0.55 8.36 6.53
CA ASP A 27 -0.08 9.52 5.77
C ASP A 27 1.12 9.08 4.93
N VAL A 28 1.11 9.39 3.63
CA VAL A 28 2.15 8.96 2.68
C VAL A 28 2.47 10.16 1.78
N ASP A 29 3.77 10.39 1.54
CA ASP A 29 4.29 11.41 0.66
C ASP A 29 4.25 10.89 -0.79
N LEU A 30 3.63 11.64 -1.70
CA LEU A 30 3.44 11.23 -3.10
C LEU A 30 4.46 11.88 -4.05
N THR A 31 5.52 12.55 -3.59
CA THR A 31 6.45 13.28 -4.47
C THR A 31 6.96 12.41 -5.64
N LEU A 32 7.18 11.11 -5.39
CA LEU A 32 7.76 10.19 -6.38
C LEU A 32 6.77 9.80 -7.49
N VAL A 33 5.48 10.12 -7.37
CA VAL A 33 4.43 9.73 -8.33
C VAL A 33 3.52 10.91 -8.72
N GLY A 34 3.52 12.01 -7.94
CA GLY A 34 2.60 13.13 -8.07
C GLY A 34 1.21 12.74 -7.55
N SER A 35 0.50 13.69 -6.96
CA SER A 35 -0.85 13.47 -6.43
C SER A 35 -1.92 13.35 -7.53
N CYS A 36 -1.54 13.56 -8.80
CA CYS A 36 -2.44 13.47 -9.94
C CYS A 36 -1.79 12.63 -11.05
N ASP A 37 -2.65 12.00 -11.83
CA ASP A 37 -2.36 11.31 -13.08
C ASP A 37 -1.89 12.33 -14.14
N GLU A 38 -1.30 11.85 -15.23
CA GLU A 38 -0.81 12.66 -16.35
C GLU A 38 -1.88 13.61 -16.89
N ASN A 39 -3.15 13.17 -16.94
CA ASN A 39 -4.27 13.95 -17.46
C ASN A 39 -4.88 14.88 -16.39
N GLY A 40 -4.23 15.01 -15.23
CA GLY A 40 -4.62 15.93 -14.15
C GLY A 40 -5.70 15.36 -13.23
N GLN A 41 -6.08 14.10 -13.41
CA GLN A 41 -7.06 13.42 -12.56
C GLN A 41 -6.42 13.20 -11.19
N PRO A 42 -7.06 13.51 -10.05
CA PRO A 42 -6.49 13.20 -8.75
C PRO A 42 -6.43 11.67 -8.58
N ARG A 43 -5.36 11.15 -7.95
CA ARG A 43 -5.13 9.71 -7.87
C ARG A 43 -6.06 8.98 -6.89
N VAL A 44 -7.09 9.62 -6.34
CA VAL A 44 -8.03 8.98 -5.41
C VAL A 44 -8.57 7.71 -6.07
N GLY A 45 -8.44 6.57 -5.37
CA GLY A 45 -8.92 5.26 -5.80
C GLY A 45 -7.85 4.40 -6.47
N GLN A 46 -6.74 4.99 -6.94
CA GLN A 46 -5.60 4.24 -7.45
C GLN A 46 -4.90 3.55 -6.27
N TRP A 47 -3.99 2.62 -6.55
CA TRP A 47 -3.27 1.88 -5.52
C TRP A 47 -1.78 2.20 -5.61
N VAL A 48 -1.05 1.90 -4.55
CA VAL A 48 0.34 2.33 -4.41
C VAL A 48 1.06 1.39 -3.45
N LEU A 49 2.35 1.16 -3.69
CA LEU A 49 3.24 0.48 -2.76
C LEU A 49 3.71 1.55 -1.79
N VAL A 50 3.31 1.48 -0.52
CA VAL A 50 3.83 2.39 0.49
C VAL A 50 5.13 1.76 1.00
N HIS A 51 6.22 2.53 1.00
CA HIS A 51 7.50 2.10 1.56
C HIS A 51 8.13 3.29 2.28
N VAL A 52 8.56 3.09 3.54
CA VAL A 52 9.16 4.10 4.42
C VAL A 52 8.45 5.48 4.38
N GLY A 53 7.13 5.50 4.22
CA GLY A 53 6.31 6.71 4.26
C GLY A 53 6.19 7.43 2.91
N PHE A 54 6.69 6.84 1.82
CA PHE A 54 6.61 7.39 0.47
C PHE A 54 5.91 6.40 -0.45
N ALA A 55 5.31 6.93 -1.51
CA ALA A 55 4.79 6.13 -2.61
C ALA A 55 5.98 5.58 -3.40
N MET A 56 6.29 4.30 -3.25
CA MET A 56 7.40 3.67 -3.97
C MET A 56 7.04 3.56 -5.45
N SER A 57 5.83 3.06 -5.76
CA SER A 57 5.31 2.91 -7.12
C SER A 57 3.79 3.00 -7.05
N VAL A 58 3.16 3.73 -7.96
CA VAL A 58 1.71 3.72 -8.14
C VAL A 58 1.39 2.52 -9.05
N ILE A 59 0.32 1.77 -8.74
CA ILE A 59 0.00 0.49 -9.36
C ILE A 59 -1.52 0.37 -9.57
N ASN A 60 -1.94 -0.56 -10.42
CA ASN A 60 -3.34 -0.88 -10.66
C ASN A 60 -3.88 -1.73 -9.51
N GLU A 61 -5.20 -1.86 -9.45
CA GLU A 61 -5.90 -2.66 -8.44
C GLU A 61 -5.43 -4.11 -8.49
N ALA A 62 -5.28 -4.66 -9.70
CA ALA A 62 -4.92 -6.07 -9.89
C ALA A 62 -3.50 -6.33 -9.39
N GLU A 63 -2.58 -5.39 -9.61
CA GLU A 63 -1.20 -5.49 -9.16
C GLU A 63 -1.16 -5.44 -7.64
N ALA A 64 -1.92 -4.51 -7.03
CA ALA A 64 -2.00 -4.40 -5.59
C ALA A 64 -2.57 -5.69 -4.98
N ARG A 65 -3.69 -6.17 -5.53
CA ARG A 65 -4.37 -7.39 -5.07
C ARG A 65 -3.43 -8.58 -5.15
N ASP A 66 -2.71 -8.75 -6.27
CA ASP A 66 -1.76 -9.85 -6.41
C ASP A 66 -0.61 -9.74 -5.42
N THR A 67 -0.08 -8.53 -5.23
CA THR A 67 0.99 -8.30 -4.26
C THR A 67 0.51 -8.58 -2.84
N LEU A 68 -0.71 -8.16 -2.48
CA LEU A 68 -1.29 -8.40 -1.16
C LEU A 68 -1.51 -9.88 -0.92
N ASP A 69 -1.96 -10.62 -1.93
CA ASP A 69 -2.19 -12.06 -1.83
C ASP A 69 -0.87 -12.80 -1.58
N ALA A 70 0.21 -12.39 -2.25
CA ALA A 70 1.53 -12.95 -2.01
C ALA A 70 2.04 -12.56 -0.62
N LEU A 71 1.94 -11.28 -0.26
CA LEU A 71 2.49 -10.72 0.97
C LEU A 71 1.85 -11.36 2.20
N GLN A 72 0.53 -11.52 2.22
CA GLN A 72 -0.16 -12.05 3.38
C GLN A 72 0.07 -13.55 3.58
N ASN A 73 0.53 -14.28 2.54
CA ASN A 73 0.59 -15.74 2.56
C ASN A 73 1.38 -16.29 3.75
N MET A 74 2.41 -15.56 4.20
CA MET A 74 3.27 -15.96 5.29
C MET A 74 2.55 -16.04 6.65
N PHE A 75 1.37 -15.42 6.80
CA PHE A 75 0.67 -15.34 8.09
C PHE A 75 -0.85 -15.51 7.99
N ASP A 76 -1.46 -15.33 6.81
CA ASP A 76 -2.88 -15.61 6.56
C ASP A 76 -3.24 -17.08 6.81
N VAL A 77 -2.24 -17.96 6.75
CA VAL A 77 -2.36 -19.38 7.07
C VAL A 77 -2.67 -19.65 8.56
N GLU A 78 -2.67 -18.63 9.43
CA GLU A 78 -2.92 -18.77 10.87
C GLU A 78 -3.84 -17.64 11.33
N PRO A 79 -4.57 -17.81 12.45
CA PRO A 79 -5.45 -16.77 13.00
C PRO A 79 -4.69 -15.52 13.48
N ASP A 80 -3.36 -15.57 13.51
CA ASP A 80 -2.49 -14.41 13.75
C ASP A 80 -2.82 -13.25 12.81
N VAL A 81 -3.31 -13.52 11.60
CA VAL A 81 -3.77 -12.47 10.68
C VAL A 81 -4.87 -11.60 11.32
N GLY A 82 -5.76 -12.20 12.11
CA GLY A 82 -6.84 -11.48 12.77
C GLY A 82 -6.29 -10.71 13.97
N ALA A 83 -5.40 -11.35 14.75
CA ALA A 83 -4.75 -10.69 15.89
C ALA A 83 -3.99 -9.45 15.44
N LEU A 84 -3.31 -9.51 14.30
CA LEU A 84 -2.66 -8.36 13.67
C LEU A 84 -3.72 -7.36 13.23
N LEU A 85 -4.67 -7.76 12.38
CA LEU A 85 -5.61 -6.85 11.73
C LEU A 85 -6.42 -6.03 12.73
N TYR A 86 -6.93 -6.68 13.77
CA TYR A 86 -7.80 -6.04 14.76
C TYR A 86 -7.00 -5.58 16.00
N GLY A 87 -5.67 -5.67 15.96
CA GLY A 87 -4.79 -5.24 17.04
C GLY A 87 -4.27 -3.83 16.80
N GLU A 88 -3.40 -3.38 17.71
CA GLU A 88 -2.82 -2.04 17.73
C GLU A 88 -1.28 -2.12 17.59
N GLU A 89 -0.77 -3.28 17.16
CA GLU A 89 0.65 -3.52 16.91
C GLU A 89 1.16 -2.86 15.62
N LYS A 90 0.33 -2.06 14.96
CA LYS A 90 0.56 -1.40 13.68
C LYS A 90 -0.25 -0.11 13.63
N MET A 1 1.64 -2.76 12.14
CA MET A 1 2.09 -3.05 10.76
C MET A 1 3.06 -1.97 10.28
N CYS A 2 4.12 -2.36 9.55
CA CYS A 2 4.99 -1.40 8.86
C CYS A 2 4.19 -0.73 7.74
N ILE A 3 4.53 0.52 7.40
CA ILE A 3 3.97 1.26 6.26
C ILE A 3 4.69 0.81 4.98
N GLY A 4 4.61 -0.49 4.70
CA GLY A 4 5.25 -1.21 3.61
C GLY A 4 4.22 -2.15 2.99
N VAL A 5 3.09 -1.57 2.59
CA VAL A 5 1.87 -2.26 2.17
C VAL A 5 1.21 -1.43 1.06
N PRO A 6 0.36 -2.02 0.21
CA PRO A 6 -0.46 -1.26 -0.72
C PRO A 6 -1.68 -0.65 0.01
N GLY A 7 -2.31 0.35 -0.61
CA GLY A 7 -3.58 0.88 -0.17
C GLY A 7 -4.20 1.75 -1.26
N GLN A 8 -5.49 2.05 -1.15
CA GLN A 8 -6.21 2.86 -2.13
C GLN A 8 -6.07 4.31 -1.71
N ILE A 9 -5.63 5.20 -2.60
CA ILE A 9 -5.50 6.63 -2.31
C ILE A 9 -6.92 7.15 -2.06
N ARG A 10 -7.21 7.54 -0.81
CA ARG A 10 -8.58 7.85 -0.38
C ARG A 10 -8.76 9.34 -0.16
N THR A 11 -7.72 10.06 0.25
CA THR A 11 -7.70 11.52 0.31
C THR A 11 -6.28 11.97 -0.04
N ILE A 12 -6.15 13.23 -0.49
CA ILE A 12 -4.88 13.89 -0.81
C ILE A 12 -4.96 15.26 -0.12
N ASP A 13 -3.83 15.73 0.42
CA ASP A 13 -3.72 17.01 1.12
C ASP A 13 -2.78 17.97 0.39
N GLY A 14 -1.88 17.44 -0.44
CA GLY A 14 -0.92 18.19 -1.23
C GLY A 14 0.06 17.17 -1.81
N ASN A 15 1.36 17.37 -1.58
CA ASN A 15 2.39 16.37 -1.88
C ASN A 15 2.20 15.07 -1.06
N GLN A 16 1.38 15.11 -0.01
CA GLN A 16 1.11 13.96 0.85
C GLN A 16 -0.37 13.61 0.77
N ALA A 17 -0.68 12.35 1.07
CA ALA A 17 -1.98 11.72 0.89
C ALA A 17 -2.18 10.66 1.95
N LYS A 18 -3.38 10.07 2.01
CA LYS A 18 -3.73 9.05 3.00
C LYS A 18 -4.40 7.90 2.28
N VAL A 19 -3.69 6.78 2.19
CA VAL A 19 -4.16 5.56 1.57
C VAL A 19 -4.98 4.79 2.59
N ASP A 20 -6.13 4.27 2.19
CA ASP A 20 -6.88 3.32 2.99
C ASP A 20 -6.26 1.94 2.80
N VAL A 21 -5.69 1.38 3.87
CA VAL A 21 -5.11 0.06 3.92
C VAL A 21 -6.25 -0.92 4.30
N CYS A 22 -7.27 -0.97 3.43
CA CYS A 22 -8.43 -1.86 3.53
C CYS A 22 -9.12 -1.87 4.91
N GLY A 23 -9.20 -0.71 5.59
CA GLY A 23 -9.93 -0.59 6.85
C GLY A 23 -9.57 0.67 7.62
N ILE A 24 -8.32 1.14 7.51
CA ILE A 24 -7.80 2.33 8.17
C ILE A 24 -6.93 3.09 7.19
N GLN A 25 -7.06 4.40 7.26
CA GLN A 25 -6.21 5.29 6.48
C GLN A 25 -4.84 5.40 7.15
N ARG A 26 -3.79 5.45 6.34
CA ARG A 26 -2.42 5.70 6.76
C ARG A 26 -1.77 6.68 5.77
N ASP A 27 -0.91 7.56 6.28
CA ASP A 27 -0.33 8.66 5.52
C ASP A 27 0.79 8.16 4.60
N VAL A 28 1.00 8.82 3.46
CA VAL A 28 2.05 8.52 2.50
C VAL A 28 2.48 9.83 1.82
N ASP A 29 3.77 9.96 1.54
CA ASP A 29 4.34 11.03 0.74
C ASP A 29 4.42 10.57 -0.72
N LEU A 30 3.98 11.41 -1.66
CA LEU A 30 3.82 11.05 -3.07
C LEU A 30 4.91 11.66 -3.94
N THR A 31 6.03 12.16 -3.38
CA THR A 31 7.14 12.76 -4.15
C THR A 31 7.56 11.89 -5.35
N LEU A 32 7.55 10.57 -5.20
CA LEU A 32 8.07 9.62 -6.18
C LEU A 32 7.05 9.26 -7.27
N VAL A 33 5.80 9.74 -7.19
CA VAL A 33 4.74 9.41 -8.15
C VAL A 33 3.92 10.64 -8.59
N GLY A 34 3.98 11.74 -7.84
CA GLY A 34 3.15 12.93 -8.03
C GLY A 34 1.73 12.68 -7.53
N SER A 35 1.10 13.71 -6.94
CA SER A 35 -0.26 13.61 -6.42
C SER A 35 -1.33 13.63 -7.51
N CYS A 36 -0.94 13.90 -8.76
CA CYS A 36 -1.81 13.84 -9.92
C CYS A 36 -1.19 12.91 -10.97
N ASP A 37 -2.04 12.30 -11.78
CA ASP A 37 -1.65 11.42 -12.86
C ASP A 37 -1.16 12.22 -14.06
N GLU A 38 -0.62 11.55 -15.09
CA GLU A 38 -0.03 12.20 -16.26
C GLU A 38 -1.02 13.11 -16.99
N ASN A 39 -2.30 12.71 -17.00
CA ASN A 39 -3.44 13.44 -17.57
C ASN A 39 -3.97 14.55 -16.65
N GLY A 40 -3.43 14.69 -15.44
CA GLY A 40 -3.72 15.81 -14.54
C GLY A 40 -4.81 15.49 -13.51
N GLN A 41 -5.46 14.33 -13.56
CA GLN A 41 -6.45 13.94 -12.55
C GLN A 41 -5.74 13.75 -11.20
N PRO A 42 -6.34 14.11 -10.05
CA PRO A 42 -5.80 13.75 -8.74
C PRO A 42 -5.83 12.22 -8.60
N ARG A 43 -4.83 11.62 -7.96
CA ARG A 43 -4.69 10.16 -7.94
C ARG A 43 -5.70 9.43 -7.05
N VAL A 44 -6.64 10.10 -6.39
CA VAL A 44 -7.67 9.45 -5.58
C VAL A 44 -8.36 8.33 -6.38
N GLY A 45 -8.61 7.19 -5.72
CA GLY A 45 -9.29 6.03 -6.29
C GLY A 45 -8.32 4.99 -6.84
N GLN A 46 -7.11 5.39 -7.26
CA GLN A 46 -6.08 4.45 -7.67
C GLN A 46 -5.47 3.82 -6.42
N TRP A 47 -4.71 2.74 -6.59
CA TRP A 47 -3.95 2.12 -5.51
C TRP A 47 -2.49 2.46 -5.70
N VAL A 48 -1.73 2.41 -4.61
CA VAL A 48 -0.31 2.68 -4.62
C VAL A 48 0.32 1.74 -3.60
N LEU A 49 1.42 1.13 -4.00
CA LEU A 49 2.29 0.36 -3.12
C LEU A 49 3.11 1.37 -2.35
N VAL A 50 3.24 1.22 -1.03
CA VAL A 50 3.98 2.14 -0.18
C VAL A 50 5.16 1.39 0.42
N HIS A 51 6.25 2.10 0.71
CA HIS A 51 7.41 1.62 1.45
C HIS A 51 7.91 2.76 2.32
N VAL A 52 8.20 2.50 3.60
CA VAL A 52 8.68 3.46 4.60
C VAL A 52 8.00 4.84 4.57
N GLY A 53 6.70 4.88 4.24
CA GLY A 53 5.90 6.09 4.22
C GLY A 53 5.99 6.90 2.92
N PHE A 54 6.64 6.38 1.88
CA PHE A 54 6.74 6.99 0.56
C PHE A 54 6.14 6.04 -0.46
N ALA A 55 5.46 6.57 -1.47
CA ALA A 55 4.94 5.78 -2.57
C ALA A 55 6.11 5.07 -3.28
N MET A 56 5.97 3.76 -3.49
CA MET A 56 6.92 2.96 -4.24
C MET A 56 6.52 2.98 -5.71
N SER A 57 5.29 2.54 -6.02
CA SER A 57 4.76 2.50 -7.38
C SER A 57 3.23 2.64 -7.32
N VAL A 58 2.63 3.30 -8.30
CA VAL A 58 1.17 3.28 -8.46
C VAL A 58 0.84 1.89 -9.02
N ILE A 59 -0.26 1.27 -8.57
CA ILE A 59 -0.61 -0.11 -8.93
C ILE A 59 -2.12 -0.20 -9.21
N ASN A 60 -2.53 -1.24 -9.93
CA ASN A 60 -3.94 -1.56 -10.16
C ASN A 60 -4.54 -2.19 -8.91
N GLU A 61 -5.87 -2.25 -8.85
CA GLU A 61 -6.61 -2.87 -7.75
C GLU A 61 -6.22 -4.35 -7.61
N ALA A 62 -6.11 -5.05 -8.75
CA ALA A 62 -5.75 -6.47 -8.77
C ALA A 62 -4.32 -6.68 -8.27
N GLU A 63 -3.41 -5.75 -8.59
CA GLU A 63 -2.03 -5.81 -8.12
C GLU A 63 -1.98 -5.60 -6.61
N ALA A 64 -2.85 -4.76 -6.04
CA ALA A 64 -2.93 -4.59 -4.60
C ALA A 64 -3.34 -5.90 -3.93
N ARG A 65 -4.38 -6.56 -4.43
CA ARG A 65 -4.81 -7.85 -3.88
C ARG A 65 -3.71 -8.90 -4.03
N ASP A 66 -3.06 -8.97 -5.19
CA ASP A 66 -1.96 -9.91 -5.42
C ASP A 66 -0.80 -9.65 -4.46
N THR A 67 -0.47 -8.38 -4.21
CA THR A 67 0.60 -8.02 -3.30
C THR A 67 0.22 -8.39 -1.87
N LEU A 68 -1.03 -8.14 -1.44
CA LEU A 68 -1.47 -8.51 -0.09
C LEU A 68 -1.44 -10.02 0.10
N ASP A 69 -1.82 -10.79 -0.92
CA ASP A 69 -1.73 -12.25 -0.89
C ASP A 69 -0.27 -12.71 -0.80
N ALA A 70 0.62 -12.14 -1.63
CA ALA A 70 2.03 -12.50 -1.59
C ALA A 70 2.66 -12.15 -0.25
N LEU A 71 2.34 -10.99 0.31
CA LEU A 71 2.95 -10.47 1.53
C LEU A 71 2.62 -11.34 2.74
N GLN A 72 1.42 -11.92 2.82
CA GLN A 72 1.11 -12.88 3.87
C GLN A 72 1.65 -14.27 3.50
N ASN A 73 1.54 -14.68 2.22
CA ASN A 73 1.95 -16.00 1.76
C ASN A 73 3.42 -16.26 2.07
N MET A 74 4.29 -15.27 1.84
CA MET A 74 5.74 -15.40 2.04
C MET A 74 6.14 -15.65 3.50
N PHE A 75 5.22 -15.54 4.47
CA PHE A 75 5.46 -15.90 5.87
C PHE A 75 4.58 -17.07 6.30
N ASP A 76 3.45 -17.31 5.61
CA ASP A 76 2.62 -18.48 5.81
C ASP A 76 3.38 -19.77 5.44
N VAL A 77 4.21 -19.73 4.40
CA VAL A 77 5.03 -20.88 4.00
C VAL A 77 6.00 -21.27 5.12
N GLU A 78 6.68 -20.27 5.71
CA GLU A 78 7.49 -20.36 6.91
C GLU A 78 7.83 -18.92 7.34
N PRO A 79 7.90 -18.62 8.65
CA PRO A 79 8.19 -17.26 9.13
C PRO A 79 9.66 -16.86 8.92
N ASP A 80 10.54 -17.82 8.65
CA ASP A 80 11.99 -17.63 8.54
C ASP A 80 12.37 -16.58 7.48
N VAL A 81 11.54 -16.38 6.47
CA VAL A 81 11.74 -15.36 5.44
C VAL A 81 11.83 -13.95 6.06
N GLY A 82 11.17 -13.71 7.20
CA GLY A 82 11.27 -12.45 7.91
C GLY A 82 12.72 -12.15 8.33
N ALA A 83 13.45 -13.18 8.76
CA ALA A 83 14.84 -13.07 9.17
C ALA A 83 15.81 -12.89 7.99
N LEU A 84 15.29 -12.69 6.77
CA LEU A 84 16.04 -12.32 5.57
C LEU A 84 15.51 -11.00 5.03
N LEU A 85 14.20 -10.79 5.00
CA LEU A 85 13.60 -9.54 4.54
C LEU A 85 13.97 -8.37 5.47
N TYR A 86 13.99 -8.63 6.78
CA TYR A 86 14.28 -7.64 7.82
C TYR A 86 15.19 -8.27 8.90
N GLY A 87 16.12 -9.12 8.46
CA GLY A 87 17.14 -9.74 9.29
C GLY A 87 18.33 -10.14 8.42
N GLU A 88 19.31 -10.83 9.02
CA GLU A 88 20.56 -11.23 8.36
C GLU A 88 20.91 -12.67 8.75
N GLU A 89 19.88 -13.49 9.02
CA GLU A 89 20.04 -14.92 9.33
C GLU A 89 20.46 -15.72 8.08
N LYS A 90 20.35 -15.11 6.90
CA LYS A 90 20.75 -15.63 5.61
C LYS A 90 21.34 -14.44 4.85
N MET A 1 7.85 -4.21 11.61
CA MET A 1 8.03 -4.17 10.13
C MET A 1 7.53 -2.83 9.59
N CYS A 2 8.23 -2.25 8.62
CA CYS A 2 7.78 -1.08 7.88
C CYS A 2 6.52 -1.41 7.07
N ILE A 3 5.81 -0.37 6.59
CA ILE A 3 4.61 -0.51 5.76
C ILE A 3 4.96 -0.86 4.30
N GLY A 4 5.67 -1.98 4.12
CA GLY A 4 6.08 -2.54 2.83
C GLY A 4 4.92 -3.23 2.11
N VAL A 5 3.78 -2.55 1.99
CA VAL A 5 2.52 -3.07 1.46
C VAL A 5 1.79 -1.93 0.73
N PRO A 6 1.00 -2.23 -0.31
CA PRO A 6 0.27 -1.20 -1.05
C PRO A 6 -0.94 -0.67 -0.27
N GLY A 7 -1.54 0.39 -0.78
CA GLY A 7 -2.82 0.91 -0.32
C GLY A 7 -3.50 1.70 -1.43
N GLN A 8 -4.78 2.02 -1.24
CA GLN A 8 -5.59 2.78 -2.21
C GLN A 8 -5.68 4.22 -1.74
N ILE A 9 -5.53 5.16 -2.65
CA ILE A 9 -5.60 6.60 -2.41
C ILE A 9 -7.07 6.97 -2.16
N ARG A 10 -7.55 6.79 -0.93
CA ARG A 10 -8.91 7.15 -0.54
C ARG A 10 -9.05 8.66 -0.32
N THR A 11 -7.97 9.35 0.04
CA THR A 11 -7.97 10.78 0.34
C THR A 11 -6.61 11.34 -0.04
N ILE A 12 -6.55 12.63 -0.39
CA ILE A 12 -5.34 13.37 -0.74
C ILE A 12 -5.38 14.65 0.10
N ASP A 13 -4.22 15.13 0.55
CA ASP A 13 -4.07 16.30 1.42
C ASP A 13 -3.21 17.38 0.77
N GLY A 14 -2.38 17.02 -0.21
CA GLY A 14 -1.47 17.90 -0.91
C GLY A 14 -0.47 17.00 -1.65
N ASN A 15 0.83 17.24 -1.45
CA ASN A 15 1.90 16.33 -1.90
C ASN A 15 1.94 15.02 -1.08
N GLN A 16 0.88 14.74 -0.32
CA GLN A 16 0.72 13.62 0.58
C GLN A 16 -0.73 13.14 0.42
N ALA A 17 -0.95 11.87 0.70
CA ALA A 17 -2.26 11.21 0.65
C ALA A 17 -2.39 10.27 1.84
N LYS A 18 -3.61 9.79 2.09
CA LYS A 18 -3.92 8.99 3.27
C LYS A 18 -4.46 7.66 2.75
N VAL A 19 -3.56 6.82 2.26
CA VAL A 19 -3.91 5.61 1.56
C VAL A 19 -4.46 4.60 2.56
N ASP A 20 -5.56 3.90 2.23
CA ASP A 20 -6.04 2.80 3.06
C ASP A 20 -5.19 1.58 2.76
N VAL A 21 -4.48 1.07 3.77
CA VAL A 21 -3.65 -0.12 3.69
C VAL A 21 -4.57 -1.34 3.95
N CYS A 22 -5.69 -1.41 3.23
CA CYS A 22 -6.77 -2.39 3.36
C CYS A 22 -7.12 -2.72 4.81
N GLY A 23 -7.32 -1.72 5.65
CA GLY A 23 -7.74 -1.90 7.04
C GLY A 23 -7.82 -0.58 7.80
N ILE A 24 -6.87 0.33 7.56
CA ILE A 24 -6.84 1.67 8.15
C ILE A 24 -6.00 2.56 7.22
N GLN A 25 -6.26 3.86 7.26
CA GLN A 25 -5.51 4.83 6.46
C GLN A 25 -4.15 5.09 7.10
N ARG A 26 -3.12 5.28 6.26
CA ARG A 26 -1.79 5.76 6.66
C ARG A 26 -1.43 6.92 5.75
N ASP A 27 -0.85 7.97 6.31
CA ASP A 27 -0.35 9.10 5.53
C ASP A 27 0.93 8.69 4.81
N VAL A 28 1.03 9.00 3.52
CA VAL A 28 2.10 8.60 2.62
C VAL A 28 2.41 9.79 1.72
N ASP A 29 3.70 10.12 1.61
CA ASP A 29 4.22 11.16 0.75
C ASP A 29 4.20 10.69 -0.71
N LEU A 30 3.85 11.58 -1.64
CA LEU A 30 3.63 11.24 -3.05
C LEU A 30 4.67 11.88 -3.98
N THR A 31 5.78 12.45 -3.49
CA THR A 31 6.76 13.16 -4.33
C THR A 31 7.25 12.29 -5.51
N LEU A 32 7.37 10.97 -5.32
CA LEU A 32 7.89 10.05 -6.33
C LEU A 32 6.90 9.78 -7.47
N VAL A 33 5.62 10.16 -7.32
CA VAL A 33 4.55 9.80 -8.26
C VAL A 33 3.66 10.99 -8.65
N GLY A 34 3.66 12.06 -7.86
CA GLY A 34 2.76 13.20 -7.98
C GLY A 34 1.35 12.82 -7.49
N SER A 35 0.63 13.78 -6.91
CA SER A 35 -0.72 13.57 -6.42
C SER A 35 -1.77 13.55 -7.54
N CYS A 36 -1.36 13.79 -8.78
CA CYS A 36 -2.24 13.78 -9.96
C CYS A 36 -1.61 12.96 -11.07
N ASP A 37 -2.48 12.40 -11.90
CA ASP A 37 -2.19 11.73 -13.17
C ASP A 37 -1.66 12.76 -14.17
N GLU A 38 -1.07 12.28 -15.27
CA GLU A 38 -0.51 13.10 -16.35
C GLU A 38 -1.54 14.12 -16.90
N ASN A 39 -2.82 13.74 -16.98
CA ASN A 39 -3.88 14.59 -17.50
C ASN A 39 -4.47 15.51 -16.41
N GLY A 40 -3.83 15.58 -15.23
CA GLY A 40 -4.20 16.49 -14.14
C GLY A 40 -5.33 15.94 -13.26
N GLN A 41 -5.77 14.70 -13.49
CA GLN A 41 -6.80 14.05 -12.68
C GLN A 41 -6.19 13.76 -11.30
N PRO A 42 -6.83 14.07 -10.16
CA PRO A 42 -6.31 13.69 -8.85
C PRO A 42 -6.34 12.17 -8.73
N ARG A 43 -5.31 11.57 -8.12
CA ARG A 43 -5.15 10.11 -8.09
C ARG A 43 -6.14 9.37 -7.16
N VAL A 44 -7.21 10.00 -6.69
CA VAL A 44 -8.20 9.37 -5.82
C VAL A 44 -8.69 8.09 -6.51
N GLY A 45 -8.66 6.97 -5.78
CA GLY A 45 -9.10 5.66 -6.24
C GLY A 45 -7.97 4.83 -6.85
N GLN A 46 -6.84 5.43 -7.25
CA GLN A 46 -5.67 4.69 -7.72
C GLN A 46 -4.98 4.03 -6.52
N TRP A 47 -4.04 3.13 -6.78
CA TRP A 47 -3.30 2.40 -5.77
C TRP A 47 -1.81 2.72 -5.89
N VAL A 48 -1.07 2.54 -4.82
CA VAL A 48 0.38 2.77 -4.80
C VAL A 48 1.03 1.73 -3.90
N LEU A 49 2.24 1.30 -4.28
CA LEU A 49 3.12 0.51 -3.41
C LEU A 49 3.63 1.49 -2.35
N VAL A 50 3.88 1.03 -1.13
CA VAL A 50 4.47 1.85 -0.08
C VAL A 50 5.60 1.02 0.53
N HIS A 51 6.62 1.69 1.08
CA HIS A 51 7.76 1.05 1.74
C HIS A 51 8.00 1.68 3.10
N VAL A 52 8.27 3.00 3.14
CA VAL A 52 8.73 3.71 4.33
C VAL A 52 8.03 5.08 4.46
N GLY A 53 6.74 5.12 4.10
CA GLY A 53 5.94 6.35 4.16
C GLY A 53 6.00 7.17 2.87
N PHE A 54 6.49 6.59 1.77
CA PHE A 54 6.53 7.19 0.45
C PHE A 54 5.90 6.20 -0.52
N ALA A 55 5.06 6.70 -1.43
CA ALA A 55 4.49 5.90 -2.51
C ALA A 55 5.63 5.55 -3.47
N MET A 56 6.01 4.29 -3.57
CA MET A 56 7.14 3.87 -4.38
C MET A 56 6.77 3.95 -5.87
N SER A 57 5.62 3.39 -6.25
CA SER A 57 5.12 3.32 -7.62
C SER A 57 3.60 3.28 -7.61
N VAL A 58 2.94 3.79 -8.65
CA VAL A 58 1.50 3.65 -8.84
C VAL A 58 1.23 2.24 -9.40
N ILE A 59 0.15 1.59 -8.93
CA ILE A 59 -0.31 0.28 -9.35
C ILE A 59 -1.85 0.30 -9.49
N ASN A 60 -2.48 -0.86 -9.65
CA ASN A 60 -3.93 -1.02 -9.75
C ASN A 60 -4.43 -2.06 -8.75
N GLU A 61 -5.74 -2.31 -8.74
CA GLU A 61 -6.39 -3.26 -7.82
C GLU A 61 -5.74 -4.64 -7.89
N ALA A 62 -5.48 -5.13 -9.11
CA ALA A 62 -5.01 -6.50 -9.32
C ALA A 62 -3.62 -6.67 -8.74
N GLU A 63 -2.70 -5.76 -9.06
CA GLU A 63 -1.34 -5.79 -8.54
C GLU A 63 -1.34 -5.59 -7.02
N ALA A 64 -2.20 -4.71 -6.49
CA ALA A 64 -2.26 -4.46 -5.07
C ALA A 64 -2.69 -5.72 -4.31
N ARG A 65 -3.79 -6.35 -4.73
CA ARG A 65 -4.31 -7.54 -4.06
C ARG A 65 -3.34 -8.70 -4.23
N ASP A 66 -2.69 -8.84 -5.39
CA ASP A 66 -1.68 -9.88 -5.59
C ASP A 66 -0.51 -9.69 -4.63
N THR A 67 -0.04 -8.45 -4.45
CA THR A 67 1.05 -8.14 -3.54
C THR A 67 0.63 -8.43 -2.10
N LEU A 68 -0.58 -8.02 -1.69
CA LEU A 68 -1.08 -8.25 -0.33
C LEU A 68 -1.24 -9.74 -0.05
N ASP A 69 -1.72 -10.51 -1.03
CA ASP A 69 -1.87 -11.95 -0.90
C ASP A 69 -0.52 -12.62 -0.75
N ALA A 70 0.45 -12.28 -1.62
CA ALA A 70 1.77 -12.86 -1.57
C ALA A 70 2.49 -12.53 -0.25
N LEU A 71 2.31 -11.30 0.26
CA LEU A 71 2.89 -10.88 1.53
C LEU A 71 2.27 -11.68 2.67
N GLN A 72 0.94 -11.66 2.82
CA GLN A 72 0.30 -12.30 3.96
C GLN A 72 0.48 -13.82 3.93
N ASN A 73 0.63 -14.42 2.74
CA ASN A 73 0.87 -15.85 2.59
C ASN A 73 2.09 -16.34 3.38
N MET A 74 3.08 -15.47 3.60
CA MET A 74 4.28 -15.79 4.37
C MET A 74 3.99 -16.07 5.85
N PHE A 75 2.79 -15.75 6.35
CA PHE A 75 2.43 -15.83 7.77
C PHE A 75 1.09 -16.52 7.97
N ASP A 76 0.11 -16.26 7.09
CA ASP A 76 -1.27 -16.73 7.18
C ASP A 76 -1.38 -18.27 7.18
N VAL A 77 -0.37 -18.95 6.64
CA VAL A 77 -0.24 -20.41 6.71
C VAL A 77 -0.36 -20.95 8.13
N GLU A 78 0.12 -20.22 9.13
CA GLU A 78 0.17 -20.68 10.52
C GLU A 78 -1.23 -20.70 11.15
N PRO A 79 -2.01 -19.60 11.19
CA PRO A 79 -3.38 -19.67 11.68
C PRO A 79 -4.26 -20.54 10.78
N ASP A 80 -3.95 -20.66 9.49
CA ASP A 80 -4.71 -21.51 8.57
C ASP A 80 -4.57 -22.98 8.96
N VAL A 81 -3.34 -23.49 9.12
CA VAL A 81 -3.15 -24.88 9.52
C VAL A 81 -3.64 -25.10 10.95
N GLY A 82 -3.53 -24.08 11.83
CA GLY A 82 -4.07 -24.13 13.18
C GLY A 82 -5.58 -24.35 13.15
N ALA A 83 -6.31 -23.55 12.38
CA ALA A 83 -7.76 -23.65 12.25
C ALA A 83 -8.17 -24.98 11.62
N LEU A 84 -7.45 -25.42 10.57
CA LEU A 84 -7.68 -26.70 9.91
C LEU A 84 -7.59 -27.84 10.92
N LEU A 85 -6.53 -27.87 11.73
CA LEU A 85 -6.33 -28.90 12.74
C LEU A 85 -7.41 -28.82 13.82
N TYR A 86 -7.54 -27.66 14.46
CA TYR A 86 -8.37 -27.48 15.64
C TYR A 86 -9.86 -27.66 15.33
N GLY A 87 -10.30 -27.24 14.14
CA GLY A 87 -11.70 -27.25 13.73
C GLY A 87 -12.08 -28.49 12.94
N GLU A 88 -11.14 -29.44 12.71
CA GLU A 88 -11.30 -30.57 11.79
C GLU A 88 -11.83 -30.05 10.44
N GLU A 89 -11.10 -29.09 9.89
CA GLU A 89 -11.42 -28.25 8.73
C GLU A 89 -12.55 -27.26 9.04
N LYS A 90 -13.73 -27.75 9.41
CA LYS A 90 -14.94 -26.96 9.56
C LYS A 90 -15.97 -27.73 10.36
N MET A 1 9.25 -4.20 13.02
CA MET A 1 8.51 -4.32 11.75
C MET A 1 7.97 -2.95 11.31
N CYS A 2 7.90 -2.70 10.00
CA CYS A 2 7.34 -1.49 9.40
C CYS A 2 6.45 -1.89 8.23
N ILE A 3 5.51 -1.00 7.85
CA ILE A 3 4.73 -1.17 6.62
C ILE A 3 5.68 -1.05 5.41
N GLY A 4 5.31 -1.75 4.33
CA GLY A 4 6.08 -1.87 3.10
C GLY A 4 5.25 -2.74 2.15
N VAL A 5 3.97 -2.39 2.01
CA VAL A 5 2.94 -3.20 1.33
C VAL A 5 2.03 -2.28 0.50
N PRO A 6 1.19 -2.81 -0.39
CA PRO A 6 0.15 -2.04 -1.06
C PRO A 6 -0.80 -1.33 -0.08
N GLY A 7 -1.38 -0.23 -0.54
CA GLY A 7 -2.47 0.50 0.11
C GLY A 7 -3.15 1.36 -0.96
N GLN A 8 -4.36 1.87 -0.69
CA GLN A 8 -5.18 2.56 -1.68
C GLN A 8 -5.25 4.04 -1.33
N ILE A 9 -4.98 4.92 -2.30
CA ILE A 9 -5.07 6.37 -2.12
C ILE A 9 -6.54 6.69 -1.88
N ARG A 10 -6.86 7.30 -0.74
CA ARG A 10 -8.25 7.58 -0.33
C ARG A 10 -8.47 9.08 -0.11
N THR A 11 -7.42 9.86 0.15
CA THR A 11 -7.50 11.32 0.18
C THR A 11 -6.17 11.87 -0.32
N ILE A 12 -6.14 13.09 -0.86
CA ILE A 12 -4.92 13.79 -1.29
C ILE A 12 -5.00 15.20 -0.72
N ASP A 13 -3.86 15.78 -0.33
CA ASP A 13 -3.80 17.08 0.35
C ASP A 13 -2.84 18.05 -0.35
N GLY A 14 -1.93 17.54 -1.19
CA GLY A 14 -0.94 18.32 -1.91
C GLY A 14 0.06 17.35 -2.50
N ASN A 15 1.36 17.60 -2.31
CA ASN A 15 2.44 16.64 -2.62
C ASN A 15 2.42 15.41 -1.68
N GLN A 16 1.39 15.25 -0.86
CA GLN A 16 1.21 14.16 0.08
C GLN A 16 -0.26 13.75 0.04
N ALA A 17 -0.51 12.49 0.42
CA ALA A 17 -1.82 11.86 0.38
C ALA A 17 -2.05 11.02 1.64
N LYS A 18 -3.25 10.47 1.78
CA LYS A 18 -3.65 9.61 2.88
C LYS A 18 -4.09 8.30 2.26
N VAL A 19 -3.35 7.24 2.54
CA VAL A 19 -3.47 5.95 1.88
C VAL A 19 -4.01 4.99 2.93
N ASP A 20 -5.11 4.30 2.63
CA ASP A 20 -5.60 3.21 3.45
C ASP A 20 -4.67 2.01 3.27
N VAL A 21 -3.94 1.65 4.31
CA VAL A 21 -3.00 0.52 4.29
C VAL A 21 -3.78 -0.73 4.74
N CYS A 22 -4.83 -1.05 3.98
CA CYS A 22 -5.70 -2.21 4.15
C CYS A 22 -6.25 -2.34 5.59
N GLY A 23 -6.66 -1.24 6.21
CA GLY A 23 -7.32 -1.28 7.53
C GLY A 23 -7.56 0.11 8.11
N ILE A 24 -6.61 1.03 7.92
CA ILE A 24 -6.71 2.42 8.39
C ILE A 24 -5.81 3.28 7.49
N GLN A 25 -6.12 4.58 7.41
CA GLN A 25 -5.32 5.51 6.62
C GLN A 25 -4.00 5.83 7.33
N ARG A 26 -2.96 6.06 6.53
CA ARG A 26 -1.67 6.61 6.95
C ARG A 26 -1.35 7.78 6.04
N ASP A 27 -0.71 8.81 6.58
CA ASP A 27 -0.16 9.91 5.79
C ASP A 27 1.05 9.37 5.01
N VAL A 28 1.14 9.72 3.73
CA VAL A 28 2.14 9.20 2.80
C VAL A 28 2.57 10.36 1.91
N ASP A 29 3.86 10.68 1.91
CA ASP A 29 4.43 11.62 0.97
C ASP A 29 4.36 11.01 -0.43
N LEU A 30 3.93 11.81 -1.41
CA LEU A 30 3.61 11.35 -2.76
C LEU A 30 4.52 12.02 -3.79
N THR A 31 5.47 12.88 -3.36
CA THR A 31 6.40 13.60 -4.22
C THR A 31 7.23 12.63 -5.09
N LEU A 32 7.50 11.42 -4.57
CA LEU A 32 8.27 10.39 -5.26
C LEU A 32 7.54 9.82 -6.49
N VAL A 33 6.23 10.07 -6.65
CA VAL A 33 5.41 9.50 -7.72
C VAL A 33 4.51 10.55 -8.39
N GLY A 34 4.43 11.76 -7.82
CA GLY A 34 3.66 12.87 -8.31
C GLY A 34 2.19 12.73 -7.89
N SER A 35 1.59 13.82 -7.43
CA SER A 35 0.16 13.90 -7.21
C SER A 35 -0.56 14.04 -8.55
N CYS A 36 -1.87 13.74 -8.53
CA CYS A 36 -2.73 13.59 -9.71
C CYS A 36 -2.20 12.54 -10.70
N ASP A 37 -2.96 12.32 -11.76
CA ASP A 37 -2.79 11.25 -12.74
C ASP A 37 -2.91 11.87 -14.13
N GLU A 38 -2.25 11.26 -15.11
CA GLU A 38 -2.07 11.78 -16.47
C GLU A 38 -3.40 12.09 -17.20
N ASN A 39 -4.51 11.48 -16.78
CA ASN A 39 -5.82 11.73 -17.36
C ASN A 39 -6.39 13.10 -16.92
N GLY A 40 -5.74 13.80 -15.98
CA GLY A 40 -6.23 15.07 -15.45
C GLY A 40 -7.23 14.82 -14.33
N GLN A 41 -6.89 13.92 -13.41
CA GLN A 41 -7.75 13.47 -12.30
C GLN A 41 -6.87 13.26 -11.06
N PRO A 42 -7.43 13.29 -9.84
CA PRO A 42 -6.70 12.88 -8.64
C PRO A 42 -6.45 11.37 -8.68
N ARG A 43 -5.39 10.89 -8.01
CA ARG A 43 -5.07 9.46 -7.93
C ARG A 43 -6.01 8.68 -7.01
N VAL A 44 -7.04 9.28 -6.41
CA VAL A 44 -7.91 8.59 -5.46
C VAL A 44 -8.49 7.34 -6.13
N GLY A 45 -8.34 6.18 -5.48
CA GLY A 45 -8.73 4.88 -5.99
C GLY A 45 -7.56 4.07 -6.55
N GLN A 46 -6.47 4.73 -6.98
CA GLN A 46 -5.24 4.04 -7.37
C GLN A 46 -4.57 3.47 -6.11
N TRP A 47 -3.65 2.52 -6.31
CA TRP A 47 -2.93 1.89 -5.22
C TRP A 47 -1.46 2.27 -5.32
N VAL A 48 -0.77 2.21 -4.19
CA VAL A 48 0.64 2.52 -4.08
C VAL A 48 1.26 1.55 -3.09
N LEU A 49 2.50 1.15 -3.38
CA LEU A 49 3.32 0.40 -2.43
C LEU A 49 3.80 1.47 -1.45
N VAL A 50 3.62 1.29 -0.15
CA VAL A 50 3.88 2.36 0.82
C VAL A 50 4.74 1.85 1.96
N HIS A 51 5.83 2.56 2.19
CA HIS A 51 6.68 2.39 3.37
C HIS A 51 6.13 3.31 4.47
N VAL A 52 6.90 3.54 5.54
CA VAL A 52 6.49 4.26 6.76
C VAL A 52 5.77 5.60 6.52
N GLY A 53 6.06 6.29 5.42
CA GLY A 53 5.36 7.51 5.05
C GLY A 53 5.71 7.97 3.63
N PHE A 54 5.96 7.05 2.70
CA PHE A 54 6.40 7.37 1.34
C PHE A 54 5.81 6.35 0.37
N ALA A 55 5.27 6.83 -0.75
CA ALA A 55 4.86 5.98 -1.86
C ALA A 55 6.12 5.54 -2.61
N MET A 56 6.36 4.23 -2.64
CA MET A 56 7.50 3.61 -3.31
C MET A 56 7.23 3.58 -4.83
N SER A 57 6.05 3.09 -5.22
CA SER A 57 5.58 3.00 -6.61
C SER A 57 4.05 3.09 -6.62
N VAL A 58 3.44 3.38 -7.77
CA VAL A 58 1.99 3.36 -7.99
C VAL A 58 1.66 2.13 -8.86
N ILE A 59 0.57 1.44 -8.55
CA ILE A 59 0.17 0.19 -9.15
C ILE A 59 -1.36 0.15 -9.35
N ASN A 60 -1.83 -0.74 -10.23
CA ASN A 60 -3.25 -0.92 -10.52
C ASN A 60 -3.94 -1.67 -9.37
N GLU A 61 -5.27 -1.63 -9.38
CA GLU A 61 -6.13 -2.35 -8.42
C GLU A 61 -5.82 -3.85 -8.41
N ALA A 62 -5.60 -4.44 -9.59
CA ALA A 62 -5.34 -5.86 -9.73
C ALA A 62 -3.94 -6.21 -9.23
N GLU A 63 -2.96 -5.36 -9.52
CA GLU A 63 -1.57 -5.56 -9.09
C GLU A 63 -1.49 -5.53 -7.57
N ALA A 64 -2.22 -4.61 -6.92
CA ALA A 64 -2.25 -4.51 -5.48
C ALA A 64 -2.81 -5.79 -4.87
N ARG A 65 -3.96 -6.26 -5.37
CA ARG A 65 -4.59 -7.47 -4.83
C ARG A 65 -3.71 -8.69 -5.06
N ASP A 66 -3.05 -8.80 -6.22
CA ASP A 66 -2.12 -9.89 -6.49
C ASP A 66 -0.93 -9.85 -5.53
N THR A 67 -0.39 -8.65 -5.27
CA THR A 67 0.73 -8.47 -4.35
C THR A 67 0.31 -8.83 -2.92
N LEU A 68 -0.88 -8.40 -2.48
CA LEU A 68 -1.39 -8.72 -1.15
C LEU A 68 -1.57 -10.23 -1.02
N ASP A 69 -2.12 -10.90 -2.02
CA ASP A 69 -2.33 -12.34 -2.00
C ASP A 69 -0.99 -13.08 -1.94
N ALA A 70 -0.02 -12.67 -2.75
CA ALA A 70 1.30 -13.28 -2.76
C ALA A 70 1.96 -13.14 -1.39
N LEU A 71 1.94 -11.94 -0.80
CA LEU A 71 2.49 -11.66 0.53
C LEU A 71 1.77 -12.52 1.56
N GLN A 72 0.44 -12.52 1.55
CA GLN A 72 -0.38 -13.24 2.51
C GLN A 72 -0.08 -14.74 2.46
N ASN A 73 0.10 -15.34 1.28
CA ASN A 73 0.29 -16.79 1.16
C ASN A 73 1.57 -17.25 1.87
N MET A 74 2.49 -16.31 2.10
CA MET A 74 3.79 -16.55 2.71
C MET A 74 3.72 -16.51 4.25
N PHE A 75 2.67 -15.91 4.84
CA PHE A 75 2.62 -15.62 6.28
C PHE A 75 1.25 -15.81 6.94
N ASP A 76 0.19 -16.14 6.20
CA ASP A 76 -1.19 -16.19 6.71
C ASP A 76 -1.36 -17.17 7.89
N VAL A 77 -0.49 -18.17 7.95
CA VAL A 77 -0.43 -19.19 8.99
C VAL A 77 1.02 -19.29 9.50
N GLU A 78 1.62 -18.13 9.75
CA GLU A 78 2.97 -17.91 10.28
C GLU A 78 4.03 -18.10 9.18
N PRO A 79 5.28 -17.64 9.37
CA PRO A 79 6.37 -17.80 8.40
C PRO A 79 6.69 -19.25 8.00
N ASP A 80 6.21 -20.25 8.75
CA ASP A 80 6.53 -21.65 8.52
C ASP A 80 6.19 -22.10 7.10
N VAL A 81 5.01 -21.72 6.58
CA VAL A 81 4.62 -22.08 5.22
C VAL A 81 5.48 -21.31 4.20
N GLY A 82 5.95 -20.11 4.53
CA GLY A 82 6.83 -19.34 3.67
C GLY A 82 8.18 -20.04 3.55
N ALA A 83 8.75 -20.47 4.68
CA ALA A 83 10.00 -21.21 4.72
C ALA A 83 9.88 -22.54 3.96
N LEU A 84 8.75 -23.23 4.09
CA LEU A 84 8.48 -24.48 3.37
C LEU A 84 8.37 -24.21 1.87
N LEU A 85 7.59 -23.20 1.47
CA LEU A 85 7.39 -22.84 0.07
C LEU A 85 8.73 -22.47 -0.57
N TYR A 86 9.47 -21.57 0.07
CA TYR A 86 10.74 -21.06 -0.43
C TYR A 86 11.83 -22.15 -0.44
N GLY A 87 11.67 -23.19 0.39
CA GLY A 87 12.66 -24.26 0.54
C GLY A 87 13.78 -23.87 1.51
N GLU A 88 13.55 -22.87 2.37
CA GLU A 88 14.44 -22.53 3.46
C GLU A 88 14.41 -23.64 4.53
N GLU A 89 13.23 -24.27 4.71
CA GLU A 89 13.00 -25.34 5.67
C GLU A 89 12.14 -26.42 4.99
N LYS A 90 12.74 -27.13 4.04
CA LYS A 90 12.13 -28.22 3.29
C LYS A 90 13.21 -29.25 3.00
N MET A 1 10.71 -2.37 8.74
CA MET A 1 10.12 -1.00 8.80
C MET A 1 8.63 -1.09 9.14
N CYS A 2 8.05 0.00 9.67
CA CYS A 2 6.67 0.02 10.16
C CYS A 2 5.64 -0.33 9.08
N ILE A 3 5.84 0.17 7.86
CA ILE A 3 4.96 -0.08 6.70
C ILE A 3 5.84 -0.21 5.46
N GLY A 4 5.37 -1.02 4.51
CA GLY A 4 6.07 -1.43 3.29
C GLY A 4 5.12 -2.34 2.51
N VAL A 5 3.86 -1.92 2.37
CA VAL A 5 2.75 -2.73 1.86
C VAL A 5 1.80 -1.86 1.00
N PRO A 6 0.93 -2.47 0.19
CA PRO A 6 -0.13 -1.75 -0.53
C PRO A 6 -1.02 -0.89 0.39
N GLY A 7 -1.64 0.12 -0.22
CA GLY A 7 -2.69 0.94 0.36
C GLY A 7 -3.42 1.66 -0.78
N GLN A 8 -4.56 2.27 -0.50
CA GLN A 8 -5.41 2.93 -1.49
C GLN A 8 -5.46 4.41 -1.17
N ILE A 9 -5.28 5.27 -2.18
CA ILE A 9 -5.22 6.72 -2.06
C ILE A 9 -6.65 7.22 -1.84
N ARG A 10 -7.17 7.04 -0.62
CA ARG A 10 -8.57 7.32 -0.28
C ARG A 10 -8.85 8.81 -0.26
N THR A 11 -7.88 9.66 0.08
CA THR A 11 -8.05 11.11 0.09
C THR A 11 -6.69 11.75 -0.26
N ILE A 12 -6.68 12.97 -0.77
CA ILE A 12 -5.49 13.71 -1.19
C ILE A 12 -5.64 15.13 -0.59
N ASP A 13 -4.52 15.76 -0.21
CA ASP A 13 -4.51 17.09 0.42
C ASP A 13 -3.53 18.05 -0.27
N GLY A 14 -2.56 17.53 -1.02
CA GLY A 14 -1.55 18.29 -1.75
C GLY A 14 -0.60 17.28 -2.34
N ASN A 15 0.71 17.49 -2.24
CA ASN A 15 1.69 16.44 -2.58
C ASN A 15 1.57 15.26 -1.60
N GLN A 16 0.91 15.47 -0.47
CA GLN A 16 0.62 14.44 0.53
C GLN A 16 -0.82 13.98 0.37
N ALA A 17 -1.07 12.74 0.78
CA ALA A 17 -2.35 12.07 0.68
C ALA A 17 -2.57 11.24 1.93
N LYS A 18 -3.82 10.89 2.21
CA LYS A 18 -4.22 10.08 3.35
C LYS A 18 -4.60 8.72 2.78
N VAL A 19 -3.59 7.87 2.63
CA VAL A 19 -3.71 6.57 1.99
C VAL A 19 -4.18 5.59 3.05
N ASP A 20 -5.25 4.84 2.80
CA ASP A 20 -5.66 3.73 3.65
C ASP A 20 -4.64 2.61 3.44
N VAL A 21 -3.77 2.38 4.42
CA VAL A 21 -2.76 1.34 4.34
C VAL A 21 -3.39 0.06 4.90
N CYS A 22 -4.38 -0.44 4.17
CA CYS A 22 -5.15 -1.65 4.42
C CYS A 22 -5.58 -1.81 5.88
N GLY A 23 -6.14 -0.76 6.48
CA GLY A 23 -6.74 -0.85 7.82
C GLY A 23 -7.20 0.51 8.33
N ILE A 24 -6.39 1.56 8.13
CA ILE A 24 -6.71 2.93 8.47
C ILE A 24 -5.84 3.85 7.60
N GLN A 25 -6.32 5.09 7.40
CA GLN A 25 -5.58 6.11 6.68
C GLN A 25 -4.33 6.53 7.44
N ARG A 26 -3.22 6.65 6.73
CA ARG A 26 -1.96 7.24 7.19
C ARG A 26 -1.63 8.37 6.21
N ASP A 27 -0.97 9.42 6.68
CA ASP A 27 -0.42 10.42 5.77
C ASP A 27 0.77 9.82 5.04
N VAL A 28 0.87 10.05 3.73
CA VAL A 28 1.93 9.57 2.87
C VAL A 28 2.28 10.72 1.94
N ASP A 29 3.58 11.05 1.80
CA ASP A 29 4.02 11.98 0.78
C ASP A 29 4.17 11.22 -0.54
N LEU A 30 3.52 11.69 -1.60
CA LEU A 30 3.47 11.00 -2.89
C LEU A 30 4.71 11.29 -3.73
N THR A 31 5.89 11.40 -3.09
CA THR A 31 7.16 11.87 -3.64
C THR A 31 7.52 11.28 -5.00
N LEU A 32 7.27 9.98 -5.22
CA LEU A 32 7.77 9.25 -6.38
C LEU A 32 6.67 8.97 -7.40
N VAL A 33 5.44 9.47 -7.20
CA VAL A 33 4.29 9.13 -8.04
C VAL A 33 3.49 10.37 -8.44
N GLY A 34 3.51 11.43 -7.63
CA GLY A 34 2.72 12.64 -7.84
C GLY A 34 1.25 12.38 -7.52
N SER A 35 0.55 13.44 -7.13
CA SER A 35 -0.85 13.36 -6.72
C SER A 35 -1.83 13.24 -7.89
N CYS A 36 -1.35 13.35 -9.13
CA CYS A 36 -2.14 13.17 -10.33
C CYS A 36 -1.45 12.15 -11.24
N ASP A 37 -2.26 11.44 -12.03
CA ASP A 37 -1.79 10.40 -12.95
C ASP A 37 -1.33 11.01 -14.27
N GLU A 38 -0.82 10.19 -15.19
CA GLU A 38 -0.27 10.60 -16.47
C GLU A 38 -1.27 11.43 -17.30
N ASN A 39 -2.56 11.07 -17.24
CA ASN A 39 -3.62 11.77 -17.96
C ASN A 39 -4.16 13.00 -17.21
N GLY A 40 -3.64 13.27 -16.00
CA GLY A 40 -3.95 14.48 -15.24
C GLY A 40 -5.07 14.30 -14.21
N GLN A 41 -5.72 13.12 -14.13
CA GLN A 41 -6.72 12.89 -13.08
C GLN A 41 -6.02 12.85 -11.72
N PRO A 42 -6.66 13.28 -10.61
CA PRO A 42 -6.11 13.06 -9.28
C PRO A 42 -6.10 11.54 -9.01
N ARG A 43 -5.06 11.04 -8.34
CA ARG A 43 -4.88 9.59 -8.10
C ARG A 43 -5.88 9.00 -7.09
N VAL A 44 -6.94 9.71 -6.70
CA VAL A 44 -7.88 9.23 -5.70
C VAL A 44 -8.45 7.88 -6.17
N GLY A 45 -8.41 6.88 -5.28
CA GLY A 45 -8.88 5.52 -5.55
C GLY A 45 -7.83 4.62 -6.19
N GLN A 46 -6.72 5.15 -6.72
CA GLN A 46 -5.60 4.31 -7.16
C GLN A 46 -4.90 3.72 -5.93
N TRP A 47 -4.04 2.72 -6.15
CA TRP A 47 -3.32 2.06 -5.08
C TRP A 47 -1.83 2.37 -5.19
N VAL A 48 -1.10 2.17 -4.10
CA VAL A 48 0.28 2.56 -3.98
C VAL A 48 0.94 1.67 -2.93
N LEU A 49 2.18 1.27 -3.17
CA LEU A 49 3.01 0.62 -2.17
C LEU A 49 3.50 1.75 -1.27
N VAL A 50 3.04 1.78 -0.02
CA VAL A 50 3.47 2.76 0.95
C VAL A 50 4.63 2.14 1.71
N HIS A 51 5.73 2.88 1.86
CA HIS A 51 6.90 2.44 2.61
C HIS A 51 7.48 3.66 3.32
N VAL A 52 7.75 3.54 4.63
CA VAL A 52 8.31 4.61 5.48
C VAL A 52 7.60 5.97 5.26
N GLY A 53 6.28 5.96 5.05
CA GLY A 53 5.48 7.17 4.91
C GLY A 53 5.66 7.91 3.57
N PHE A 54 6.24 7.26 2.54
CA PHE A 54 6.27 7.78 1.19
C PHE A 54 5.74 6.74 0.20
N ALA A 55 5.37 7.19 -0.99
CA ALA A 55 4.88 6.33 -2.07
C ALA A 55 6.08 5.69 -2.75
N MET A 56 6.25 4.37 -2.59
CA MET A 56 7.34 3.65 -3.25
C MET A 56 7.02 3.49 -4.74
N SER A 57 5.82 2.99 -5.08
CA SER A 57 5.36 2.81 -6.46
C SER A 57 3.84 2.86 -6.49
N VAL A 58 3.24 3.53 -7.48
CA VAL A 58 1.79 3.46 -7.73
C VAL A 58 1.51 2.12 -8.43
N ILE A 59 0.39 1.48 -8.12
CA ILE A 59 0.01 0.17 -8.66
C ILE A 59 -1.49 0.15 -8.96
N ASN A 60 -1.92 -0.78 -9.81
CA ASN A 60 -3.32 -0.98 -10.17
C ASN A 60 -4.09 -1.66 -9.03
N GLU A 61 -5.42 -1.61 -9.11
CA GLU A 61 -6.34 -2.29 -8.19
C GLU A 61 -6.02 -3.79 -8.10
N ALA A 62 -5.75 -4.41 -9.25
CA ALA A 62 -5.47 -5.84 -9.33
C ALA A 62 -4.10 -6.17 -8.74
N GLU A 63 -3.10 -5.32 -8.98
CA GLU A 63 -1.74 -5.52 -8.47
C GLU A 63 -1.75 -5.43 -6.94
N ALA A 64 -2.51 -4.50 -6.36
CA ALA A 64 -2.63 -4.37 -4.93
C ALA A 64 -3.22 -5.65 -4.32
N ARG A 65 -4.33 -6.13 -4.88
CA ARG A 65 -5.00 -7.33 -4.36
C ARG A 65 -4.11 -8.55 -4.52
N ASP A 66 -3.39 -8.69 -5.64
CA ASP A 66 -2.45 -9.78 -5.85
C ASP A 66 -1.30 -9.73 -4.84
N THR A 67 -0.78 -8.52 -4.56
CA THR A 67 0.28 -8.34 -3.58
C THR A 67 -0.23 -8.69 -2.17
N LEU A 68 -1.43 -8.26 -1.80
CA LEU A 68 -2.01 -8.58 -0.50
C LEU A 68 -2.25 -10.08 -0.36
N ASP A 69 -2.71 -10.74 -1.42
CA ASP A 69 -2.89 -12.19 -1.43
C ASP A 69 -1.55 -12.91 -1.25
N ALA A 70 -0.50 -12.46 -1.96
CA ALA A 70 0.84 -13.01 -1.80
C ALA A 70 1.32 -12.84 -0.36
N LEU A 71 1.16 -11.65 0.22
CA LEU A 71 1.50 -11.33 1.61
C LEU A 71 0.69 -12.14 2.63
N GLN A 72 -0.25 -12.99 2.22
CA GLN A 72 -1.08 -13.81 3.10
C GLN A 72 -1.07 -15.29 2.68
N ASN A 73 -0.22 -15.71 1.73
CA ASN A 73 -0.05 -17.15 1.42
C ASN A 73 1.35 -17.51 0.90
N MET A 74 2.02 -16.63 0.14
CA MET A 74 3.29 -16.92 -0.52
C MET A 74 4.43 -17.16 0.49
N PHE A 75 4.23 -16.74 1.74
CA PHE A 75 5.21 -16.82 2.82
C PHE A 75 4.66 -17.67 3.98
N ASP A 76 3.64 -18.50 3.71
CA ASP A 76 2.91 -19.29 4.70
C ASP A 76 2.88 -20.78 4.31
N VAL A 77 3.49 -21.14 3.18
CA VAL A 77 3.63 -22.54 2.75
C VAL A 77 4.70 -23.23 3.58
N GLU A 78 5.74 -22.49 3.98
CA GLU A 78 6.88 -23.00 4.73
C GLU A 78 6.43 -23.62 6.07
N PRO A 79 5.65 -22.93 6.93
CA PRO A 79 5.11 -23.55 8.12
C PRO A 79 4.03 -24.60 7.81
N ASP A 80 3.41 -24.56 6.62
CA ASP A 80 2.40 -25.56 6.24
C ASP A 80 3.05 -26.92 6.08
N VAL A 81 4.11 -27.00 5.25
CA VAL A 81 4.84 -28.24 5.03
C VAL A 81 5.62 -28.62 6.30
N GLY A 82 6.10 -27.65 7.08
CA GLY A 82 6.75 -27.90 8.36
C GLY A 82 5.80 -28.63 9.31
N ALA A 83 4.61 -28.05 9.54
CA ALA A 83 3.59 -28.62 10.41
C ALA A 83 3.17 -30.01 9.93
N LEU A 84 3.00 -30.20 8.61
CA LEU A 84 2.67 -31.50 8.04
C LEU A 84 3.77 -32.51 8.32
N LEU A 85 5.05 -32.15 8.14
CA LEU A 85 6.20 -33.01 8.40
C LEU A 85 6.27 -33.38 9.88
N TYR A 86 5.95 -32.44 10.79
CA TYR A 86 5.90 -32.70 12.23
C TYR A 86 4.73 -33.63 12.61
N GLY A 87 3.81 -33.93 11.68
CA GLY A 87 2.62 -34.73 11.96
C GLY A 87 1.65 -33.98 12.87
N GLU A 88 1.62 -32.65 12.77
CA GLU A 88 0.83 -31.75 13.60
C GLU A 88 0.36 -30.61 12.68
N GLU A 89 -0.24 -31.00 11.55
CA GLU A 89 -0.58 -30.13 10.42
C GLU A 89 -1.39 -28.90 10.83
N LYS A 90 -1.21 -27.82 10.05
CA LYS A 90 -1.85 -26.52 10.26
C LYS A 90 -3.36 -26.68 10.28
N MET A 1 3.52 6.20 10.66
CA MET A 1 4.31 4.94 10.56
C MET A 1 4.72 4.73 9.09
N CYS A 2 6.02 4.50 8.83
CA CYS A 2 6.57 4.31 7.49
C CYS A 2 6.25 2.91 6.92
N ILE A 3 4.95 2.61 6.74
CA ILE A 3 4.47 1.33 6.22
C ILE A 3 5.02 1.01 4.82
N GLY A 4 4.92 -0.25 4.40
CA GLY A 4 5.45 -0.77 3.15
C GLY A 4 4.49 -1.81 2.56
N VAL A 5 3.28 -1.36 2.22
CA VAL A 5 2.13 -2.19 1.85
C VAL A 5 1.25 -1.33 0.93
N PRO A 6 0.58 -1.89 -0.10
CA PRO A 6 -0.26 -1.09 -0.99
C PRO A 6 -1.59 -0.69 -0.33
N GLY A 7 -2.31 0.23 -0.98
CA GLY A 7 -3.65 0.62 -0.61
C GLY A 7 -4.24 1.57 -1.65
N GLN A 8 -5.46 2.08 -1.40
CA GLN A 8 -6.13 3.02 -2.28
C GLN A 8 -5.88 4.43 -1.78
N ILE A 9 -5.60 5.38 -2.67
CA ILE A 9 -5.52 6.81 -2.38
C ILE A 9 -6.95 7.30 -2.12
N ARG A 10 -7.46 7.04 -0.92
CA ARG A 10 -8.80 7.45 -0.52
C ARG A 10 -8.90 8.97 -0.43
N THR A 11 -7.80 9.64 -0.08
CA THR A 11 -7.74 11.07 0.19
C THR A 11 -6.31 11.55 -0.07
N ILE A 12 -6.16 12.81 -0.48
CA ILE A 12 -4.88 13.47 -0.73
C ILE A 12 -4.81 14.68 0.22
N ASP A 13 -3.59 15.03 0.62
CA ASP A 13 -3.28 15.99 1.66
C ASP A 13 -1.99 16.72 1.24
N GLY A 14 -2.10 17.48 0.15
CA GLY A 14 -0.97 18.13 -0.49
C GLY A 14 -0.06 17.07 -1.11
N ASN A 15 1.23 17.08 -0.73
CA ASN A 15 2.18 16.03 -1.12
C ASN A 15 1.85 14.69 -0.46
N GLN A 16 1.17 14.70 0.70
CA GLN A 16 0.83 13.48 1.39
C GLN A 16 -0.49 12.93 0.85
N ALA A 17 -0.82 11.70 1.26
CA ALA A 17 -2.11 11.06 1.06
C ALA A 17 -2.43 10.25 2.30
N LYS A 18 -3.71 9.93 2.48
CA LYS A 18 -4.21 9.11 3.58
C LYS A 18 -4.73 7.83 2.92
N VAL A 19 -3.78 6.98 2.53
CA VAL A 19 -4.01 5.78 1.74
C VAL A 19 -4.72 4.77 2.64
N ASP A 20 -5.86 4.24 2.21
CA ASP A 20 -6.56 3.17 2.91
C ASP A 20 -5.87 1.85 2.59
N VAL A 21 -5.22 1.27 3.59
CA VAL A 21 -4.62 -0.05 3.56
C VAL A 21 -5.75 -1.08 3.84
N CYS A 22 -6.76 -1.07 2.97
CA CYS A 22 -7.92 -1.97 2.95
C CYS A 22 -8.55 -2.22 4.34
N GLY A 23 -8.68 -1.18 5.18
CA GLY A 23 -9.32 -1.30 6.48
C GLY A 23 -8.97 -0.16 7.44
N ILE A 24 -7.85 0.52 7.24
CA ILE A 24 -7.44 1.68 8.03
C ILE A 24 -6.60 2.59 7.12
N GLN A 25 -6.65 3.89 7.36
CA GLN A 25 -5.92 4.86 6.56
C GLN A 25 -4.56 5.10 7.20
N ARG A 26 -3.52 5.21 6.37
CA ARG A 26 -2.14 5.47 6.78
C ARG A 26 -1.60 6.63 5.94
N ASP A 27 -0.75 7.46 6.54
CA ASP A 27 -0.13 8.58 5.83
C ASP A 27 0.94 8.06 4.88
N VAL A 28 1.00 8.59 3.67
CA VAL A 28 1.93 8.20 2.62
C VAL A 28 2.44 9.49 1.98
N ASP A 29 3.72 9.52 1.59
CA ASP A 29 4.37 10.63 0.92
C ASP A 29 4.41 10.31 -0.59
N LEU A 30 3.79 11.15 -1.42
CA LEU A 30 3.63 10.87 -2.85
C LEU A 30 4.78 11.43 -3.70
N THR A 31 5.92 11.87 -3.14
CA THR A 31 6.99 12.52 -3.91
C THR A 31 7.41 11.75 -5.17
N LEU A 32 7.40 10.41 -5.13
CA LEU A 32 7.90 9.57 -6.20
C LEU A 32 6.82 9.24 -7.25
N VAL A 33 5.57 9.68 -7.07
CA VAL A 33 4.45 9.39 -7.98
C VAL A 33 3.64 10.64 -8.35
N GLY A 34 3.73 11.71 -7.56
CA GLY A 34 2.97 12.94 -7.73
C GLY A 34 1.54 12.78 -7.19
N SER A 35 0.98 13.85 -6.64
CA SER A 35 -0.41 13.89 -6.20
C SER A 35 -1.40 13.99 -7.37
N CYS A 36 -0.91 14.28 -8.58
CA CYS A 36 -1.68 14.24 -9.81
C CYS A 36 -1.08 13.20 -10.75
N ASP A 37 -1.85 12.87 -11.78
CA ASP A 37 -1.63 11.76 -12.70
C ASP A 37 -1.38 12.29 -14.12
N GLU A 38 -0.82 11.44 -14.98
CA GLU A 38 -0.48 11.74 -16.37
C GLU A 38 -1.68 12.31 -17.14
N ASN A 39 -2.86 11.78 -16.82
CA ASN A 39 -4.14 12.13 -17.43
C ASN A 39 -4.68 13.50 -16.96
N GLY A 40 -3.96 14.22 -16.10
CA GLY A 40 -4.32 15.58 -15.69
C GLY A 40 -5.47 15.55 -14.67
N GLN A 41 -5.36 14.68 -13.68
CA GLN A 41 -6.36 14.46 -12.63
C GLN A 41 -5.63 14.21 -11.31
N PRO A 42 -6.22 14.56 -10.14
CA PRO A 42 -5.68 14.15 -8.85
C PRO A 42 -5.78 12.63 -8.71
N ARG A 43 -4.85 12.00 -8.01
CA ARG A 43 -4.78 10.53 -7.91
C ARG A 43 -5.86 9.91 -7.01
N VAL A 44 -6.84 10.66 -6.51
CA VAL A 44 -7.89 10.11 -5.65
C VAL A 44 -8.56 8.92 -6.35
N GLY A 45 -8.74 7.82 -5.60
CA GLY A 45 -9.34 6.58 -6.09
C GLY A 45 -8.33 5.65 -6.76
N GLN A 46 -7.15 6.13 -7.18
CA GLN A 46 -6.10 5.26 -7.73
C GLN A 46 -5.48 4.45 -6.59
N TRP A 47 -4.74 3.40 -6.91
CA TRP A 47 -4.07 2.57 -5.94
C TRP A 47 -2.57 2.81 -6.02
N VAL A 48 -1.87 2.57 -4.92
CA VAL A 48 -0.46 2.90 -4.80
C VAL A 48 0.20 1.85 -3.90
N LEU A 49 1.41 1.45 -4.28
CA LEU A 49 2.30 0.64 -3.47
C LEU A 49 3.13 1.59 -2.62
N VAL A 50 3.51 1.20 -1.41
CA VAL A 50 4.30 2.03 -0.51
C VAL A 50 5.53 1.20 -0.14
N HIS A 51 6.70 1.84 0.00
CA HIS A 51 7.95 1.15 0.30
C HIS A 51 8.33 1.36 1.77
N VAL A 52 8.36 2.62 2.23
CA VAL A 52 8.73 3.00 3.59
C VAL A 52 8.13 4.37 3.87
N GLY A 53 6.80 4.44 3.84
CA GLY A 53 6.02 5.67 3.92
C GLY A 53 5.98 6.41 2.59
N PHE A 54 7.09 6.44 1.84
CA PHE A 54 7.11 6.93 0.48
C PHE A 54 6.34 5.96 -0.42
N ALA A 55 5.49 6.50 -1.28
CA ALA A 55 4.85 5.76 -2.35
C ALA A 55 5.96 5.20 -3.25
N MET A 56 5.90 3.91 -3.57
CA MET A 56 6.87 3.25 -4.42
C MET A 56 6.47 3.48 -5.89
N SER A 57 5.24 3.11 -6.25
CA SER A 57 4.70 3.19 -7.60
C SER A 57 3.18 3.27 -7.51
N VAL A 58 2.54 3.95 -8.47
CA VAL A 58 1.09 3.88 -8.64
C VAL A 58 0.82 2.50 -9.28
N ILE A 59 -0.27 1.83 -8.90
CA ILE A 59 -0.57 0.46 -9.30
C ILE A 59 -2.06 0.33 -9.65
N ASN A 60 -2.46 -0.80 -10.22
CA ASN A 60 -3.86 -1.17 -10.42
C ASN A 60 -4.27 -2.19 -9.34
N GLU A 61 -5.57 -2.47 -9.24
CA GLU A 61 -6.11 -3.31 -8.18
C GLU A 61 -5.56 -4.74 -8.22
N ALA A 62 -5.30 -5.29 -9.40
CA ALA A 62 -4.79 -6.66 -9.51
C ALA A 62 -3.41 -6.77 -8.86
N GLU A 63 -2.55 -5.76 -9.04
CA GLU A 63 -1.24 -5.72 -8.40
C GLU A 63 -1.42 -5.58 -6.89
N ALA A 64 -2.37 -4.75 -6.44
CA ALA A 64 -2.62 -4.54 -5.03
C ALA A 64 -3.05 -5.85 -4.37
N ARG A 65 -4.04 -6.55 -4.93
CA ARG A 65 -4.53 -7.80 -4.35
C ARG A 65 -3.42 -8.85 -4.34
N ASP A 66 -2.66 -8.98 -5.44
CA ASP A 66 -1.57 -9.96 -5.52
C ASP A 66 -0.51 -9.68 -4.47
N THR A 67 -0.13 -8.41 -4.30
CA THR A 67 0.86 -8.01 -3.32
C THR A 67 0.34 -8.26 -1.90
N LEU A 68 -0.92 -7.93 -1.59
CA LEU A 68 -1.50 -8.15 -0.28
C LEU A 68 -1.57 -9.64 0.03
N ASP A 69 -1.94 -10.46 -0.94
CA ASP A 69 -2.01 -11.91 -0.77
C ASP A 69 -0.62 -12.48 -0.47
N ALA A 70 0.40 -12.04 -1.22
CA ALA A 70 1.77 -12.46 -1.00
C ALA A 70 2.27 -12.03 0.38
N LEU A 71 2.07 -10.77 0.76
CA LEU A 71 2.53 -10.22 2.03
C LEU A 71 1.90 -10.96 3.21
N GLN A 72 0.62 -11.33 3.12
CA GLN A 72 -0.03 -12.14 4.13
C GLN A 72 0.58 -13.55 4.15
N ASN A 73 0.78 -14.16 2.98
CA ASN A 73 1.29 -15.53 2.88
C ASN A 73 2.75 -15.65 3.34
N MET A 74 3.50 -14.56 3.45
CA MET A 74 4.84 -14.59 4.08
C MET A 74 4.78 -15.08 5.54
N PHE A 75 3.62 -15.05 6.19
CA PHE A 75 3.43 -15.64 7.51
C PHE A 75 3.64 -17.16 7.47
N ASP A 76 3.37 -17.79 6.33
CA ASP A 76 3.61 -19.21 6.07
C ASP A 76 4.92 -19.42 5.29
N VAL A 77 5.74 -18.35 5.18
CA VAL A 77 7.13 -18.34 4.69
C VAL A 77 7.25 -18.54 3.17
N GLU A 78 6.28 -19.15 2.50
CA GLU A 78 6.43 -19.58 1.10
C GLU A 78 6.82 -18.45 0.13
N PRO A 79 6.11 -17.31 0.04
CA PRO A 79 6.51 -16.24 -0.87
C PRO A 79 7.74 -15.46 -0.35
N ASP A 80 8.12 -15.60 0.91
CA ASP A 80 9.34 -14.94 1.42
C ASP A 80 10.57 -15.67 0.88
N VAL A 81 10.62 -17.00 0.99
CA VAL A 81 11.69 -17.77 0.35
C VAL A 81 11.54 -17.73 -1.17
N GLY A 82 10.31 -17.58 -1.69
CA GLY A 82 10.07 -17.34 -3.10
C GLY A 82 10.82 -16.09 -3.55
N ALA A 83 10.57 -14.94 -2.91
CA ALA A 83 11.23 -13.68 -3.25
C ALA A 83 12.76 -13.79 -3.12
N LEU A 84 13.26 -14.52 -2.12
CA LEU A 84 14.69 -14.75 -1.95
C LEU A 84 15.24 -15.53 -3.15
N LEU A 85 14.62 -16.67 -3.48
CA LEU A 85 15.04 -17.53 -4.59
C LEU A 85 14.97 -16.78 -5.92
N TYR A 86 13.91 -16.00 -6.13
CA TYR A 86 13.72 -15.18 -7.32
C TYR A 86 14.71 -14.01 -7.40
N GLY A 87 15.46 -13.72 -6.32
CA GLY A 87 16.44 -12.65 -6.28
C GLY A 87 15.77 -11.27 -6.19
N GLU A 88 14.53 -11.20 -5.71
CA GLU A 88 13.85 -9.93 -5.46
C GLU A 88 14.37 -9.32 -4.15
N GLU A 89 14.77 -10.16 -3.19
CA GLU A 89 15.29 -9.70 -1.89
C GLU A 89 16.70 -9.09 -2.03
N LYS A 90 17.54 -9.62 -2.93
CA LYS A 90 18.91 -9.20 -3.16
C LYS A 90 19.29 -9.62 -4.56
N MET A 1 7.77 6.32 10.20
CA MET A 1 6.75 5.34 9.77
C MET A 1 7.43 4.19 9.03
N CYS A 2 7.12 2.94 9.41
CA CYS A 2 7.55 1.74 8.70
C CYS A 2 6.32 0.85 8.51
N ILE A 3 6.17 0.30 7.31
CA ILE A 3 5.05 -0.52 6.85
C ILE A 3 5.58 -1.38 5.67
N GLY A 4 4.73 -2.13 4.99
CA GLY A 4 5.14 -2.95 3.84
C GLY A 4 3.93 -3.61 3.20
N VAL A 5 2.86 -2.82 2.96
CA VAL A 5 1.56 -3.32 2.55
C VAL A 5 0.98 -2.30 1.54
N PRO A 6 0.29 -2.75 0.47
CA PRO A 6 -0.46 -1.86 -0.40
C PRO A 6 -1.49 -1.01 0.34
N GLY A 7 -2.00 0.01 -0.33
CA GLY A 7 -3.13 0.81 0.11
C GLY A 7 -3.77 1.50 -1.09
N GLN A 8 -4.88 2.20 -0.85
CA GLN A 8 -5.62 2.93 -1.88
C GLN A 8 -5.57 4.41 -1.51
N ILE A 9 -5.33 5.27 -2.49
CA ILE A 9 -5.28 6.71 -2.33
C ILE A 9 -6.73 7.16 -2.08
N ARG A 10 -7.10 7.33 -0.81
CA ARG A 10 -8.49 7.54 -0.40
C ARG A 10 -8.83 9.02 -0.51
N THR A 11 -7.91 9.88 -0.06
CA THR A 11 -7.99 11.32 -0.15
C THR A 11 -6.57 11.88 -0.33
N ILE A 12 -6.45 13.10 -0.85
CA ILE A 12 -5.18 13.77 -1.15
C ILE A 12 -5.24 15.15 -0.48
N ASP A 13 -4.10 15.64 0.00
CA ASP A 13 -4.01 16.90 0.74
C ASP A 13 -3.02 17.89 0.09
N GLY A 14 -2.11 17.40 -0.77
CA GLY A 14 -1.11 18.20 -1.46
C GLY A 14 -0.11 17.23 -2.07
N ASN A 15 1.18 17.43 -1.81
CA ASN A 15 2.25 16.48 -2.14
C ASN A 15 2.14 15.17 -1.34
N GLN A 16 1.12 15.04 -0.49
CA GLN A 16 0.88 13.96 0.44
C GLN A 16 -0.59 13.55 0.31
N ALA A 17 -0.88 12.30 0.65
CA ALA A 17 -2.20 11.71 0.58
C ALA A 17 -2.43 10.83 1.80
N LYS A 18 -3.69 10.64 2.16
CA LYS A 18 -4.08 9.83 3.31
C LYS A 18 -4.48 8.47 2.74
N VAL A 19 -3.48 7.67 2.42
CA VAL A 19 -3.65 6.37 1.80
C VAL A 19 -4.31 5.46 2.84
N ASP A 20 -5.42 4.83 2.47
CA ASP A 20 -6.04 3.79 3.26
C ASP A 20 -5.21 2.52 3.06
N VAL A 21 -4.42 2.16 4.06
CA VAL A 21 -3.54 0.99 4.03
C VAL A 21 -4.40 -0.25 4.36
N CYS A 22 -5.37 -0.52 3.49
CA CYS A 22 -6.28 -1.66 3.55
C CYS A 22 -6.94 -1.84 4.93
N GLY A 23 -7.32 -0.76 5.60
CA GLY A 23 -8.04 -0.81 6.85
C GLY A 23 -8.15 0.56 7.51
N ILE A 24 -7.04 1.29 7.61
CA ILE A 24 -6.95 2.58 8.31
C ILE A 24 -6.11 3.51 7.42
N GLN A 25 -6.46 4.79 7.38
CA GLN A 25 -5.69 5.79 6.64
C GLN A 25 -4.37 6.08 7.35
N ARG A 26 -3.32 6.28 6.56
CA ARG A 26 -2.01 6.77 7.00
C ARG A 26 -1.59 7.85 6.01
N ASP A 27 -0.91 8.90 6.49
CA ASP A 27 -0.35 9.91 5.60
C ASP A 27 0.88 9.33 4.89
N VAL A 28 0.97 9.53 3.58
CA VAL A 28 2.05 9.03 2.74
C VAL A 28 2.42 10.17 1.79
N ASP A 29 3.72 10.47 1.68
CA ASP A 29 4.23 11.46 0.74
C ASP A 29 4.33 10.84 -0.64
N LEU A 30 4.04 11.64 -1.68
CA LEU A 30 3.89 11.17 -3.06
C LEU A 30 4.96 11.72 -4.00
N THR A 31 6.07 12.28 -3.51
CA THR A 31 7.12 12.88 -4.37
C THR A 31 7.56 11.94 -5.50
N LEU A 32 7.64 10.63 -5.22
CA LEU A 32 8.16 9.65 -6.18
C LEU A 32 7.15 9.29 -7.28
N VAL A 33 5.90 9.73 -7.19
CA VAL A 33 4.82 9.32 -8.11
C VAL A 33 3.95 10.49 -8.60
N GLY A 34 3.97 11.63 -7.88
CA GLY A 34 3.09 12.77 -8.11
C GLY A 34 1.68 12.49 -7.61
N SER A 35 1.04 13.49 -7.00
CA SER A 35 -0.34 13.40 -6.54
C SER A 35 -1.34 13.46 -7.70
N CYS A 36 -0.91 13.93 -8.87
CA CYS A 36 -1.70 13.96 -10.09
C CYS A 36 -1.42 12.69 -10.89
N ASP A 37 -2.51 12.08 -11.37
CA ASP A 37 -2.52 11.00 -12.34
C ASP A 37 -1.98 11.50 -13.68
N GLU A 38 -1.51 10.58 -14.51
CA GLU A 38 -1.02 10.83 -15.86
C GLU A 38 -2.05 11.58 -16.72
N ASN A 39 -3.36 11.40 -16.46
CA ASN A 39 -4.42 12.07 -17.21
C ASN A 39 -4.60 13.55 -16.82
N GLY A 40 -4.00 14.01 -15.72
CA GLY A 40 -4.17 15.37 -15.22
C GLY A 40 -5.40 15.49 -14.32
N GLN A 41 -5.53 14.57 -13.36
CA GLN A 41 -6.61 14.47 -12.38
C GLN A 41 -5.98 13.99 -11.06
N PRO A 42 -6.62 14.16 -9.89
CA PRO A 42 -6.09 13.59 -8.65
C PRO A 42 -6.10 12.06 -8.70
N ARG A 43 -5.07 11.40 -8.15
CA ARG A 43 -4.96 9.92 -8.14
C ARG A 43 -5.97 9.22 -7.22
N VAL A 44 -7.02 9.87 -6.73
CA VAL A 44 -7.98 9.26 -5.83
C VAL A 44 -8.54 7.96 -6.45
N GLY A 45 -8.58 6.89 -5.66
CA GLY A 45 -9.05 5.58 -6.07
C GLY A 45 -7.95 4.68 -6.64
N GLN A 46 -6.79 5.23 -7.05
CA GLN A 46 -5.66 4.41 -7.48
C GLN A 46 -5.04 3.73 -6.25
N TRP A 47 -4.26 2.68 -6.48
CA TRP A 47 -3.61 1.92 -5.42
C TRP A 47 -2.11 2.22 -5.46
N VAL A 48 -1.42 1.96 -4.35
CA VAL A 48 -0.04 2.37 -4.17
C VAL A 48 0.64 1.42 -3.19
N LEU A 49 1.94 1.18 -3.41
CA LEU A 49 2.80 0.44 -2.50
C LEU A 49 3.41 1.42 -1.51
N VAL A 50 3.52 1.06 -0.23
CA VAL A 50 4.05 1.93 0.81
C VAL A 50 4.99 1.10 1.68
N HIS A 51 6.09 1.71 2.15
CA HIS A 51 7.08 1.04 3.02
C HIS A 51 7.62 1.97 4.11
N VAL A 52 7.86 3.25 3.80
CA VAL A 52 8.56 4.17 4.72
C VAL A 52 7.82 5.52 4.86
N GLY A 53 6.50 5.51 4.65
CA GLY A 53 5.70 6.74 4.62
C GLY A 53 5.85 7.51 3.30
N PHE A 54 6.37 6.85 2.26
CA PHE A 54 6.46 7.37 0.90
C PHE A 54 5.87 6.32 -0.01
N ALA A 55 5.19 6.75 -1.08
CA ALA A 55 4.72 5.88 -2.15
C ALA A 55 5.93 5.30 -2.87
N MET A 56 6.04 3.98 -2.93
CA MET A 56 7.12 3.32 -3.68
C MET A 56 6.79 3.38 -5.18
N SER A 57 5.56 3.03 -5.54
CA SER A 57 5.02 3.09 -6.90
C SER A 57 3.48 3.00 -6.81
N VAL A 58 2.79 3.64 -7.76
CA VAL A 58 1.35 3.49 -7.95
C VAL A 58 1.14 2.19 -8.74
N ILE A 59 0.05 1.47 -8.45
CA ILE A 59 -0.29 0.18 -9.03
C ILE A 59 -1.80 0.14 -9.33
N ASN A 60 -2.23 -0.79 -10.19
CA ASN A 60 -3.65 -1.02 -10.48
C ASN A 60 -4.26 -1.97 -9.42
N GLU A 61 -5.58 -2.16 -9.49
CA GLU A 61 -6.32 -2.87 -8.46
C GLU A 61 -6.01 -4.38 -8.44
N ALA A 62 -5.68 -4.97 -9.60
CA ALA A 62 -5.31 -6.38 -9.68
C ALA A 62 -3.91 -6.60 -9.10
N GLU A 63 -2.98 -5.68 -9.38
CA GLU A 63 -1.65 -5.70 -8.79
C GLU A 63 -1.74 -5.55 -7.27
N ALA A 64 -2.62 -4.68 -6.78
CA ALA A 64 -2.81 -4.49 -5.35
C ALA A 64 -3.32 -5.78 -4.71
N ARG A 65 -4.36 -6.40 -5.27
CA ARG A 65 -4.92 -7.64 -4.74
C ARG A 65 -3.90 -8.78 -4.80
N ASP A 66 -3.12 -8.88 -5.88
CA ASP A 66 -2.07 -9.90 -6.00
C ASP A 66 -0.99 -9.68 -4.93
N THR A 67 -0.60 -8.44 -4.69
CA THR A 67 0.40 -8.12 -3.67
C THR A 67 -0.16 -8.41 -2.27
N LEU A 68 -1.45 -8.13 -2.02
CA LEU A 68 -2.09 -8.45 -0.73
C LEU A 68 -2.16 -9.96 -0.52
N ASP A 69 -2.42 -10.73 -1.58
CA ASP A 69 -2.42 -12.19 -1.49
C ASP A 69 -1.02 -12.70 -1.16
N ALA A 70 0.02 -12.15 -1.82
CA ALA A 70 1.41 -12.52 -1.55
C ALA A 70 1.80 -12.15 -0.11
N LEU A 71 1.40 -10.97 0.37
CA LEU A 71 1.63 -10.51 1.74
C LEU A 71 1.06 -11.52 2.74
N GLN A 72 -0.15 -12.03 2.46
CA GLN A 72 -0.83 -13.02 3.30
C GLN A 72 -0.32 -14.45 3.08
N ASN A 73 0.75 -14.65 2.30
CA ASN A 73 1.29 -15.99 2.01
C ASN A 73 2.81 -16.06 2.18
N MET A 74 3.53 -14.94 2.31
CA MET A 74 4.98 -14.92 2.47
C MET A 74 5.44 -15.75 3.69
N PHE A 75 4.60 -15.83 4.72
CA PHE A 75 4.84 -16.57 5.96
C PHE A 75 4.35 -18.03 5.88
N ASP A 76 3.98 -18.51 4.69
CA ASP A 76 3.51 -19.88 4.45
C ASP A 76 4.29 -20.55 3.31
N VAL A 77 4.64 -19.80 2.26
CA VAL A 77 5.54 -20.30 1.20
C VAL A 77 6.98 -20.46 1.72
N GLU A 78 7.30 -19.83 2.86
CA GLU A 78 8.56 -19.95 3.59
C GLU A 78 8.20 -20.00 5.09
N PRO A 79 9.06 -20.56 5.95
CA PRO A 79 8.83 -20.56 7.40
C PRO A 79 8.96 -19.15 8.01
N ASP A 80 9.54 -18.19 7.26
CA ASP A 80 9.87 -16.84 7.72
C ASP A 80 10.55 -16.90 9.08
N VAL A 81 10.00 -16.32 10.14
CA VAL A 81 10.55 -16.31 11.49
C VAL A 81 10.81 -17.74 12.02
N GLY A 82 10.06 -18.73 11.55
CA GLY A 82 10.25 -20.15 11.87
C GLY A 82 11.68 -20.63 11.55
N ALA A 83 12.39 -19.98 10.63
CA ALA A 83 13.78 -20.31 10.31
C ALA A 83 14.74 -20.15 11.50
N LEU A 84 14.34 -19.49 12.59
CA LEU A 84 15.12 -19.35 13.81
C LEU A 84 14.26 -19.63 15.05
N LEU A 85 12.95 -19.37 14.99
CA LEU A 85 12.01 -19.64 16.07
C LEU A 85 11.70 -21.13 16.21
N TYR A 86 11.84 -21.91 15.12
CA TYR A 86 11.39 -23.30 15.04
C TYR A 86 12.51 -24.23 14.54
N GLY A 87 13.77 -23.84 14.76
CA GLY A 87 14.95 -24.64 14.49
C GLY A 87 16.19 -23.89 14.95
N GLU A 88 17.35 -24.55 15.00
CA GLU A 88 18.62 -23.87 15.27
C GLU A 88 18.88 -22.87 14.15
N GLU A 89 18.58 -23.28 12.91
CA GLU A 89 18.53 -22.48 11.69
C GLU A 89 17.77 -23.32 10.65
N LYS A 90 17.41 -22.73 9.50
CA LYS A 90 16.84 -23.41 8.35
C LYS A 90 17.40 -22.74 7.10
N MET A 1 8.85 5.97 8.25
CA MET A 1 7.72 5.28 8.92
C MET A 1 7.84 3.76 8.67
N CYS A 2 7.33 2.91 9.57
CA CYS A 2 7.48 1.46 9.47
C CYS A 2 6.70 0.81 8.31
N ILE A 3 5.62 1.46 7.84
CA ILE A 3 4.69 0.89 6.85
C ILE A 3 5.39 0.61 5.52
N GLY A 4 4.94 -0.44 4.82
CA GLY A 4 5.59 -0.94 3.62
C GLY A 4 4.70 -1.98 2.92
N VAL A 5 3.43 -1.64 2.70
CA VAL A 5 2.36 -2.52 2.22
C VAL A 5 1.49 -1.64 1.31
N PRO A 6 0.99 -2.14 0.16
CA PRO A 6 0.17 -1.33 -0.73
C PRO A 6 -1.13 -0.87 -0.06
N GLY A 7 -1.73 0.18 -0.62
CA GLY A 7 -3.05 0.64 -0.23
C GLY A 7 -3.70 1.41 -1.38
N GLN A 8 -5.00 1.68 -1.26
CA GLN A 8 -5.73 2.50 -2.21
C GLN A 8 -5.64 3.94 -1.74
N ILE A 9 -5.53 4.88 -2.67
CA ILE A 9 -5.49 6.32 -2.41
C ILE A 9 -6.93 6.76 -2.04
N ARG A 10 -7.32 6.44 -0.81
CA ARG A 10 -8.64 6.69 -0.24
C ARG A 10 -8.93 8.19 -0.13
N THR A 11 -7.91 8.98 0.23
CA THR A 11 -7.99 10.42 0.37
C THR A 11 -6.60 10.97 0.07
N ILE A 12 -6.51 12.22 -0.40
CA ILE A 12 -5.27 12.92 -0.70
C ILE A 12 -5.15 14.05 0.32
N ASP A 13 -3.91 14.37 0.69
CA ASP A 13 -3.56 15.28 1.80
C ASP A 13 -2.83 16.52 1.31
N GLY A 14 -2.21 16.44 0.12
CA GLY A 14 -1.44 17.51 -0.51
C GLY A 14 -0.47 16.78 -1.43
N ASN A 15 0.84 17.00 -1.24
CA ASN A 15 1.91 16.21 -1.88
C ASN A 15 2.01 14.81 -1.24
N GLN A 16 0.99 14.39 -0.49
CA GLN A 16 0.90 13.18 0.31
C GLN A 16 -0.54 12.67 0.16
N ALA A 17 -0.81 11.46 0.63
CA ALA A 17 -2.13 10.88 0.70
C ALA A 17 -2.27 10.06 1.96
N LYS A 18 -3.50 9.67 2.29
CA LYS A 18 -3.82 8.89 3.48
C LYS A 18 -4.43 7.59 2.96
N VAL A 19 -3.55 6.74 2.41
CA VAL A 19 -3.92 5.56 1.67
C VAL A 19 -4.50 4.52 2.64
N ASP A 20 -5.59 3.85 2.25
CA ASP A 20 -6.17 2.77 3.04
C ASP A 20 -5.44 1.48 2.69
N VAL A 21 -4.67 0.93 3.62
CA VAL A 21 -3.93 -0.32 3.45
C VAL A 21 -4.85 -1.55 3.65
N CYS A 22 -6.09 -1.45 3.15
CA CYS A 22 -7.19 -2.39 3.39
C CYS A 22 -7.36 -2.71 4.88
N GLY A 23 -7.47 -1.68 5.71
CA GLY A 23 -7.77 -1.85 7.13
C GLY A 23 -7.87 -0.52 7.87
N ILE A 24 -6.98 0.42 7.57
CA ILE A 24 -6.96 1.76 8.14
C ILE A 24 -6.24 2.68 7.15
N GLN A 25 -6.51 3.98 7.21
CA GLN A 25 -5.77 4.96 6.42
C GLN A 25 -4.42 5.21 7.08
N ARG A 26 -3.37 5.32 6.27
CA ARG A 26 -2.00 5.59 6.70
C ARG A 26 -1.46 6.73 5.83
N ASP A 27 -0.84 7.73 6.45
CA ASP A 27 -0.27 8.85 5.72
C ASP A 27 1.01 8.40 4.99
N VAL A 28 1.12 8.72 3.70
CA VAL A 28 2.18 8.28 2.80
C VAL A 28 2.52 9.47 1.90
N ASP A 29 3.82 9.74 1.72
CA ASP A 29 4.29 10.74 0.77
C ASP A 29 3.96 10.31 -0.66
N LEU A 30 3.48 11.25 -1.49
CA LEU A 30 3.25 11.02 -2.91
C LEU A 30 4.20 11.85 -3.78
N THR A 31 5.12 12.64 -3.22
CA THR A 31 6.04 13.46 -4.02
C THR A 31 6.82 12.62 -5.03
N LEU A 32 7.13 11.35 -4.72
CA LEU A 32 7.85 10.44 -5.61
C LEU A 32 7.04 10.04 -6.86
N VAL A 33 5.72 10.27 -6.90
CA VAL A 33 4.84 9.84 -7.99
C VAL A 33 3.89 10.96 -8.47
N GLY A 34 3.81 12.07 -7.73
CA GLY A 34 2.83 13.13 -7.91
C GLY A 34 1.47 12.71 -7.37
N SER A 35 0.75 13.61 -6.72
CA SER A 35 -0.63 13.37 -6.26
C SER A 35 -1.65 13.41 -7.40
N CYS A 36 -1.23 13.79 -8.60
CA CYS A 36 -2.07 13.79 -9.80
C CYS A 36 -1.60 12.69 -10.75
N ASP A 37 -2.56 12.13 -11.48
CA ASP A 37 -2.41 11.12 -12.51
C ASP A 37 -1.68 11.70 -13.73
N GLU A 38 -1.32 10.84 -14.68
CA GLU A 38 -0.56 11.19 -15.89
C GLU A 38 -1.27 12.25 -16.76
N ASN A 39 -2.56 12.50 -16.54
CA ASN A 39 -3.38 13.48 -17.26
C ASN A 39 -3.93 14.60 -16.36
N GLY A 40 -3.47 14.68 -15.10
CA GLY A 40 -3.76 15.81 -14.22
C GLY A 40 -4.99 15.62 -13.31
N GLN A 41 -5.72 14.50 -13.42
CA GLN A 41 -6.76 14.15 -12.46
C GLN A 41 -6.10 13.85 -11.10
N PRO A 42 -6.78 14.00 -9.96
CA PRO A 42 -6.25 13.51 -8.69
C PRO A 42 -6.15 11.98 -8.73
N ARG A 43 -5.11 11.38 -8.13
CA ARG A 43 -4.93 9.92 -8.09
C ARG A 43 -5.94 9.19 -7.19
N VAL A 44 -6.99 9.85 -6.71
CA VAL A 44 -7.94 9.25 -5.78
C VAL A 44 -8.52 7.97 -6.41
N GLY A 45 -8.54 6.88 -5.64
CA GLY A 45 -9.03 5.58 -6.08
C GLY A 45 -7.97 4.71 -6.78
N GLN A 46 -6.83 5.28 -7.21
CA GLN A 46 -5.70 4.47 -7.68
C GLN A 46 -5.08 3.73 -6.49
N TRP A 47 -4.17 2.80 -6.75
CA TRP A 47 -3.47 2.06 -5.71
C TRP A 47 -1.97 2.31 -5.83
N VAL A 48 -1.24 2.11 -4.74
CA VAL A 48 0.17 2.49 -4.68
C VAL A 48 0.88 1.56 -3.70
N LEU A 49 2.06 1.08 -4.08
CA LEU A 49 2.97 0.36 -3.20
C LEU A 49 3.53 1.39 -2.22
N VAL A 50 3.78 1.00 -0.97
CA VAL A 50 4.39 1.88 0.02
C VAL A 50 5.73 1.24 0.41
N HIS A 51 6.74 2.08 0.64
CA HIS A 51 8.04 1.68 1.15
C HIS A 51 8.45 2.75 2.16
N VAL A 52 8.63 2.34 3.42
CA VAL A 52 8.97 3.16 4.58
C VAL A 52 8.18 4.48 4.72
N GLY A 53 6.93 4.53 4.22
CA GLY A 53 6.06 5.70 4.31
C GLY A 53 6.03 6.56 3.04
N PHE A 54 6.59 6.10 1.93
CA PHE A 54 6.64 6.82 0.66
C PHE A 54 6.05 5.92 -0.43
N ALA A 55 5.39 6.52 -1.41
CA ALA A 55 4.90 5.83 -2.60
C ALA A 55 6.10 5.24 -3.36
N MET A 56 6.18 3.92 -3.44
CA MET A 56 7.25 3.24 -4.15
C MET A 56 6.94 3.21 -5.66
N SER A 57 5.69 2.92 -6.05
CA SER A 57 5.16 3.02 -7.41
C SER A 57 3.64 2.95 -7.35
N VAL A 58 2.95 3.63 -8.26
CA VAL A 58 1.51 3.49 -8.46
C VAL A 58 1.28 2.17 -9.21
N ILE A 59 0.20 1.45 -8.88
CA ILE A 59 -0.13 0.13 -9.42
C ILE A 59 -1.63 0.05 -9.71
N ASN A 60 -2.04 -0.93 -10.52
CA ASN A 60 -3.45 -1.21 -10.75
C ASN A 60 -4.06 -1.92 -9.53
N GLU A 61 -5.38 -1.96 -9.49
CA GLU A 61 -6.17 -2.64 -8.47
C GLU A 61 -5.80 -4.13 -8.38
N ALA A 62 -5.63 -4.79 -9.53
CA ALA A 62 -5.33 -6.21 -9.59
C ALA A 62 -3.93 -6.49 -9.04
N GLU A 63 -2.97 -5.61 -9.34
CA GLU A 63 -1.60 -5.74 -8.84
C GLU A 63 -1.61 -5.56 -7.31
N ALA A 64 -2.40 -4.61 -6.80
CA ALA A 64 -2.51 -4.39 -5.37
C ALA A 64 -3.08 -5.63 -4.68
N ARG A 65 -4.20 -6.16 -5.18
CA ARG A 65 -4.81 -7.35 -4.60
C ARG A 65 -3.88 -8.55 -4.66
N ASP A 66 -3.16 -8.74 -5.78
CA ASP A 66 -2.19 -9.82 -5.91
C ASP A 66 -1.05 -9.66 -4.90
N THR A 67 -0.54 -8.44 -4.72
CA THR A 67 0.53 -8.16 -3.77
C THR A 67 0.03 -8.40 -2.34
N LEU A 68 -1.20 -8.00 -1.99
CA LEU A 68 -1.76 -8.21 -0.67
C LEU A 68 -1.94 -9.71 -0.41
N ASP A 69 -2.40 -10.48 -1.39
CA ASP A 69 -2.55 -11.93 -1.26
C ASP A 69 -1.19 -12.60 -1.06
N ALA A 70 -0.18 -12.19 -1.84
CA ALA A 70 1.18 -12.69 -1.70
C ALA A 70 1.74 -12.37 -0.32
N LEU A 71 1.56 -11.13 0.16
CA LEU A 71 2.06 -10.70 1.47
C LEU A 71 1.42 -11.51 2.57
N GLN A 72 0.10 -11.72 2.54
CA GLN A 72 -0.59 -12.53 3.56
C GLN A 72 -0.05 -13.97 3.54
N ASN A 73 0.20 -14.54 2.37
CA ASN A 73 0.81 -15.87 2.26
C ASN A 73 2.22 -15.88 2.85
N MET A 74 2.98 -14.80 2.65
CA MET A 74 4.29 -14.53 3.26
C MET A 74 4.14 -14.05 4.71
N PHE A 75 3.11 -14.51 5.44
CA PHE A 75 2.80 -14.21 6.84
C PHE A 75 2.88 -12.72 7.19
N ASP A 76 2.54 -11.87 6.22
CA ASP A 76 2.63 -10.40 6.25
C ASP A 76 3.98 -9.88 6.77
N VAL A 77 5.04 -10.70 6.60
CA VAL A 77 6.40 -10.45 7.07
C VAL A 77 6.44 -10.18 8.60
N GLU A 78 5.43 -10.64 9.36
CA GLU A 78 5.33 -10.49 10.80
C GLU A 78 4.76 -11.80 11.37
N PRO A 79 5.55 -12.89 11.38
CA PRO A 79 5.05 -14.23 11.68
C PRO A 79 4.49 -14.36 13.10
N ASP A 80 4.89 -13.47 14.02
CA ASP A 80 4.38 -13.39 15.39
C ASP A 80 2.85 -13.23 15.45
N VAL A 81 2.24 -12.71 14.38
CA VAL A 81 0.79 -12.67 14.21
C VAL A 81 0.38 -13.37 12.92
N GLY A 82 1.19 -13.29 11.86
CA GLY A 82 0.89 -13.88 10.56
C GLY A 82 0.69 -15.39 10.63
N ALA A 83 1.40 -16.10 11.50
CA ALA A 83 1.23 -17.55 11.67
C ALA A 83 -0.18 -17.91 12.14
N LEU A 84 -0.87 -17.01 12.85
CA LEU A 84 -2.23 -17.22 13.32
C LEU A 84 -3.23 -16.62 12.32
N LEU A 85 -2.97 -15.41 11.83
CA LEU A 85 -3.89 -14.70 10.95
C LEU A 85 -4.02 -15.36 9.58
N TYR A 86 -2.92 -15.91 9.06
CA TYR A 86 -2.83 -16.39 7.68
C TYR A 86 -2.16 -17.77 7.58
N GLY A 87 -1.38 -18.15 8.60
CA GLY A 87 -0.69 -19.44 8.69
C GLY A 87 -1.60 -20.53 9.28
N GLU A 88 -0.98 -21.49 9.95
CA GLU A 88 -1.60 -22.73 10.41
C GLU A 88 -1.53 -22.89 11.93
N GLU A 89 -1.16 -21.83 12.66
CA GLU A 89 -1.23 -21.81 14.13
C GLU A 89 -2.71 -21.79 14.60
N LYS A 90 -3.62 -21.33 13.73
CA LYS A 90 -5.06 -21.32 13.98
C LYS A 90 -5.54 -22.76 14.24
N MET A 1 8.55 3.73 12.20
CA MET A 1 8.91 2.33 11.88
C MET A 1 8.57 2.02 10.42
N CYS A 2 9.53 1.45 9.67
CA CYS A 2 9.32 1.06 8.28
C CYS A 2 8.23 -0.01 8.16
N ILE A 3 7.59 -0.06 7.00
CA ILE A 3 6.60 -1.05 6.59
C ILE A 3 6.98 -1.48 5.15
N GLY A 4 6.10 -2.20 4.44
CA GLY A 4 6.38 -2.69 3.10
C GLY A 4 5.16 -3.43 2.58
N VAL A 5 4.07 -2.69 2.35
CA VAL A 5 2.76 -3.26 2.07
C VAL A 5 1.99 -2.31 1.13
N PRO A 6 1.08 -2.81 0.26
CA PRO A 6 0.17 -1.97 -0.51
C PRO A 6 -0.85 -1.25 0.40
N GLY A 7 -1.56 -0.28 -0.17
CA GLY A 7 -2.72 0.39 0.41
C GLY A 7 -3.44 1.16 -0.71
N GLN A 8 -4.60 1.74 -0.42
CA GLN A 8 -5.43 2.45 -1.40
C GLN A 8 -5.53 3.91 -0.99
N ILE A 9 -5.25 4.82 -1.94
CA ILE A 9 -5.27 6.25 -1.73
C ILE A 9 -6.72 6.66 -1.55
N ARG A 10 -7.04 7.39 -0.47
CA ARG A 10 -8.42 7.67 -0.06
C ARG A 10 -8.71 9.16 0.00
N THR A 11 -7.72 10.00 0.30
CA THR A 11 -7.90 11.46 0.42
C THR A 11 -6.58 12.10 0.00
N ILE A 12 -6.58 13.35 -0.47
CA ILE A 12 -5.37 14.04 -0.94
C ILE A 12 -5.38 15.42 -0.28
N ASP A 13 -4.31 15.76 0.43
CA ASP A 13 -4.09 17.09 0.99
C ASP A 13 -3.41 17.99 -0.04
N GLY A 14 -2.56 17.42 -0.90
CA GLY A 14 -1.84 18.11 -1.95
C GLY A 14 -0.73 17.18 -2.42
N ASN A 15 0.53 17.56 -2.19
CA ASN A 15 1.71 16.73 -2.43
C ASN A 15 1.78 15.50 -1.50
N GLN A 16 0.82 15.34 -0.58
CA GLN A 16 0.71 14.22 0.34
C GLN A 16 -0.76 13.79 0.35
N ALA A 17 -1.01 12.52 0.71
CA ALA A 17 -2.31 11.89 0.61
C ALA A 17 -2.50 10.91 1.77
N LYS A 18 -3.76 10.70 2.17
CA LYS A 18 -4.10 9.71 3.18
C LYS A 18 -4.39 8.41 2.45
N VAL A 19 -3.84 7.32 2.94
CA VAL A 19 -3.90 6.01 2.31
C VAL A 19 -4.42 5.04 3.36
N ASP A 20 -5.43 4.25 3.01
CA ASP A 20 -5.85 3.15 3.86
C ASP A 20 -4.91 1.99 3.54
N VAL A 21 -4.05 1.67 4.50
CA VAL A 21 -3.09 0.58 4.41
C VAL A 21 -3.82 -0.70 4.84
N CYS A 22 -4.82 -1.08 4.03
CA CYS A 22 -5.57 -2.34 4.12
C CYS A 22 -6.17 -2.66 5.50
N GLY A 23 -6.51 -1.65 6.31
CA GLY A 23 -7.11 -1.88 7.62
C GLY A 23 -6.96 -0.71 8.57
N ILE A 24 -5.95 0.15 8.37
CA ILE A 24 -5.75 1.37 9.14
C ILE A 24 -5.15 2.42 8.20
N GLN A 25 -5.45 3.69 8.45
CA GLN A 25 -5.01 4.77 7.57
C GLN A 25 -3.64 5.27 7.99
N ARG A 26 -2.87 5.75 7.02
CA ARG A 26 -1.61 6.47 7.24
C ARG A 26 -1.54 7.64 6.25
N ASP A 27 -0.87 8.71 6.65
CA ASP A 27 -0.52 9.80 5.75
C ASP A 27 0.74 9.37 4.98
N VAL A 28 0.80 9.64 3.68
CA VAL A 28 1.86 9.19 2.79
C VAL A 28 2.25 10.37 1.90
N ASP A 29 3.55 10.63 1.79
CA ASP A 29 4.09 11.65 0.89
C ASP A 29 4.12 11.13 -0.54
N LEU A 30 3.76 11.95 -1.52
CA LEU A 30 3.56 11.53 -2.92
C LEU A 30 4.58 12.18 -3.87
N THR A 31 5.63 12.85 -3.38
CA THR A 31 6.62 13.53 -4.22
C THR A 31 7.21 12.60 -5.30
N LEU A 32 7.37 11.31 -4.97
CA LEU A 32 7.98 10.32 -5.85
C LEU A 32 7.07 9.91 -7.02
N VAL A 33 5.77 10.25 -7.01
CA VAL A 33 4.78 9.73 -7.96
C VAL A 33 3.84 10.81 -8.49
N GLY A 34 3.69 11.95 -7.81
CA GLY A 34 2.78 13.03 -8.18
C GLY A 34 1.36 12.75 -7.69
N SER A 35 0.65 13.82 -7.33
CA SER A 35 -0.70 13.81 -6.77
C SER A 35 -1.79 13.51 -7.82
N CYS A 36 -1.44 13.42 -9.10
CA CYS A 36 -2.28 12.99 -10.19
C CYS A 36 -1.49 12.03 -11.07
N ASP A 37 -2.20 11.18 -11.81
CA ASP A 37 -1.68 10.34 -12.87
C ASP A 37 -1.17 11.20 -14.04
N GLU A 38 -0.38 10.60 -14.94
CA GLU A 38 0.13 11.23 -16.15
C GLU A 38 -1.00 11.85 -17.00
N ASN A 39 -2.16 11.18 -17.08
CA ASN A 39 -3.31 11.64 -17.84
C ASN A 39 -4.21 12.57 -17.01
N GLY A 40 -3.75 13.03 -15.85
CA GLY A 40 -4.43 14.00 -15.00
C GLY A 40 -5.50 13.38 -14.11
N GLN A 41 -5.62 12.05 -14.07
CA GLN A 41 -6.59 11.35 -13.22
C GLN A 41 -6.19 11.57 -11.75
N PRO A 42 -7.14 11.91 -10.85
CA PRO A 42 -6.85 11.95 -9.42
C PRO A 42 -6.26 10.63 -8.93
N ARG A 43 -5.32 10.70 -7.97
CA ARG A 43 -4.74 9.50 -7.36
C ARG A 43 -5.73 8.75 -6.46
N VAL A 44 -6.84 9.37 -6.02
CA VAL A 44 -7.83 8.69 -5.18
C VAL A 44 -8.31 7.42 -5.89
N GLY A 45 -8.39 6.31 -5.15
CA GLY A 45 -8.83 5.01 -5.65
C GLY A 45 -7.70 4.19 -6.25
N GLN A 46 -6.60 4.82 -6.67
CA GLN A 46 -5.40 4.09 -7.10
C GLN A 46 -4.75 3.48 -5.85
N TRP A 47 -3.91 2.47 -6.06
CA TRP A 47 -3.23 1.78 -4.99
C TRP A 47 -1.76 2.17 -5.01
N VAL A 48 -1.09 2.01 -3.87
CA VAL A 48 0.25 2.53 -3.65
C VAL A 48 0.99 1.56 -2.72
N LEU A 49 2.26 1.32 -3.00
CA LEU A 49 3.15 0.60 -2.09
C LEU A 49 3.65 1.64 -1.10
N VAL A 50 3.61 1.32 0.19
CA VAL A 50 4.05 2.22 1.25
C VAL A 50 5.16 1.49 2.00
N HIS A 51 6.25 2.21 2.30
CA HIS A 51 7.47 1.61 2.82
C HIS A 51 8.05 2.46 3.96
N VAL A 52 8.17 3.77 3.77
CA VAL A 52 8.82 4.68 4.73
C VAL A 52 8.00 5.97 4.91
N GLY A 53 6.68 5.90 4.71
CA GLY A 53 5.79 7.06 4.72
C GLY A 53 5.82 7.84 3.40
N PHE A 54 6.36 7.23 2.33
CA PHE A 54 6.38 7.78 0.98
C PHE A 54 5.78 6.72 0.07
N ALA A 55 5.11 7.17 -0.99
CA ALA A 55 4.60 6.33 -2.06
C ALA A 55 5.79 5.74 -2.81
N MET A 56 6.08 4.46 -2.59
CA MET A 56 7.20 3.78 -3.22
C MET A 56 6.91 3.60 -4.72
N SER A 57 5.71 3.13 -5.07
CA SER A 57 5.20 2.99 -6.42
C SER A 57 3.67 3.11 -6.36
N VAL A 58 3.01 3.43 -7.47
CA VAL A 58 1.55 3.48 -7.60
C VAL A 58 1.14 2.50 -8.69
N ILE A 59 0.04 1.77 -8.47
CA ILE A 59 -0.44 0.66 -9.28
C ILE A 59 -1.97 0.70 -9.39
N ASN A 60 -2.50 -0.01 -10.39
CA ASN A 60 -3.94 -0.23 -10.55
C ASN A 60 -4.43 -1.27 -9.52
N GLU A 61 -5.77 -1.39 -9.39
CA GLU A 61 -6.37 -2.24 -8.36
C GLU A 61 -6.02 -3.71 -8.54
N ALA A 62 -6.04 -4.22 -9.77
CA ALA A 62 -5.84 -5.64 -10.02
C ALA A 62 -4.42 -6.06 -9.65
N GLU A 63 -3.42 -5.23 -9.99
CA GLU A 63 -2.05 -5.44 -9.57
C GLU A 63 -1.94 -5.38 -8.05
N ALA A 64 -2.70 -4.51 -7.37
CA ALA A 64 -2.69 -4.46 -5.91
C ALA A 64 -3.30 -5.73 -5.31
N ARG A 65 -4.39 -6.26 -5.87
CA ARG A 65 -5.00 -7.48 -5.35
C ARG A 65 -4.04 -8.66 -5.56
N ASP A 66 -3.35 -8.71 -6.70
CA ASP A 66 -2.32 -9.72 -6.96
C ASP A 66 -1.18 -9.58 -5.96
N THR A 67 -0.73 -8.35 -5.67
CA THR A 67 0.31 -8.08 -4.68
C THR A 67 -0.14 -8.54 -3.28
N LEU A 68 -1.41 -8.31 -2.92
CA LEU A 68 -1.96 -8.74 -1.64
C LEU A 68 -1.96 -10.26 -1.53
N ASP A 69 -2.27 -11.00 -2.59
CA ASP A 69 -2.19 -12.46 -2.57
C ASP A 69 -0.73 -12.92 -2.47
N ALA A 70 0.16 -12.29 -3.26
CA ALA A 70 1.58 -12.59 -3.28
C ALA A 70 2.23 -12.36 -1.91
N LEU A 71 1.73 -11.40 -1.14
CA LEU A 71 2.18 -11.14 0.22
C LEU A 71 1.56 -12.16 1.18
N GLN A 72 0.22 -12.22 1.26
CA GLN A 72 -0.49 -12.97 2.29
C GLN A 72 -0.09 -14.45 2.33
N ASN A 73 0.09 -15.10 1.17
CA ASN A 73 0.43 -16.52 1.13
C ASN A 73 1.77 -16.87 1.79
N MET A 74 2.61 -15.89 2.15
CA MET A 74 3.86 -16.08 2.87
C MET A 74 4.01 -15.13 4.08
N PHE A 75 2.92 -14.46 4.49
CA PHE A 75 2.95 -13.41 5.50
C PHE A 75 1.77 -13.53 6.48
N ASP A 76 0.55 -13.75 5.97
CA ASP A 76 -0.62 -14.00 6.83
C ASP A 76 -0.48 -15.34 7.57
N VAL A 77 0.20 -16.30 6.93
CA VAL A 77 0.58 -17.58 7.49
C VAL A 77 1.70 -17.47 8.54
N GLU A 78 2.24 -16.26 8.79
CA GLU A 78 3.28 -15.99 9.78
C GLU A 78 2.83 -14.78 10.61
N PRO A 79 1.78 -14.91 11.44
CA PRO A 79 1.14 -13.78 12.10
C PRO A 79 2.07 -13.04 13.09
N ASP A 80 3.14 -13.68 13.57
CA ASP A 80 4.17 -13.00 14.35
C ASP A 80 4.93 -11.97 13.49
N VAL A 81 5.25 -12.32 12.24
CA VAL A 81 5.86 -11.40 11.29
C VAL A 81 4.82 -10.34 10.89
N GLY A 82 3.55 -10.72 10.80
CA GLY A 82 2.44 -9.78 10.62
C GLY A 82 2.44 -8.71 11.72
N ALA A 83 2.45 -9.13 12.98
CA ALA A 83 2.46 -8.21 14.13
C ALA A 83 3.72 -7.35 14.15
N LEU A 84 4.87 -7.92 13.78
CA LEU A 84 6.13 -7.18 13.73
C LEU A 84 6.06 -6.09 12.67
N LEU A 85 5.79 -6.45 11.41
CA LEU A 85 5.91 -5.53 10.29
C LEU A 85 4.64 -4.71 10.13
N TYR A 86 3.50 -5.36 9.81
CA TYR A 86 2.25 -4.65 9.55
C TYR A 86 1.70 -4.05 10.83
N GLY A 87 1.83 -4.76 11.96
CA GLY A 87 1.42 -4.29 13.26
C GLY A 87 2.40 -3.27 13.86
N GLU A 88 3.54 -3.00 13.21
CA GLU A 88 4.58 -2.08 13.67
C GLU A 88 4.97 -2.38 15.12
N GLU A 89 5.18 -3.66 15.41
CA GLU A 89 5.56 -4.25 16.71
C GLU A 89 4.46 -4.12 17.78
N LYS A 90 3.26 -3.65 17.41
CA LYS A 90 2.08 -3.45 18.24
C LYS A 90 2.46 -2.83 19.59
N MET A 1 9.86 2.35 13.68
CA MET A 1 8.60 2.29 12.92
C MET A 1 8.89 2.36 11.42
N CYS A 2 8.24 1.50 10.62
CA CYS A 2 8.36 1.45 9.17
C CYS A 2 7.04 0.93 8.57
N ILE A 3 6.93 0.96 7.24
CA ILE A 3 5.78 0.45 6.50
C ILE A 3 6.30 -0.01 5.12
N GLY A 4 5.64 -1.01 4.53
CA GLY A 4 6.03 -1.65 3.28
C GLY A 4 4.87 -2.48 2.76
N VAL A 5 3.69 -1.87 2.59
CA VAL A 5 2.43 -2.57 2.31
C VAL A 5 1.63 -1.77 1.25
N PRO A 6 0.92 -2.42 0.32
CA PRO A 6 -0.03 -1.74 -0.57
C PRO A 6 -1.10 -0.97 0.22
N GLY A 7 -1.68 0.06 -0.40
CA GLY A 7 -2.85 0.76 0.10
C GLY A 7 -3.48 1.60 -1.02
N GLN A 8 -4.67 2.15 -0.76
CA GLN A 8 -5.46 2.86 -1.77
C GLN A 8 -5.59 4.33 -1.34
N ILE A 9 -5.20 5.26 -2.21
CA ILE A 9 -5.29 6.69 -1.94
C ILE A 9 -6.77 7.03 -1.78
N ARG A 10 -7.14 7.72 -0.70
CA ARG A 10 -8.53 8.06 -0.39
C ARG A 10 -8.77 9.56 -0.44
N THR A 11 -7.80 10.39 -0.07
CA THR A 11 -7.85 11.84 -0.21
C THR A 11 -6.42 12.35 -0.43
N ILE A 12 -6.27 13.53 -1.04
CA ILE A 12 -5.00 14.17 -1.35
C ILE A 12 -5.13 15.63 -0.88
N ASP A 13 -4.04 16.19 -0.35
CA ASP A 13 -4.01 17.54 0.20
C ASP A 13 -2.94 18.42 -0.49
N GLY A 14 -1.97 17.80 -1.18
CA GLY A 14 -0.89 18.47 -1.88
C GLY A 14 0.14 17.41 -2.23
N ASN A 15 1.40 17.63 -1.87
CA ASN A 15 2.44 16.59 -1.95
C ASN A 15 2.14 15.41 -1.02
N GLN A 16 1.16 15.52 -0.12
CA GLN A 16 0.78 14.48 0.82
C GLN A 16 -0.67 14.08 0.60
N ALA A 17 -0.99 12.87 1.07
CA ALA A 17 -2.26 12.19 0.86
C ALA A 17 -2.53 11.26 2.04
N LYS A 18 -3.77 10.76 2.11
CA LYS A 18 -4.16 9.73 3.07
C LYS A 18 -4.43 8.48 2.25
N VAL A 19 -3.89 7.35 2.68
CA VAL A 19 -3.95 6.09 1.96
C VAL A 19 -4.51 5.08 2.95
N ASP A 20 -5.60 4.41 2.59
CA ASP A 20 -6.12 3.30 3.38
C ASP A 20 -5.21 2.10 3.18
N VAL A 21 -4.47 1.72 4.22
CA VAL A 21 -3.60 0.56 4.23
C VAL A 21 -4.45 -0.63 4.72
N CYS A 22 -5.48 -0.94 3.92
CA CYS A 22 -6.39 -2.07 4.08
C CYS A 22 -6.94 -2.24 5.51
N GLY A 23 -7.33 -1.14 6.16
CA GLY A 23 -7.96 -1.19 7.48
C GLY A 23 -8.04 0.15 8.17
N ILE A 24 -7.08 1.05 7.92
CA ILE A 24 -7.06 2.40 8.48
C ILE A 24 -6.29 3.29 7.50
N GLN A 25 -6.62 4.58 7.50
CA GLN A 25 -5.91 5.58 6.73
C GLN A 25 -4.57 5.86 7.39
N ARG A 26 -3.51 5.98 6.60
CA ARG A 26 -2.19 6.45 7.03
C ARG A 26 -1.82 7.65 6.18
N ASP A 27 -1.06 8.59 6.77
CA ASP A 27 -0.49 9.73 6.06
C ASP A 27 0.66 9.24 5.18
N VAL A 28 0.72 9.70 3.93
CA VAL A 28 1.71 9.29 2.94
C VAL A 28 2.14 10.54 2.13
N ASP A 29 3.31 10.51 1.52
CA ASP A 29 3.81 11.52 0.59
C ASP A 29 3.90 10.92 -0.81
N LEU A 30 3.58 11.72 -1.83
CA LEU A 30 3.41 11.25 -3.21
C LEU A 30 4.49 11.80 -4.15
N THR A 31 5.53 12.48 -3.66
CA THR A 31 6.51 13.14 -4.54
C THR A 31 7.20 12.18 -5.52
N LEU A 32 7.34 10.90 -5.15
CA LEU A 32 7.96 9.87 -6.00
C LEU A 32 7.11 9.51 -7.21
N VAL A 33 5.81 9.85 -7.22
CA VAL A 33 4.84 9.45 -8.25
C VAL A 33 4.04 10.64 -8.80
N GLY A 34 4.10 11.80 -8.14
CA GLY A 34 3.27 12.96 -8.41
C GLY A 34 1.87 12.74 -7.83
N SER A 35 1.26 13.78 -7.28
CA SER A 35 -0.06 13.70 -6.66
C SER A 35 -1.19 13.58 -7.70
N CYS A 36 -0.90 13.77 -8.99
CA CYS A 36 -1.86 13.64 -10.07
C CYS A 36 -1.36 12.58 -11.06
N ASP A 37 -2.31 11.86 -11.63
CA ASP A 37 -2.11 10.92 -12.71
C ASP A 37 -1.76 11.66 -14.00
N GLU A 38 -1.10 10.97 -14.94
CA GLU A 38 -0.73 11.48 -16.25
C GLU A 38 -1.94 12.10 -16.99
N ASN A 39 -3.12 11.53 -16.79
CA ASN A 39 -4.36 11.97 -17.44
C ASN A 39 -4.85 13.33 -16.89
N GLY A 40 -4.26 13.86 -15.82
CA GLY A 40 -4.50 15.22 -15.35
C GLY A 40 -5.50 15.31 -14.20
N GLN A 41 -5.66 14.24 -13.40
CA GLN A 41 -6.59 14.18 -12.27
C GLN A 41 -5.78 13.75 -11.02
N PRO A 42 -6.16 14.18 -9.80
CA PRO A 42 -5.57 13.66 -8.57
C PRO A 42 -5.64 12.13 -8.53
N ARG A 43 -4.62 11.47 -7.96
CA ARG A 43 -4.52 10.00 -7.90
C ARG A 43 -5.51 9.33 -6.95
N VAL A 44 -6.60 9.99 -6.55
CA VAL A 44 -7.60 9.41 -5.66
C VAL A 44 -8.12 8.10 -6.26
N GLY A 45 -8.26 7.06 -5.43
CA GLY A 45 -8.72 5.74 -5.83
C GLY A 45 -7.62 4.85 -6.40
N GLN A 46 -6.45 5.38 -6.77
CA GLN A 46 -5.34 4.55 -7.25
C GLN A 46 -4.71 3.84 -6.06
N TRP A 47 -4.11 2.67 -6.31
CA TRP A 47 -3.36 1.93 -5.31
C TRP A 47 -1.88 2.28 -5.45
N VAL A 48 -1.16 2.22 -4.34
CA VAL A 48 0.25 2.54 -4.25
C VAL A 48 0.91 1.58 -3.28
N LEU A 49 2.21 1.33 -3.46
CA LEU A 49 3.02 0.61 -2.49
C LEU A 49 3.48 1.67 -1.49
N VAL A 50 2.93 1.68 -0.27
CA VAL A 50 3.40 2.58 0.76
C VAL A 50 4.69 1.98 1.30
N HIS A 51 5.80 2.70 1.22
CA HIS A 51 7.12 2.28 1.69
C HIS A 51 7.71 3.46 2.45
N VAL A 52 8.01 3.26 3.73
CA VAL A 52 8.63 4.26 4.63
C VAL A 52 7.88 5.62 4.57
N GLY A 53 6.55 5.60 4.37
CA GLY A 53 5.71 6.80 4.37
C GLY A 53 5.62 7.49 3.00
N PHE A 54 6.16 6.89 1.94
CA PHE A 54 6.07 7.42 0.57
C PHE A 54 5.37 6.40 -0.30
N ALA A 55 4.59 6.87 -1.29
CA ALA A 55 4.05 6.02 -2.33
C ALA A 55 5.21 5.72 -3.28
N MET A 56 5.77 4.51 -3.23
CA MET A 56 6.96 4.15 -4.01
C MET A 56 6.62 4.10 -5.50
N SER A 57 5.51 3.45 -5.85
CA SER A 57 5.01 3.25 -7.20
C SER A 57 3.49 3.13 -7.14
N VAL A 58 2.82 3.24 -8.29
CA VAL A 58 1.36 3.18 -8.42
C VAL A 58 1.02 1.88 -9.17
N ILE A 59 -0.07 1.20 -8.76
CA ILE A 59 -0.49 -0.09 -9.29
C ILE A 59 -2.02 -0.14 -9.43
N ASN A 60 -2.51 -1.14 -10.17
CA ASN A 60 -3.93 -1.42 -10.34
C ASN A 60 -4.47 -2.19 -9.12
N GLU A 61 -5.79 -2.26 -8.98
CA GLU A 61 -6.42 -2.95 -7.85
C GLU A 61 -6.12 -4.45 -7.86
N ALA A 62 -5.98 -5.05 -9.06
CA ALA A 62 -5.66 -6.48 -9.19
C ALA A 62 -4.23 -6.74 -8.72
N GLU A 63 -3.29 -5.86 -9.09
CA GLU A 63 -1.89 -5.97 -8.69
C GLU A 63 -1.78 -5.78 -7.17
N ALA A 64 -2.57 -4.85 -6.60
CA ALA A 64 -2.58 -4.62 -5.17
C ALA A 64 -3.07 -5.86 -4.44
N ARG A 65 -4.19 -6.45 -4.86
CA ARG A 65 -4.73 -7.64 -4.23
C ARG A 65 -3.77 -8.82 -4.36
N ASP A 66 -3.11 -8.97 -5.51
CA ASP A 66 -2.10 -10.01 -5.70
C ASP A 66 -0.93 -9.80 -4.73
N THR A 67 -0.46 -8.56 -4.58
CA THR A 67 0.64 -8.24 -3.68
C THR A 67 0.22 -8.47 -2.21
N LEU A 68 -1.01 -8.10 -1.84
CA LEU A 68 -1.54 -8.28 -0.49
C LEU A 68 -1.62 -9.76 -0.14
N ASP A 69 -1.93 -10.64 -1.10
CA ASP A 69 -1.84 -12.08 -0.87
C ASP A 69 -0.38 -12.48 -0.76
N ALA A 70 0.48 -12.07 -1.70
CA ALA A 70 1.86 -12.54 -1.81
C ALA A 70 2.65 -12.25 -0.54
N LEU A 71 2.46 -11.08 0.07
CA LEU A 71 3.16 -10.69 1.29
C LEU A 71 2.71 -11.49 2.53
N GLN A 72 1.63 -12.26 2.43
CA GLN A 72 1.09 -13.12 3.49
C GLN A 72 1.19 -14.61 3.13
N ASN A 73 1.35 -14.93 1.83
CA ASN A 73 1.26 -16.27 1.28
C ASN A 73 2.21 -17.26 1.95
N MET A 74 3.37 -16.80 2.42
CA MET A 74 4.35 -17.62 3.13
C MET A 74 3.78 -18.27 4.40
N PHE A 75 2.69 -17.73 4.98
CA PHE A 75 2.01 -18.34 6.11
C PHE A 75 1.46 -19.73 5.76
N ASP A 76 1.24 -20.03 4.47
CA ASP A 76 0.84 -21.37 4.00
C ASP A 76 1.84 -22.46 4.38
N VAL A 77 3.11 -22.10 4.64
CA VAL A 77 4.16 -23.03 5.04
C VAL A 77 4.00 -23.41 6.54
N GLU A 78 3.33 -22.58 7.35
CA GLU A 78 3.11 -22.86 8.77
C GLU A 78 2.08 -24.00 8.90
N PRO A 79 2.14 -24.83 9.97
CA PRO A 79 1.23 -25.96 10.14
C PRO A 79 -0.21 -25.52 10.46
N ASP A 80 -0.42 -24.26 10.88
CA ASP A 80 -1.72 -23.76 11.32
C ASP A 80 -2.81 -23.90 10.26
N VAL A 81 -2.47 -23.69 8.98
CA VAL A 81 -3.43 -23.80 7.88
C VAL A 81 -3.94 -25.24 7.72
N GLY A 82 -3.25 -26.24 8.27
CA GLY A 82 -3.70 -27.63 8.28
C GLY A 82 -5.07 -27.78 8.94
N ALA A 83 -5.39 -26.96 9.93
CA ALA A 83 -6.69 -26.98 10.60
C ALA A 83 -7.84 -26.62 9.65
N LEU A 84 -7.56 -25.85 8.59
CA LEU A 84 -8.52 -25.53 7.54
C LEU A 84 -8.44 -26.55 6.41
N LEU A 85 -7.22 -26.87 5.95
CA LEU A 85 -7.01 -27.70 4.77
C LEU A 85 -7.44 -29.15 5.03
N TYR A 86 -7.04 -29.74 6.15
CA TYR A 86 -7.28 -31.15 6.49
C TYR A 86 -8.19 -31.28 7.71
N GLY A 87 -8.22 -30.27 8.58
CA GLY A 87 -9.13 -30.19 9.71
C GLY A 87 -10.51 -29.72 9.28
N GLU A 88 -11.30 -29.26 10.26
CA GLU A 88 -12.72 -28.97 10.11
C GLU A 88 -13.02 -27.50 10.43
N GLU A 89 -12.02 -26.61 10.37
CA GLU A 89 -12.23 -25.15 10.46
C GLU A 89 -12.90 -24.59 9.17
N LYS A 90 -13.18 -25.46 8.18
CA LYS A 90 -13.92 -25.16 6.96
C LYS A 90 -15.23 -24.45 7.30
N MET A 1 10.19 0.38 10.84
CA MET A 1 9.49 0.11 9.55
C MET A 1 7.97 0.16 9.79
N CYS A 2 7.36 1.35 9.66
CA CYS A 2 5.94 1.54 9.97
C CYS A 2 5.04 0.86 8.93
N ILE A 3 5.40 0.98 7.64
CA ILE A 3 4.65 0.49 6.48
C ILE A 3 5.67 0.05 5.44
N GLY A 4 5.28 -0.86 4.56
CA GLY A 4 6.10 -1.46 3.51
C GLY A 4 5.23 -2.45 2.72
N VAL A 5 4.00 -2.02 2.40
CA VAL A 5 2.93 -2.87 1.86
C VAL A 5 2.06 -2.06 0.88
N PRO A 6 1.18 -2.70 0.10
CA PRO A 6 0.16 -2.02 -0.69
C PRO A 6 -0.76 -1.13 0.14
N GLY A 7 -1.45 -0.22 -0.55
CA GLY A 7 -2.52 0.61 -0.03
C GLY A 7 -3.29 1.26 -1.18
N GLN A 8 -4.36 1.99 -0.88
CA GLN A 8 -5.12 2.76 -1.85
C GLN A 8 -5.00 4.23 -1.50
N ILE A 9 -4.80 5.10 -2.49
CA ILE A 9 -4.78 6.56 -2.35
C ILE A 9 -6.23 7.00 -2.12
N ARG A 10 -6.78 6.70 -0.94
CA ARG A 10 -8.21 6.84 -0.64
C ARG A 10 -8.62 8.31 -0.57
N THR A 11 -7.74 9.20 -0.13
CA THR A 11 -7.94 10.65 -0.11
C THR A 11 -6.60 11.33 -0.36
N ILE A 12 -6.59 12.56 -0.87
CA ILE A 12 -5.39 13.35 -1.13
C ILE A 12 -5.62 14.72 -0.45
N ASP A 13 -4.56 15.33 0.05
CA ASP A 13 -4.60 16.66 0.69
C ASP A 13 -3.75 17.68 -0.09
N GLY A 14 -2.73 17.21 -0.79
CA GLY A 14 -1.85 18.02 -1.63
C GLY A 14 -0.66 17.15 -2.01
N ASN A 15 0.55 17.61 -1.69
CA ASN A 15 1.77 16.80 -1.79
C ASN A 15 1.73 15.58 -0.86
N GLN A 16 0.92 15.64 0.21
CA GLN A 16 0.61 14.51 1.06
C GLN A 16 -0.75 13.93 0.66
N ALA A 17 -0.95 12.65 0.96
CA ALA A 17 -2.20 11.93 0.78
C ALA A 17 -2.44 11.00 1.96
N LYS A 18 -3.68 10.55 2.13
CA LYS A 18 -4.11 9.73 3.25
C LYS A 18 -4.39 8.34 2.66
N VAL A 19 -3.32 7.60 2.40
CA VAL A 19 -3.38 6.28 1.79
C VAL A 19 -3.98 5.33 2.83
N ASP A 20 -5.02 4.58 2.47
CA ASP A 20 -5.52 3.48 3.28
C ASP A 20 -4.52 2.35 3.10
N VAL A 21 -3.72 2.08 4.13
CA VAL A 21 -2.69 1.04 4.12
C VAL A 21 -3.37 -0.30 4.47
N CYS A 22 -4.37 -0.66 3.67
CA CYS A 22 -5.19 -1.85 3.76
C CYS A 22 -5.68 -2.14 5.19
N GLY A 23 -6.16 -1.12 5.91
CA GLY A 23 -6.73 -1.30 7.24
C GLY A 23 -7.06 0.03 7.91
N ILE A 24 -6.22 1.04 7.74
CA ILE A 24 -6.44 2.39 8.26
C ILE A 24 -5.69 3.37 7.35
N GLN A 25 -6.17 4.61 7.28
CA GLN A 25 -5.48 5.66 6.54
C GLN A 25 -4.24 6.10 7.30
N ARG A 26 -3.15 6.31 6.57
CA ARG A 26 -1.89 6.87 7.06
C ARG A 26 -1.54 8.03 6.14
N ASP A 27 -0.94 9.09 6.69
CA ASP A 27 -0.44 10.20 5.90
C ASP A 27 0.85 9.77 5.19
N VAL A 28 0.96 10.00 3.88
CA VAL A 28 2.03 9.51 3.02
C VAL A 28 2.40 10.63 2.05
N ASP A 29 3.70 10.79 1.81
CA ASP A 29 4.29 11.72 0.86
C ASP A 29 4.22 11.12 -0.55
N LEU A 30 3.73 11.87 -1.53
CA LEU A 30 3.54 11.40 -2.91
C LEU A 30 4.59 11.94 -3.89
N THR A 31 5.63 12.66 -3.45
CA THR A 31 6.55 13.36 -4.34
C THR A 31 7.21 12.43 -5.38
N LEU A 32 7.44 11.16 -5.03
CA LEU A 32 8.08 10.19 -5.92
C LEU A 32 7.18 9.77 -7.09
N VAL A 33 5.88 10.06 -7.04
CA VAL A 33 4.89 9.61 -8.04
C VAL A 33 3.98 10.75 -8.54
N GLY A 34 3.96 11.89 -7.83
CA GLY A 34 3.07 13.01 -8.09
C GLY A 34 1.66 12.70 -7.58
N SER A 35 0.97 13.71 -7.05
CA SER A 35 -0.40 13.56 -6.56
C SER A 35 -1.44 13.50 -7.68
N CYS A 36 -1.03 13.74 -8.94
CA CYS A 36 -1.91 13.69 -10.09
C CYS A 36 -1.48 12.56 -11.02
N ASP A 37 -2.48 11.87 -11.55
CA ASP A 37 -2.39 10.86 -12.58
C ASP A 37 -2.16 11.54 -13.94
N GLU A 38 -1.57 10.80 -14.89
CA GLU A 38 -1.15 11.29 -16.20
C GLU A 38 -2.31 11.91 -17.01
N ASN A 39 -3.57 11.50 -16.76
CA ASN A 39 -4.73 12.05 -17.46
C ASN A 39 -5.06 13.48 -17.02
N GLY A 40 -4.38 14.02 -15.99
CA GLY A 40 -4.63 15.36 -15.49
C GLY A 40 -5.77 15.35 -14.47
N GLN A 41 -5.73 14.41 -13.53
CA GLN A 41 -6.73 14.21 -12.48
C GLN A 41 -5.98 13.81 -11.20
N PRO A 42 -6.51 14.06 -9.99
CA PRO A 42 -5.87 13.60 -8.76
C PRO A 42 -5.93 12.07 -8.69
N ARG A 43 -4.93 11.41 -8.10
CA ARG A 43 -4.80 9.95 -8.05
C ARG A 43 -5.84 9.25 -7.13
N VAL A 44 -6.92 9.91 -6.75
CA VAL A 44 -7.89 9.36 -5.79
C VAL A 44 -8.39 8.02 -6.31
N GLY A 45 -8.28 6.98 -5.48
CA GLY A 45 -8.76 5.63 -5.76
C GLY A 45 -7.72 4.73 -6.41
N GLN A 46 -6.59 5.26 -6.91
CA GLN A 46 -5.51 4.44 -7.43
C GLN A 46 -4.86 3.68 -6.28
N TRP A 47 -4.24 2.53 -6.57
CA TRP A 47 -3.51 1.75 -5.58
C TRP A 47 -2.04 2.11 -5.66
N VAL A 48 -1.30 1.81 -4.60
CA VAL A 48 0.06 2.28 -4.42
C VAL A 48 0.80 1.32 -3.49
N LEU A 49 2.12 1.29 -3.58
CA LEU A 49 3.00 0.62 -2.63
C LEU A 49 3.56 1.73 -1.74
N VAL A 50 3.54 1.56 -0.43
CA VAL A 50 4.02 2.59 0.49
C VAL A 50 5.03 1.99 1.45
N HIS A 51 6.10 2.73 1.74
CA HIS A 51 7.21 2.28 2.57
C HIS A 51 7.68 3.46 3.41
N VAL A 52 7.87 3.24 4.71
CA VAL A 52 8.20 4.22 5.77
C VAL A 52 7.14 5.33 5.91
N GLY A 53 6.91 6.11 4.86
CA GLY A 53 5.95 7.21 4.79
C GLY A 53 5.86 7.79 3.38
N PHE A 54 6.29 7.06 2.34
CA PHE A 54 6.40 7.55 0.97
C PHE A 54 5.75 6.54 0.04
N ALA A 55 5.07 7.03 -0.99
CA ALA A 55 4.59 6.21 -2.09
C ALA A 55 5.79 5.83 -2.95
N MET A 56 6.00 4.53 -3.16
CA MET A 56 7.13 4.02 -3.91
C MET A 56 6.75 3.88 -5.39
N SER A 57 5.60 3.24 -5.67
CA SER A 57 5.09 3.04 -7.03
C SER A 57 3.56 3.01 -6.96
N VAL A 58 2.90 3.62 -7.95
CA VAL A 58 1.46 3.49 -8.15
C VAL A 58 1.25 2.17 -8.90
N ILE A 59 0.18 1.44 -8.58
CA ILE A 59 -0.11 0.10 -9.09
C ILE A 59 -1.61 -0.03 -9.39
N ASN A 60 -1.99 -1.03 -10.19
CA ASN A 60 -3.40 -1.31 -10.47
C ASN A 60 -4.04 -2.08 -9.31
N GLU A 61 -5.36 -2.09 -9.29
CA GLU A 61 -6.20 -2.81 -8.35
C GLU A 61 -5.88 -4.31 -8.32
N ALA A 62 -5.61 -4.90 -9.50
CA ALA A 62 -5.41 -6.34 -9.63
C ALA A 62 -4.08 -6.75 -9.01
N GLU A 63 -2.99 -6.05 -9.36
CA GLU A 63 -1.67 -6.40 -8.87
C GLU A 63 -1.54 -6.03 -7.38
N ALA A 64 -2.28 -5.01 -6.90
CA ALA A 64 -2.36 -4.71 -5.48
C ALA A 64 -2.93 -5.91 -4.73
N ARG A 65 -4.09 -6.43 -5.17
CA ARG A 65 -4.73 -7.57 -4.54
C ARG A 65 -3.86 -8.82 -4.66
N ASP A 66 -3.18 -9.02 -5.78
CA ASP A 66 -2.24 -10.14 -5.94
C ASP A 66 -1.08 -10.03 -4.95
N THR A 67 -0.56 -8.82 -4.73
CA THR A 67 0.50 -8.58 -3.76
C THR A 67 -0.01 -8.86 -2.33
N LEU A 68 -1.24 -8.46 -2.01
CA LEU A 68 -1.83 -8.74 -0.70
C LEU A 68 -2.03 -10.24 -0.51
N ASP A 69 -2.44 -10.96 -1.56
CA ASP A 69 -2.60 -12.41 -1.51
C ASP A 69 -1.26 -13.10 -1.30
N ALA A 70 -0.19 -12.62 -1.94
CA ALA A 70 1.16 -13.12 -1.74
C ALA A 70 1.60 -12.88 -0.29
N LEU A 71 1.43 -11.65 0.21
CA LEU A 71 1.81 -11.25 1.56
C LEU A 71 1.07 -12.05 2.64
N GLN A 72 -0.06 -12.67 2.30
CA GLN A 72 -0.77 -13.56 3.21
C GLN A 72 -0.32 -15.01 2.99
N ASN A 73 -0.60 -15.60 1.83
CA ASN A 73 -0.41 -17.04 1.63
C ASN A 73 1.05 -17.49 1.72
N MET A 74 2.02 -16.65 1.38
CA MET A 74 3.43 -17.02 1.45
C MET A 74 3.98 -16.95 2.88
N PHE A 75 3.19 -16.51 3.86
CA PHE A 75 3.64 -16.24 5.23
C PHE A 75 2.72 -16.87 6.28
N ASP A 76 1.44 -17.13 5.93
CA ASP A 76 0.48 -17.87 6.76
C ASP A 76 0.94 -19.29 7.08
N VAL A 77 1.91 -19.80 6.33
CA VAL A 77 2.61 -21.05 6.59
C VAL A 77 3.36 -21.04 7.95
N GLU A 78 3.49 -19.88 8.60
CA GLU A 78 4.12 -19.72 9.92
C GLU A 78 3.20 -18.86 10.79
N PRO A 79 3.26 -19.01 12.13
CA PRO A 79 2.38 -18.28 13.05
C PRO A 79 2.71 -16.79 13.19
N ASP A 80 3.81 -16.31 12.59
CA ASP A 80 4.28 -14.94 12.73
C ASP A 80 3.22 -13.91 12.30
N VAL A 81 2.51 -14.16 11.19
CA VAL A 81 1.44 -13.28 10.76
C VAL A 81 0.21 -13.40 11.68
N GLY A 82 -0.01 -14.57 12.28
CA GLY A 82 -1.06 -14.76 13.27
C GLY A 82 -0.80 -13.86 14.47
N ALA A 83 0.45 -13.83 14.96
CA ALA A 83 0.90 -12.98 16.06
C ALA A 83 0.95 -11.49 15.69
N LEU A 84 0.76 -11.13 14.42
CA LEU A 84 0.68 -9.72 13.99
C LEU A 84 -0.78 -9.32 13.84
N LEU A 85 -1.62 -10.18 13.27
CA LEU A 85 -3.05 -9.92 13.08
C LEU A 85 -3.76 -9.89 14.44
N TYR A 86 -3.36 -10.79 15.32
CA TYR A 86 -3.96 -11.06 16.62
C TYR A 86 -2.85 -11.60 17.52
N GLY A 87 -3.19 -12.30 18.61
CA GLY A 87 -2.25 -13.06 19.42
C GLY A 87 -1.44 -12.17 20.36
N GLU A 88 -0.57 -11.33 19.78
CA GLU A 88 0.35 -10.44 20.48
C GLU A 88 0.42 -9.06 19.80
N GLU A 89 -0.01 -8.94 18.53
CA GLU A 89 0.17 -7.75 17.69
C GLU A 89 1.61 -7.22 17.78
N LYS A 90 2.56 -8.06 17.34
CA LYS A 90 4.00 -7.76 17.39
C LYS A 90 4.30 -6.38 16.80
N MET A 1 11.99 -3.54 5.09
CA MET A 1 10.96 -2.54 4.74
C MET A 1 9.78 -2.66 5.71
N CYS A 2 9.50 -1.61 6.48
CA CYS A 2 8.27 -1.52 7.28
C CYS A 2 7.08 -1.23 6.37
N ILE A 3 5.87 -1.61 6.82
CA ILE A 3 4.58 -1.36 6.17
C ILE A 3 4.61 -1.53 4.65
N GLY A 4 5.24 -2.62 4.18
CA GLY A 4 5.38 -2.96 2.78
C GLY A 4 4.08 -3.60 2.26
N VAL A 5 3.01 -2.82 2.16
CA VAL A 5 1.65 -3.31 1.89
C VAL A 5 0.99 -2.33 0.91
N PRO A 6 0.23 -2.80 -0.10
CA PRO A 6 -0.54 -1.92 -0.98
C PRO A 6 -1.81 -1.39 -0.29
N GLY A 7 -2.45 -0.41 -0.92
CA GLY A 7 -3.73 0.14 -0.50
C GLY A 7 -4.27 1.09 -1.56
N GLN A 8 -5.40 1.75 -1.27
CA GLN A 8 -6.08 2.63 -2.21
C GLN A 8 -6.07 4.05 -1.66
N ILE A 9 -5.67 5.04 -2.47
CA ILE A 9 -5.63 6.44 -2.07
C ILE A 9 -7.08 6.89 -1.85
N ARG A 10 -7.42 7.38 -0.66
CA ARG A 10 -8.76 7.89 -0.36
C ARG A 10 -8.76 9.38 0.05
N THR A 11 -7.59 9.98 0.29
CA THR A 11 -7.47 11.43 0.52
C THR A 11 -6.06 11.84 0.07
N ILE A 12 -5.89 13.10 -0.36
CA ILE A 12 -4.60 13.71 -0.69
C ILE A 12 -4.60 15.08 0.00
N ASP A 13 -3.46 15.49 0.57
CA ASP A 13 -3.31 16.71 1.36
C ASP A 13 -2.52 17.80 0.63
N GLY A 14 -1.67 17.41 -0.32
CA GLY A 14 -0.92 18.32 -1.18
C GLY A 14 0.09 17.54 -2.02
N ASN A 15 1.04 16.88 -1.34
CA ASN A 15 1.96 15.90 -1.93
C ASN A 15 2.25 14.77 -0.93
N GLN A 16 1.27 14.54 -0.06
CA GLN A 16 1.18 13.41 0.85
C GLN A 16 -0.29 12.99 0.78
N ALA A 17 -0.58 11.74 1.12
CA ALA A 17 -1.89 11.14 0.92
C ALA A 17 -2.20 10.19 2.06
N LYS A 18 -3.47 9.78 2.16
CA LYS A 18 -3.95 8.89 3.19
C LYS A 18 -4.44 7.62 2.49
N VAL A 19 -3.49 6.72 2.22
CA VAL A 19 -3.79 5.44 1.60
C VAL A 19 -4.56 4.60 2.62
N ASP A 20 -5.67 4.01 2.21
CA ASP A 20 -6.39 3.02 2.99
C ASP A 20 -5.71 1.68 2.75
N VAL A 21 -5.03 1.17 3.78
CA VAL A 21 -4.24 -0.06 3.71
C VAL A 21 -5.19 -1.23 3.98
N CYS A 22 -6.18 -1.39 3.10
CA CYS A 22 -7.21 -2.43 3.11
C CYS A 22 -7.88 -2.59 4.50
N GLY A 23 -8.17 -1.47 5.18
CA GLY A 23 -8.92 -1.48 6.42
C GLY A 23 -8.95 -0.10 7.08
N ILE A 24 -7.79 0.55 7.22
CA ILE A 24 -7.60 1.80 7.95
C ILE A 24 -6.66 2.68 7.11
N GLN A 25 -6.87 3.99 7.13
CA GLN A 25 -5.99 4.94 6.44
C GLN A 25 -4.67 5.09 7.19
N ARG A 26 -3.58 5.29 6.43
CA ARG A 26 -2.25 5.67 6.93
C ARG A 26 -1.74 6.80 6.05
N ASP A 27 -1.09 7.80 6.66
CA ASP A 27 -0.43 8.88 5.93
C ASP A 27 0.83 8.34 5.24
N VAL A 28 1.05 8.73 3.98
CA VAL A 28 2.22 8.38 3.18
C VAL A 28 2.61 9.58 2.31
N ASP A 29 3.88 9.64 1.92
CA ASP A 29 4.45 10.73 1.14
C ASP A 29 4.51 10.35 -0.34
N LEU A 30 4.23 11.30 -1.24
CA LEU A 30 4.03 11.06 -2.68
C LEU A 30 5.09 11.78 -3.52
N THR A 31 6.20 12.25 -2.95
CA THR A 31 7.29 12.88 -3.71
C THR A 31 7.77 12.00 -4.87
N LEU A 32 7.75 10.67 -4.69
CA LEU A 32 8.29 9.70 -5.65
C LEU A 32 7.35 9.47 -6.84
N VAL A 33 6.08 9.93 -6.79
CA VAL A 33 5.07 9.59 -7.81
C VAL A 33 4.24 10.79 -8.27
N GLY A 34 4.26 11.91 -7.54
CA GLY A 34 3.46 13.09 -7.84
C GLY A 34 2.01 12.90 -7.38
N SER A 35 1.37 13.99 -7.01
CA SER A 35 0.02 14.00 -6.42
C SER A 35 -1.08 13.74 -7.46
N CYS A 36 -0.75 13.83 -8.74
CA CYS A 36 -1.72 13.79 -9.84
C CYS A 36 -1.32 12.71 -10.84
N ASP A 37 -2.35 12.07 -11.37
CA ASP A 37 -2.30 11.14 -12.49
C ASP A 37 -2.01 11.90 -13.78
N GLU A 38 -1.44 11.21 -14.77
CA GLU A 38 -1.00 11.78 -16.05
C GLU A 38 -2.15 12.47 -16.81
N ASN A 39 -3.40 12.06 -16.58
CA ASN A 39 -4.58 12.71 -17.16
C ASN A 39 -4.74 14.17 -16.71
N GLY A 40 -4.15 14.57 -15.59
CA GLY A 40 -4.32 15.89 -15.00
C GLY A 40 -5.47 15.88 -13.98
N GLN A 41 -5.46 14.89 -13.09
CA GLN A 41 -6.47 14.68 -12.04
C GLN A 41 -5.73 14.19 -10.79
N PRO A 42 -6.21 14.44 -9.56
CA PRO A 42 -5.57 13.91 -8.36
C PRO A 42 -5.68 12.38 -8.34
N ARG A 43 -4.70 11.68 -7.76
CA ARG A 43 -4.64 10.22 -7.72
C ARG A 43 -5.69 9.55 -6.81
N VAL A 44 -6.75 10.25 -6.40
CA VAL A 44 -7.76 9.69 -5.51
C VAL A 44 -8.40 8.50 -6.24
N GLY A 45 -8.55 7.38 -5.53
CA GLY A 45 -9.11 6.14 -6.04
C GLY A 45 -8.05 5.23 -6.69
N GLN A 46 -6.86 5.73 -7.01
CA GLN A 46 -5.79 4.87 -7.53
C GLN A 46 -5.26 3.99 -6.40
N TRP A 47 -4.81 2.79 -6.76
CA TRP A 47 -4.09 1.95 -5.83
C TRP A 47 -2.62 2.35 -5.84
N VAL A 48 -1.94 2.13 -4.72
CA VAL A 48 -0.55 2.48 -4.55
C VAL A 48 0.08 1.42 -3.64
N LEU A 49 1.29 1.01 -4.00
CA LEU A 49 2.15 0.18 -3.19
C LEU A 49 2.97 1.15 -2.34
N VAL A 50 3.02 0.94 -1.02
CA VAL A 50 3.78 1.80 -0.13
C VAL A 50 4.74 0.95 0.67
N HIS A 51 5.87 1.53 1.08
CA HIS A 51 6.83 0.97 2.02
C HIS A 51 7.32 2.16 2.84
N VAL A 52 7.67 1.97 4.11
CA VAL A 52 8.32 2.94 4.99
C VAL A 52 7.74 4.37 4.95
N GLY A 53 6.45 4.51 4.64
CA GLY A 53 5.74 5.79 4.64
C GLY A 53 5.83 6.54 3.30
N PHE A 54 6.26 5.89 2.21
CA PHE A 54 6.38 6.51 0.89
C PHE A 54 5.66 5.64 -0.14
N ALA A 55 5.04 6.29 -1.13
CA ALA A 55 4.51 5.64 -2.32
C ALA A 55 5.67 5.12 -3.15
N MET A 56 5.82 3.80 -3.25
CA MET A 56 6.92 3.18 -3.99
C MET A 56 6.54 2.94 -5.44
N SER A 57 5.28 2.58 -5.74
CA SER A 57 4.77 2.54 -7.10
C SER A 57 3.26 2.72 -7.09
N VAL A 58 2.69 3.40 -8.08
CA VAL A 58 1.25 3.43 -8.29
C VAL A 58 0.90 2.11 -8.98
N ILE A 59 -0.21 1.48 -8.61
CA ILE A 59 -0.61 0.16 -9.09
C ILE A 59 -2.10 0.17 -9.47
N ASN A 60 -2.67 -0.98 -9.84
CA ASN A 60 -4.08 -1.13 -10.20
C ASN A 60 -4.65 -2.32 -9.43
N GLU A 61 -5.95 -2.59 -9.57
CA GLU A 61 -6.72 -3.56 -8.81
C GLU A 61 -6.05 -4.93 -8.85
N ALA A 62 -5.67 -5.37 -10.05
CA ALA A 62 -5.13 -6.70 -10.28
C ALA A 62 -3.76 -6.85 -9.64
N GLU A 63 -2.92 -5.82 -9.77
CA GLU A 63 -1.60 -5.79 -9.17
C GLU A 63 -1.73 -5.77 -7.64
N ALA A 64 -2.73 -5.05 -7.11
CA ALA A 64 -3.00 -5.04 -5.68
C ALA A 64 -3.40 -6.44 -5.21
N ARG A 65 -4.27 -7.15 -5.92
CA ARG A 65 -4.65 -8.51 -5.50
C ARG A 65 -3.45 -9.44 -5.54
N ASP A 66 -2.60 -9.37 -6.58
CA ASP A 66 -1.41 -10.20 -6.69
C ASP A 66 -0.44 -9.91 -5.54
N THR A 67 -0.25 -8.62 -5.21
CA THR A 67 0.64 -8.21 -4.13
C THR A 67 0.04 -8.63 -2.77
N LEU A 68 -1.28 -8.56 -2.59
CA LEU A 68 -1.94 -9.01 -1.36
C LEU A 68 -1.81 -10.53 -1.20
N ASP A 69 -1.82 -11.29 -2.30
CA ASP A 69 -1.59 -12.74 -2.24
C ASP A 69 -0.16 -13.06 -1.80
N ALA A 70 0.82 -12.26 -2.23
CA ALA A 70 2.17 -12.35 -1.71
C ALA A 70 2.19 -11.98 -0.22
N LEU A 71 1.52 -10.88 0.15
CA LEU A 71 1.49 -10.37 1.52
C LEU A 71 0.93 -11.42 2.47
N GLN A 72 -0.15 -12.11 2.13
CA GLN A 72 -0.74 -13.13 3.01
C GLN A 72 0.13 -14.39 3.20
N ASN A 73 1.37 -14.41 2.68
CA ASN A 73 2.37 -15.44 2.97
C ASN A 73 3.75 -14.80 3.21
N MET A 74 3.82 -13.47 3.39
CA MET A 74 5.04 -12.69 3.60
C MET A 74 4.89 -11.69 4.74
N PHE A 75 3.68 -11.48 5.29
CA PHE A 75 3.47 -10.70 6.51
C PHE A 75 4.27 -11.25 7.71
N ASP A 76 4.72 -12.51 7.63
CA ASP A 76 5.67 -13.14 8.55
C ASP A 76 6.98 -12.34 8.69
N VAL A 77 7.29 -11.49 7.71
CA VAL A 77 8.53 -10.72 7.62
C VAL A 77 8.26 -9.24 7.94
N GLU A 78 6.99 -8.80 8.01
CA GLU A 78 6.67 -7.39 8.23
C GLU A 78 6.88 -7.05 9.72
N PRO A 79 7.72 -6.06 10.05
CA PRO A 79 8.00 -5.71 11.44
C PRO A 79 6.84 -4.98 12.12
N ASP A 80 5.87 -4.48 11.36
CA ASP A 80 4.65 -3.85 11.86
C ASP A 80 3.68 -4.93 12.35
N VAL A 81 4.05 -5.58 13.45
CA VAL A 81 3.40 -6.71 14.15
C VAL A 81 3.03 -7.93 13.29
N GLY A 82 3.18 -7.92 11.97
CA GLY A 82 2.93 -9.09 11.13
C GLY A 82 3.81 -10.26 11.54
N ALA A 83 5.08 -9.99 11.82
CA ALA A 83 6.04 -10.98 12.31
C ALA A 83 5.58 -11.65 13.60
N LEU A 84 4.83 -10.96 14.46
CA LEU A 84 4.24 -11.53 15.66
C LEU A 84 2.99 -12.32 15.29
N LEU A 85 2.01 -11.63 14.69
CA LEU A 85 0.66 -12.13 14.44
C LEU A 85 0.64 -13.36 13.53
N TYR A 86 1.65 -13.51 12.67
CA TYR A 86 1.69 -14.53 11.63
C TYR A 86 3.02 -15.30 11.66
N GLY A 87 3.74 -15.27 12.79
CA GLY A 87 4.99 -16.00 12.93
C GLY A 87 5.28 -16.35 14.39
N GLU A 88 5.67 -15.36 15.20
CA GLU A 88 6.16 -15.59 16.55
C GLU A 88 5.05 -16.08 17.50
N GLU A 89 3.79 -15.75 17.20
CA GLU A 89 2.61 -16.15 17.95
C GLU A 89 1.54 -16.61 16.95
N LYS A 90 1.89 -17.60 16.12
CA LYS A 90 1.02 -18.23 15.13
C LYS A 90 1.31 -19.72 15.16
N MET A 1 11.03 0.15 12.22
CA MET A 1 9.57 0.02 11.96
C MET A 1 9.26 0.46 10.53
N CYS A 2 8.79 -0.47 9.71
CA CYS A 2 8.30 -0.26 8.34
C CYS A 2 7.06 -1.17 8.17
N ILE A 3 6.37 -1.08 7.03
CA ILE A 3 5.32 -2.02 6.66
C ILE A 3 5.60 -2.52 5.23
N GLY A 4 4.68 -3.26 4.62
CA GLY A 4 4.85 -3.80 3.28
C GLY A 4 3.50 -4.25 2.75
N VAL A 5 2.56 -3.30 2.63
CA VAL A 5 1.16 -3.55 2.34
C VAL A 5 0.70 -2.46 1.36
N PRO A 6 -0.08 -2.79 0.31
CA PRO A 6 -0.64 -1.79 -0.58
C PRO A 6 -1.78 -1.01 0.10
N GLY A 7 -2.28 0.01 -0.59
CA GLY A 7 -3.46 0.76 -0.19
C GLY A 7 -4.14 1.38 -1.41
N GLN A 8 -5.20 2.13 -1.15
CA GLN A 8 -5.90 2.92 -2.15
C GLN A 8 -5.77 4.38 -1.77
N ILE A 9 -5.61 5.26 -2.75
CA ILE A 9 -5.50 6.70 -2.56
C ILE A 9 -6.91 7.21 -2.24
N ARG A 10 -7.26 7.14 -0.95
CA ARG A 10 -8.61 7.43 -0.45
C ARG A 10 -8.88 8.93 -0.52
N THR A 11 -7.85 9.74 -0.25
CA THR A 11 -7.92 11.18 -0.17
C THR A 11 -6.51 11.72 -0.40
N ILE A 12 -6.39 12.87 -1.07
CA ILE A 12 -5.13 13.58 -1.31
C ILE A 12 -5.19 14.85 -0.44
N ASP A 13 -4.02 15.31 0.01
CA ASP A 13 -3.88 16.36 1.02
C ASP A 13 -2.84 17.42 0.61
N GLY A 14 -2.21 17.26 -0.56
CA GLY A 14 -1.23 18.18 -1.12
C GLY A 14 -0.23 17.34 -1.91
N ASN A 15 1.07 17.51 -1.63
CA ASN A 15 2.13 16.62 -2.13
C ASN A 15 2.09 15.25 -1.40
N GLN A 16 1.01 14.97 -0.66
CA GLN A 16 0.84 13.86 0.26
C GLN A 16 -0.59 13.36 0.09
N ALA A 17 -0.84 12.14 0.56
CA ALA A 17 -2.16 11.52 0.55
C ALA A 17 -2.32 10.69 1.81
N LYS A 18 -3.55 10.50 2.25
CA LYS A 18 -3.88 9.70 3.43
C LYS A 18 -4.46 8.39 2.89
N VAL A 19 -3.59 7.58 2.29
CA VAL A 19 -3.98 6.39 1.57
C VAL A 19 -4.48 5.36 2.57
N ASP A 20 -5.56 4.66 2.24
CA ASP A 20 -6.11 3.58 3.05
C ASP A 20 -5.29 2.33 2.76
N VAL A 21 -4.39 1.97 3.67
CA VAL A 21 -3.49 0.82 3.57
C VAL A 21 -4.28 -0.45 3.91
N CYS A 22 -5.30 -0.73 3.08
CA CYS A 22 -6.22 -1.86 3.17
C CYS A 22 -6.72 -2.14 4.60
N GLY A 23 -7.07 -1.09 5.36
CA GLY A 23 -7.61 -1.24 6.71
C GLY A 23 -7.66 0.05 7.51
N ILE A 24 -6.70 0.95 7.31
CA ILE A 24 -6.65 2.25 8.00
C ILE A 24 -5.95 3.26 7.09
N GLN A 25 -6.33 4.53 7.19
CA GLN A 25 -5.70 5.61 6.45
C GLN A 25 -4.36 5.95 7.11
N ARG A 26 -3.32 6.12 6.29
CA ARG A 26 -1.96 6.47 6.73
C ARG A 26 -1.41 7.52 5.78
N ASP A 27 -0.75 8.55 6.32
CA ASP A 27 -0.12 9.59 5.51
C ASP A 27 1.08 9.01 4.76
N VAL A 28 1.23 9.38 3.49
CA VAL A 28 2.40 9.12 2.67
C VAL A 28 2.67 10.35 1.81
N ASP A 29 3.94 10.64 1.55
CA ASP A 29 4.34 11.66 0.58
C ASP A 29 4.35 11.04 -0.82
N LEU A 30 3.98 11.83 -1.82
CA LEU A 30 3.73 11.35 -3.18
C LEU A 30 4.78 11.82 -4.18
N THR A 31 5.92 12.40 -3.79
CA THR A 31 6.94 12.90 -4.72
C THR A 31 7.37 11.85 -5.75
N LEU A 32 7.36 10.56 -5.38
CA LEU A 32 7.78 9.47 -6.26
C LEU A 32 6.81 9.23 -7.44
N VAL A 33 5.58 9.77 -7.40
CA VAL A 33 4.53 9.50 -8.38
C VAL A 33 3.77 10.77 -8.82
N GLY A 34 3.85 11.86 -8.03
CA GLY A 34 3.03 13.05 -8.20
C GLY A 34 1.60 12.80 -7.72
N SER A 35 0.94 13.85 -7.22
CA SER A 35 -0.44 13.76 -6.73
C SER A 35 -1.47 13.68 -7.87
N CYS A 36 -1.04 13.79 -9.13
CA CYS A 36 -1.89 13.69 -10.31
C CYS A 36 -1.34 12.64 -11.27
N ASP A 37 -2.23 12.13 -12.13
CA ASP A 37 -2.02 11.00 -13.02
C ASP A 37 -0.80 11.17 -13.93
N GLU A 38 -0.74 12.29 -14.65
CA GLU A 38 0.28 12.72 -15.59
C GLU A 38 -0.20 14.05 -16.19
N ASN A 39 -1.47 14.07 -16.64
CA ASN A 39 -2.09 15.21 -17.29
C ASN A 39 -2.54 16.26 -16.26
N GLY A 40 -3.09 15.80 -15.13
CA GLY A 40 -3.58 16.67 -14.06
C GLY A 40 -4.79 16.12 -13.30
N GLN A 41 -5.20 14.88 -13.56
CA GLN A 41 -6.31 14.25 -12.83
C GLN A 41 -5.78 13.82 -11.46
N PRO A 42 -6.36 14.25 -10.33
CA PRO A 42 -5.95 13.76 -9.01
C PRO A 42 -5.97 12.23 -8.94
N ARG A 43 -4.97 11.62 -8.31
CA ARG A 43 -4.86 10.15 -8.22
C ARG A 43 -5.91 9.48 -7.32
N VAL A 44 -6.90 10.21 -6.79
CA VAL A 44 -7.92 9.65 -5.90
C VAL A 44 -8.54 8.40 -6.57
N GLY A 45 -8.59 7.29 -5.85
CA GLY A 45 -9.18 6.04 -6.29
C GLY A 45 -8.15 5.07 -6.88
N GLN A 46 -6.97 5.54 -7.30
CA GLN A 46 -5.89 4.66 -7.75
C GLN A 46 -5.35 3.87 -6.54
N TRP A 47 -4.61 2.79 -6.80
CA TRP A 47 -4.00 1.97 -5.75
C TRP A 47 -2.51 2.27 -5.71
N VAL A 48 -1.85 1.90 -4.62
CA VAL A 48 -0.48 2.30 -4.33
C VAL A 48 0.19 1.24 -3.46
N LEU A 49 1.49 1.06 -3.62
CA LEU A 49 2.33 0.26 -2.73
C LEU A 49 2.86 1.17 -1.64
N VAL A 50 2.94 0.69 -0.40
CA VAL A 50 3.48 1.44 0.73
C VAL A 50 4.46 0.53 1.45
N HIS A 51 5.51 1.12 2.04
CA HIS A 51 6.57 0.42 2.75
C HIS A 51 7.09 1.32 3.87
N VAL A 52 7.30 2.59 3.55
CA VAL A 52 7.63 3.69 4.46
C VAL A 52 6.62 4.81 4.18
N GLY A 53 6.84 6.02 4.70
CA GLY A 53 5.95 7.17 4.55
C GLY A 53 5.91 7.77 3.15
N PHE A 54 5.99 6.96 2.09
CA PHE A 54 5.98 7.37 0.70
C PHE A 54 5.13 6.41 -0.11
N ALA A 55 4.47 6.93 -1.15
CA ALA A 55 3.80 6.14 -2.16
C ALA A 55 4.91 5.52 -3.02
N MET A 56 5.19 4.23 -2.84
CA MET A 56 6.37 3.61 -3.45
C MET A 56 6.21 3.53 -4.96
N SER A 57 5.04 3.11 -5.44
CA SER A 57 4.61 3.17 -6.85
C SER A 57 3.09 3.02 -6.86
N VAL A 58 2.42 3.56 -7.88
CA VAL A 58 1.00 3.31 -8.11
C VAL A 58 0.82 1.91 -8.70
N ILE A 59 -0.31 1.28 -8.40
CA ILE A 59 -0.75 -0.02 -8.89
C ILE A 59 -2.26 0.04 -9.15
N ASN A 60 -2.90 -1.12 -9.37
CA ASN A 60 -4.34 -1.27 -9.55
C ASN A 60 -4.90 -2.25 -8.52
N GLU A 61 -6.23 -2.39 -8.48
CA GLU A 61 -6.94 -3.16 -7.47
C GLU A 61 -6.52 -4.63 -7.45
N ALA A 62 -6.32 -5.23 -8.63
CA ALA A 62 -6.01 -6.65 -8.73
C ALA A 62 -4.56 -6.90 -8.35
N GLU A 63 -3.67 -5.98 -8.74
CA GLU A 63 -2.26 -6.01 -8.34
C GLU A 63 -2.16 -5.88 -6.81
N ALA A 64 -3.03 -5.09 -6.18
CA ALA A 64 -3.08 -5.00 -4.72
C ALA A 64 -3.46 -6.34 -4.10
N ARG A 65 -4.44 -7.07 -4.66
CA ARG A 65 -4.80 -8.40 -4.13
C ARG A 65 -3.64 -9.36 -4.30
N ASP A 66 -2.98 -9.35 -5.46
CA ASP A 66 -1.82 -10.21 -5.70
C ASP A 66 -0.69 -9.90 -4.70
N THR A 67 -0.47 -8.64 -4.39
CA THR A 67 0.52 -8.21 -3.40
C THR A 67 0.11 -8.70 -1.99
N LEU A 68 -1.17 -8.57 -1.61
CA LEU A 68 -1.66 -9.03 -0.32
C LEU A 68 -1.52 -10.55 -0.19
N ASP A 69 -1.78 -11.29 -1.28
CA ASP A 69 -1.59 -12.74 -1.33
C ASP A 69 -0.12 -13.09 -1.17
N ALA A 70 0.78 -12.39 -1.88
CA ALA A 70 2.21 -12.62 -1.75
C ALA A 70 2.69 -12.35 -0.33
N LEU A 71 2.22 -11.27 0.30
CA LEU A 71 2.61 -10.88 1.66
C LEU A 71 2.25 -11.99 2.64
N GLN A 72 0.99 -12.41 2.68
CA GLN A 72 0.57 -13.44 3.61
C GLN A 72 1.18 -14.81 3.27
N ASN A 73 1.44 -15.08 1.98
CA ASN A 73 2.10 -16.30 1.55
C ASN A 73 3.52 -16.36 2.10
N MET A 74 4.28 -15.26 2.01
CA MET A 74 5.62 -15.19 2.58
C MET A 74 5.57 -15.35 4.10
N PHE A 75 4.61 -14.71 4.76
CA PHE A 75 4.44 -14.79 6.21
C PHE A 75 4.11 -16.22 6.68
N ASP A 76 3.54 -17.06 5.79
CA ASP A 76 3.26 -18.47 6.10
C ASP A 76 4.52 -19.33 6.13
N VAL A 77 5.66 -18.85 5.57
CA VAL A 77 6.88 -19.64 5.41
C VAL A 77 8.13 -18.95 5.96
N GLU A 78 8.04 -17.68 6.38
CA GLU A 78 9.12 -16.93 7.03
C GLU A 78 8.49 -16.19 8.22
N PRO A 79 9.19 -16.08 9.38
CA PRO A 79 8.61 -15.55 10.60
C PRO A 79 8.43 -14.02 10.57
N ASP A 80 9.11 -13.30 9.67
CA ASP A 80 9.09 -11.84 9.55
C ASP A 80 9.30 -11.12 10.89
N VAL A 81 10.19 -11.67 11.73
CA VAL A 81 10.47 -11.22 13.09
C VAL A 81 9.17 -11.09 13.93
N GLY A 82 8.26 -12.06 13.75
CA GLY A 82 6.97 -12.13 14.43
C GLY A 82 6.03 -11.00 14.00
N ALA A 83 6.32 -10.32 12.89
CA ALA A 83 5.70 -9.09 12.39
C ALA A 83 5.70 -7.91 13.39
N LEU A 84 6.20 -8.06 14.62
CA LEU A 84 6.18 -7.01 15.63
C LEU A 84 7.01 -5.81 15.17
N LEU A 85 8.19 -6.07 14.60
CA LEU A 85 9.08 -5.05 14.04
C LEU A 85 8.47 -4.34 12.83
N TYR A 86 7.31 -4.81 12.34
CA TYR A 86 6.64 -4.34 11.14
C TYR A 86 5.15 -4.14 11.43
N GLY A 87 4.81 -3.79 12.68
CA GLY A 87 3.45 -3.61 13.16
C GLY A 87 3.38 -2.74 14.43
N GLU A 88 4.44 -2.75 15.25
CA GLU A 88 4.53 -1.99 16.51
C GLU A 88 3.32 -2.27 17.42
N GLU A 89 2.86 -3.53 17.43
CA GLU A 89 1.68 -3.97 18.17
C GLU A 89 1.89 -3.97 19.69
N LYS A 90 3.12 -3.77 20.16
CA LYS A 90 3.52 -3.70 21.56
C LYS A 90 4.66 -2.69 21.63
N MET A 1 7.37 5.80 8.98
CA MET A 1 7.01 4.50 9.61
C MET A 1 7.53 3.33 8.76
N CYS A 2 7.89 2.21 9.39
CA CYS A 2 8.18 0.98 8.67
C CYS A 2 6.86 0.47 8.08
N ILE A 3 6.79 0.34 6.76
CA ILE A 3 5.62 -0.13 6.01
C ILE A 3 6.14 -0.65 4.66
N GLY A 4 5.42 -1.55 3.99
CA GLY A 4 5.89 -2.21 2.79
C GLY A 4 4.77 -3.04 2.15
N VAL A 5 3.62 -2.42 1.87
CA VAL A 5 2.40 -3.12 1.47
C VAL A 5 1.58 -2.22 0.51
N PRO A 6 0.74 -2.78 -0.38
CA PRO A 6 -0.21 -1.99 -1.16
C PRO A 6 -1.20 -1.20 -0.29
N GLY A 7 -1.83 -0.20 -0.90
CA GLY A 7 -2.96 0.55 -0.37
C GLY A 7 -3.66 1.28 -1.51
N GLN A 8 -4.77 1.95 -1.22
CA GLN A 8 -5.49 2.75 -2.21
C GLN A 8 -5.46 4.21 -1.73
N ILE A 9 -5.12 5.16 -2.60
CA ILE A 9 -5.11 6.57 -2.25
C ILE A 9 -6.57 6.96 -1.98
N ARG A 10 -6.89 7.40 -0.77
CA ARG A 10 -8.28 7.60 -0.33
C ARG A 10 -8.59 9.09 -0.25
N THR A 11 -7.66 9.92 0.24
CA THR A 11 -7.73 11.36 0.17
C THR A 11 -6.32 11.91 -0.08
N ILE A 12 -6.21 13.17 -0.54
CA ILE A 12 -4.95 13.85 -0.85
C ILE A 12 -5.02 15.23 -0.19
N ASP A 13 -3.88 15.78 0.23
CA ASP A 13 -3.79 17.09 0.87
C ASP A 13 -2.80 18.02 0.15
N GLY A 14 -1.84 17.46 -0.59
CA GLY A 14 -0.84 18.19 -1.35
C GLY A 14 0.16 17.15 -1.85
N ASN A 15 1.46 17.36 -1.57
CA ASN A 15 2.45 16.31 -1.81
C ASN A 15 2.21 15.12 -0.87
N GLN A 16 1.55 15.36 0.28
CA GLN A 16 1.10 14.32 1.18
C GLN A 16 -0.34 13.92 0.86
N ALA A 17 -0.67 12.70 1.25
CA ALA A 17 -1.96 12.07 1.03
C ALA A 17 -2.22 11.09 2.17
N LYS A 18 -3.42 10.50 2.18
CA LYS A 18 -3.81 9.49 3.13
C LYS A 18 -4.36 8.32 2.34
N VAL A 19 -3.53 7.30 2.14
CA VAL A 19 -3.97 6.04 1.60
C VAL A 19 -4.87 5.35 2.62
N ASP A 20 -5.59 4.32 2.20
CA ASP A 20 -6.32 3.39 3.04
C ASP A 20 -5.59 2.06 2.90
N VAL A 21 -4.97 1.62 3.99
CA VAL A 21 -4.17 0.41 4.04
C VAL A 21 -5.13 -0.74 4.38
N CYS A 22 -6.11 -0.94 3.49
CA CYS A 22 -7.15 -1.96 3.53
C CYS A 22 -7.82 -2.10 4.91
N GLY A 23 -8.12 -1.00 5.59
CA GLY A 23 -8.84 -1.04 6.86
C GLY A 23 -8.77 0.26 7.67
N ILE A 24 -7.71 1.05 7.51
CA ILE A 24 -7.55 2.33 8.19
C ILE A 24 -6.74 3.24 7.26
N GLN A 25 -6.97 4.55 7.35
CA GLN A 25 -6.19 5.51 6.59
C GLN A 25 -4.81 5.69 7.23
N ARG A 26 -3.79 5.94 6.40
CA ARG A 26 -2.43 6.22 6.84
C ARG A 26 -1.85 7.32 5.97
N ASP A 27 -1.23 8.31 6.61
CA ASP A 27 -0.56 9.41 5.95
C ASP A 27 0.71 8.92 5.25
N VAL A 28 0.98 9.45 4.06
CA VAL A 28 2.12 9.11 3.20
C VAL A 28 2.52 10.36 2.40
N ASP A 29 3.70 10.31 1.77
CA ASP A 29 4.14 11.30 0.78
C ASP A 29 4.07 10.65 -0.60
N LEU A 30 3.70 11.44 -1.61
CA LEU A 30 3.44 11.00 -2.98
C LEU A 30 4.47 11.60 -3.95
N THR A 31 5.64 12.01 -3.46
CA THR A 31 6.64 12.74 -4.24
C THR A 31 7.02 12.02 -5.54
N LEU A 32 7.06 10.68 -5.53
CA LEU A 32 7.47 9.87 -6.66
C LEU A 32 6.35 9.69 -7.71
N VAL A 33 5.12 10.13 -7.41
CA VAL A 33 3.96 9.97 -8.30
C VAL A 33 3.24 11.32 -8.54
N GLY A 34 3.65 12.40 -7.86
CA GLY A 34 3.23 13.77 -8.11
C GLY A 34 1.80 14.10 -7.69
N SER A 35 1.17 13.25 -6.88
CA SER A 35 -0.22 13.36 -6.39
C SER A 35 -1.32 13.40 -7.46
N CYS A 36 -1.01 13.64 -8.73
CA CYS A 36 -1.97 13.75 -9.82
C CYS A 36 -1.45 12.98 -11.04
N ASP A 37 -2.39 12.52 -11.88
CA ASP A 37 -2.12 11.96 -13.19
C ASP A 37 -1.52 13.06 -14.08
N GLU A 38 -0.80 12.67 -15.13
CA GLU A 38 -0.17 13.56 -16.11
C GLU A 38 -1.14 14.64 -16.62
N ASN A 39 -2.39 14.26 -16.89
CA ASN A 39 -3.39 15.17 -17.46
C ASN A 39 -4.02 16.08 -16.38
N GLY A 40 -3.90 15.74 -15.09
CA GLY A 40 -4.25 16.63 -13.98
C GLY A 40 -5.12 16.00 -12.88
N GLN A 41 -5.70 14.81 -13.09
CA GLN A 41 -6.66 14.24 -12.15
C GLN A 41 -5.96 13.91 -10.83
N PRO A 42 -6.51 14.22 -9.64
CA PRO A 42 -5.95 13.76 -8.38
C PRO A 42 -6.03 12.23 -8.32
N ARG A 43 -4.98 11.58 -7.80
CA ARG A 43 -4.86 10.12 -7.83
C ARG A 43 -5.80 9.37 -6.87
N VAL A 44 -6.79 10.02 -6.26
CA VAL A 44 -7.75 9.35 -5.40
C VAL A 44 -8.39 8.16 -6.16
N GLY A 45 -8.48 7.01 -5.50
CA GLY A 45 -9.00 5.77 -6.06
C GLY A 45 -7.92 4.90 -6.69
N GLN A 46 -6.74 5.43 -7.03
CA GLN A 46 -5.66 4.63 -7.58
C GLN A 46 -5.05 3.76 -6.47
N TRP A 47 -4.68 2.54 -6.80
CA TRP A 47 -3.92 1.66 -5.91
C TRP A 47 -2.44 1.98 -6.08
N VAL A 48 -1.67 1.78 -5.02
CA VAL A 48 -0.28 2.22 -4.97
C VAL A 48 0.49 1.31 -4.00
N LEU A 49 1.76 1.05 -4.30
CA LEU A 49 2.68 0.39 -3.37
C LEU A 49 3.14 1.45 -2.39
N VAL A 50 3.13 1.17 -1.09
CA VAL A 50 3.58 2.09 -0.06
C VAL A 50 4.74 1.40 0.63
N HIS A 51 5.91 2.03 0.67
CA HIS A 51 7.09 1.53 1.36
C HIS A 51 7.68 2.70 2.14
N VAL A 52 8.11 2.45 3.39
CA VAL A 52 8.74 3.40 4.30
C VAL A 52 8.09 4.80 4.36
N GLY A 53 6.79 4.90 4.11
CA GLY A 53 5.99 6.13 4.21
C GLY A 53 5.80 6.86 2.87
N PHE A 54 6.26 6.29 1.75
CA PHE A 54 6.20 6.92 0.44
C PHE A 54 5.51 5.99 -0.55
N ALA A 55 4.74 6.57 -1.46
CA ALA A 55 4.19 5.85 -2.61
C ALA A 55 5.35 5.55 -3.55
N MET A 56 5.61 4.28 -3.84
CA MET A 56 6.71 3.87 -4.70
C MET A 56 6.25 3.76 -6.16
N SER A 57 5.11 3.11 -6.42
CA SER A 57 4.61 2.88 -7.77
C SER A 57 3.08 2.79 -7.73
N VAL A 58 2.41 3.39 -8.70
CA VAL A 58 0.97 3.21 -8.90
C VAL A 58 0.76 1.82 -9.50
N ILE A 59 -0.31 1.13 -9.09
CA ILE A 59 -0.66 -0.23 -9.52
C ILE A 59 -2.18 -0.30 -9.75
N ASN A 60 -2.71 -1.51 -9.94
CA ASN A 60 -4.14 -1.80 -10.12
C ASN A 60 -4.56 -2.88 -9.13
N GLU A 61 -5.85 -3.22 -9.07
CA GLU A 61 -6.38 -4.13 -8.07
C GLU A 61 -5.79 -5.53 -8.17
N ALA A 62 -5.52 -6.02 -9.39
CA ALA A 62 -5.01 -7.38 -9.55
C ALA A 62 -3.59 -7.47 -8.98
N GLU A 63 -2.76 -6.47 -9.31
CA GLU A 63 -1.40 -6.36 -8.77
C GLU A 63 -1.44 -6.15 -7.26
N ALA A 64 -2.37 -5.33 -6.76
CA ALA A 64 -2.49 -5.07 -5.33
C ALA A 64 -2.87 -6.35 -4.59
N ARG A 65 -3.88 -7.08 -5.06
CA ARG A 65 -4.35 -8.31 -4.41
C ARG A 65 -3.26 -9.37 -4.46
N ASP A 66 -2.55 -9.51 -5.57
CA ASP A 66 -1.44 -10.46 -5.68
C ASP A 66 -0.32 -10.11 -4.70
N THR A 67 0.02 -8.83 -4.58
CA THR A 67 1.06 -8.37 -3.67
C THR A 67 0.61 -8.53 -2.21
N LEU A 68 -0.67 -8.28 -1.89
CA LEU A 68 -1.22 -8.47 -0.55
C LEU A 68 -1.14 -9.94 -0.16
N ASP A 69 -1.42 -10.87 -1.09
CA ASP A 69 -1.28 -12.29 -0.84
C ASP A 69 0.19 -12.66 -0.63
N ALA A 70 1.10 -12.14 -1.46
CA ALA A 70 2.53 -12.35 -1.31
C ALA A 70 3.00 -11.91 0.07
N LEU A 71 2.53 -10.75 0.55
CA LEU A 71 2.85 -10.18 1.86
C LEU A 71 2.30 -11.02 3.05
N GLN A 72 1.52 -12.07 2.79
CA GLN A 72 0.91 -12.90 3.82
C GLN A 72 1.30 -14.37 3.67
N ASN A 73 1.74 -14.82 2.49
CA ASN A 73 1.99 -16.23 2.21
C ASN A 73 2.99 -16.88 3.18
N MET A 74 3.99 -16.13 3.67
CA MET A 74 4.96 -16.62 4.64
C MET A 74 4.34 -16.80 6.02
N PHE A 75 3.40 -15.92 6.39
CA PHE A 75 2.72 -15.97 7.69
C PHE A 75 1.63 -17.04 7.70
N ASP A 76 1.03 -17.34 6.54
CA ASP A 76 0.00 -18.38 6.38
C ASP A 76 0.50 -19.77 6.80
N VAL A 77 1.82 -19.99 6.84
CA VAL A 77 2.42 -21.22 7.33
C VAL A 77 2.12 -21.41 8.83
N GLU A 78 1.94 -20.34 9.59
CA GLU A 78 1.74 -20.42 11.04
C GLU A 78 0.40 -21.11 11.41
N PRO A 79 -0.77 -20.69 10.90
CA PRO A 79 -2.00 -21.41 11.16
C PRO A 79 -2.03 -22.79 10.49
N ASP A 80 -1.26 -22.99 9.41
CA ASP A 80 -1.19 -24.28 8.74
C ASP A 80 -0.50 -25.32 9.63
N VAL A 81 0.68 -25.00 10.18
CA VAL A 81 1.36 -25.88 11.11
C VAL A 81 0.59 -25.94 12.43
N GLY A 82 -0.11 -24.86 12.82
CA GLY A 82 -1.00 -24.85 13.96
C GLY A 82 -2.08 -25.92 13.82
N ALA A 83 -2.78 -25.97 12.68
CA ALA A 83 -3.80 -26.97 12.41
C ALA A 83 -3.21 -28.38 12.50
N LEU A 84 -2.03 -28.61 11.92
CA LEU A 84 -1.34 -29.89 11.96
C LEU A 84 -1.04 -30.30 13.40
N LEU A 85 -0.54 -29.36 14.22
CA LEU A 85 -0.25 -29.59 15.63
C LEU A 85 -1.52 -29.96 16.37
N TYR A 86 -2.64 -29.26 16.12
CA TYR A 86 -3.91 -29.53 16.77
C TYR A 86 -4.43 -30.93 16.42
N GLY A 87 -4.20 -31.42 15.19
CA GLY A 87 -4.58 -32.77 14.79
C GLY A 87 -4.71 -32.89 13.28
N GLU A 88 -5.59 -33.80 12.85
CA GLU A 88 -5.94 -34.03 11.44
C GLU A 88 -6.79 -32.87 10.86
N GLU A 89 -6.77 -31.69 11.50
CA GLU A 89 -7.44 -30.49 11.00
C GLU A 89 -6.79 -30.02 9.70
N LYS A 90 -5.46 -30.17 9.56
CA LYS A 90 -4.77 -29.97 8.29
C LYS A 90 -5.18 -31.10 7.35
N MET A 1 6.05 6.33 10.10
CA MET A 1 5.63 4.92 10.27
C MET A 1 6.42 4.03 9.30
N CYS A 2 6.98 2.93 9.77
CA CYS A 2 7.81 2.00 8.98
C CYS A 2 6.95 1.06 8.10
N ILE A 3 5.97 1.63 7.39
CA ILE A 3 5.13 0.91 6.42
C ILE A 3 6.01 0.33 5.30
N GLY A 4 5.49 -0.66 4.58
CA GLY A 4 6.18 -1.38 3.51
C GLY A 4 5.19 -2.37 2.88
N VAL A 5 4.04 -1.87 2.43
CA VAL A 5 2.89 -2.67 2.02
C VAL A 5 2.09 -1.91 0.93
N PRO A 6 1.30 -2.57 0.08
CA PRO A 6 0.36 -1.87 -0.80
C PRO A 6 -0.77 -1.23 0.03
N GLY A 7 -1.41 -0.21 -0.56
CA GLY A 7 -2.61 0.41 -0.02
C GLY A 7 -3.31 1.22 -1.11
N GLN A 8 -4.45 1.83 -0.79
CA GLN A 8 -5.27 2.56 -1.76
C GLN A 8 -5.32 4.03 -1.38
N ILE A 9 -5.22 4.91 -2.38
CA ILE A 9 -5.32 6.35 -2.23
C ILE A 9 -6.80 6.69 -1.99
N ARG A 10 -7.26 6.58 -0.74
CA ARG A 10 -8.65 6.87 -0.38
C ARG A 10 -8.91 8.38 -0.33
N THR A 11 -7.90 9.19 0.01
CA THR A 11 -8.03 10.64 0.12
C THR A 11 -6.66 11.25 -0.21
N ILE A 12 -6.63 12.51 -0.67
CA ILE A 12 -5.43 13.25 -1.04
C ILE A 12 -5.48 14.60 -0.31
N ASP A 13 -4.33 15.15 0.05
CA ASP A 13 -4.21 16.40 0.80
C ASP A 13 -3.40 17.46 0.05
N GLY A 14 -2.51 17.04 -0.87
CA GLY A 14 -1.70 17.94 -1.69
C GLY A 14 -0.53 17.14 -2.24
N ASN A 15 0.69 17.47 -1.80
CA ASN A 15 1.90 16.67 -2.07
C ASN A 15 1.88 15.33 -1.32
N GLN A 16 0.80 15.05 -0.57
CA GLN A 16 0.65 13.95 0.36
C GLN A 16 -0.76 13.40 0.19
N ALA A 17 -0.97 12.16 0.63
CA ALA A 17 -2.23 11.45 0.60
C ALA A 17 -2.41 10.61 1.86
N LYS A 18 -3.62 10.09 2.06
CA LYS A 18 -4.02 9.35 3.24
C LYS A 18 -4.34 7.93 2.78
N VAL A 19 -3.29 7.18 2.47
CA VAL A 19 -3.39 5.86 1.86
C VAL A 19 -3.90 4.88 2.92
N ASP A 20 -5.00 4.17 2.63
CA ASP A 20 -5.43 3.06 3.49
C ASP A 20 -4.54 1.86 3.21
N VAL A 21 -3.71 1.46 4.18
CA VAL A 21 -2.84 0.30 4.09
C VAL A 21 -3.61 -0.99 4.43
N CYS A 22 -4.83 -1.12 3.89
CA CYS A 22 -5.79 -2.17 4.19
C CYS A 22 -5.97 -2.38 5.71
N GLY A 23 -6.20 -1.30 6.46
CA GLY A 23 -6.50 -1.39 7.89
C GLY A 23 -6.77 -0.04 8.51
N ILE A 24 -6.00 0.99 8.14
CA ILE A 24 -6.18 2.37 8.57
C ILE A 24 -5.54 3.26 7.51
N GLN A 25 -6.01 4.50 7.38
CA GLN A 25 -5.36 5.50 6.56
C GLN A 25 -4.06 5.95 7.24
N ARG A 26 -3.00 6.14 6.46
CA ARG A 26 -1.70 6.64 6.89
C ARG A 26 -1.31 7.79 5.98
N ASP A 27 -0.67 8.82 6.54
CA ASP A 27 -0.05 9.88 5.77
C ASP A 27 1.11 9.30 4.95
N VAL A 28 1.15 9.61 3.66
CA VAL A 28 2.19 9.18 2.74
C VAL A 28 2.48 10.37 1.81
N ASP A 29 3.76 10.72 1.67
CA ASP A 29 4.20 11.77 0.75
C ASP A 29 4.36 11.19 -0.66
N LEU A 30 4.04 12.00 -1.67
CA LEU A 30 3.91 11.57 -3.06
C LEU A 30 5.03 12.11 -3.96
N THR A 31 6.08 12.75 -3.45
CA THR A 31 7.12 13.37 -4.28
C THR A 31 7.72 12.38 -5.29
N LEU A 32 7.84 11.10 -4.93
CA LEU A 32 8.45 10.07 -5.78
C LEU A 32 7.56 9.64 -6.94
N VAL A 33 6.26 10.02 -6.97
CA VAL A 33 5.29 9.59 -7.99
C VAL A 33 4.52 10.76 -8.60
N GLY A 34 4.53 11.93 -7.95
CA GLY A 34 3.77 13.11 -8.33
C GLY A 34 2.30 12.96 -7.95
N SER A 35 1.74 13.99 -7.34
CA SER A 35 0.31 14.09 -7.10
C SER A 35 -0.41 14.28 -8.44
N CYS A 36 -1.70 13.89 -8.45
CA CYS A 36 -2.57 13.75 -9.62
C CYS A 36 -2.07 12.68 -10.60
N ASP A 37 -3.03 12.00 -11.21
CA ASP A 37 -2.82 11.02 -12.28
C ASP A 37 -2.47 11.76 -13.57
N GLU A 38 -1.77 11.07 -14.48
CA GLU A 38 -1.27 11.64 -15.74
C GLU A 38 -2.40 12.22 -16.61
N ASN A 39 -3.63 11.69 -16.48
CA ASN A 39 -4.81 12.21 -17.18
C ASN A 39 -5.15 13.66 -16.79
N GLY A 40 -4.71 14.12 -15.62
CA GLY A 40 -5.07 15.43 -15.08
C GLY A 40 -6.30 15.31 -14.17
N GLN A 41 -6.28 14.34 -13.26
CA GLN A 41 -7.35 14.02 -12.32
C GLN A 41 -6.72 13.60 -10.99
N PRO A 42 -7.41 13.69 -9.85
CA PRO A 42 -6.88 13.19 -8.59
C PRO A 42 -6.72 11.66 -8.65
N ARG A 43 -5.66 11.13 -8.01
CA ARG A 43 -5.34 9.70 -7.98
C ARG A 43 -6.31 8.87 -7.12
N VAL A 44 -7.43 9.42 -6.66
CA VAL A 44 -8.31 8.74 -5.72
C VAL A 44 -8.76 7.40 -6.32
N GLY A 45 -8.65 6.33 -5.51
CA GLY A 45 -9.00 4.97 -5.90
C GLY A 45 -7.82 4.21 -6.52
N GLN A 46 -6.76 4.88 -6.97
CA GLN A 46 -5.54 4.19 -7.42
C GLN A 46 -4.89 3.51 -6.21
N TRP A 47 -4.09 2.47 -6.47
CA TRP A 47 -3.33 1.77 -5.45
C TRP A 47 -1.88 2.16 -5.55
N VAL A 48 -1.12 1.96 -4.47
CA VAL A 48 0.24 2.44 -4.36
C VAL A 48 0.97 1.57 -3.33
N LEU A 49 2.19 1.17 -3.65
CA LEU A 49 3.11 0.55 -2.70
C LEU A 49 3.61 1.71 -1.84
N VAL A 50 3.59 1.57 -0.52
CA VAL A 50 4.02 2.65 0.36
C VAL A 50 5.09 2.10 1.31
N HIS A 51 6.16 2.87 1.48
CA HIS A 51 7.37 2.44 2.17
C HIS A 51 7.89 3.63 2.98
N VAL A 52 8.01 3.45 4.30
CA VAL A 52 8.52 4.41 5.28
C VAL A 52 8.01 5.85 5.00
N GLY A 53 6.70 5.98 4.77
CA GLY A 53 6.04 7.28 4.65
C GLY A 53 6.07 7.89 3.25
N PHE A 54 6.57 7.18 2.22
CA PHE A 54 6.60 7.66 0.85
C PHE A 54 5.95 6.64 -0.08
N ALA A 55 5.33 7.12 -1.16
CA ALA A 55 4.85 6.28 -2.25
C ALA A 55 6.06 5.69 -2.95
N MET A 56 6.21 4.37 -2.91
CA MET A 56 7.29 3.65 -3.58
C MET A 56 6.99 3.57 -5.08
N SER A 57 5.78 3.17 -5.48
CA SER A 57 5.29 3.19 -6.86
C SER A 57 3.77 3.06 -6.86
N VAL A 58 3.08 3.74 -7.77
CA VAL A 58 1.65 3.53 -8.01
C VAL A 58 1.50 2.17 -8.72
N ILE A 59 0.41 1.44 -8.46
CA ILE A 59 0.12 0.12 -9.02
C ILE A 59 -1.37 0.06 -9.41
N ASN A 60 -1.72 -0.85 -10.31
CA ASN A 60 -3.12 -1.05 -10.71
C ASN A 60 -3.85 -1.92 -9.68
N GLU A 61 -5.18 -2.00 -9.78
CA GLU A 61 -6.04 -2.68 -8.80
C GLU A 61 -5.69 -4.17 -8.67
N ALA A 62 -5.50 -4.85 -9.80
CA ALA A 62 -5.30 -6.30 -9.82
C ALA A 62 -3.89 -6.62 -9.34
N GLU A 63 -2.92 -5.78 -9.71
CA GLU A 63 -1.54 -5.82 -9.23
C GLU A 63 -1.51 -5.64 -7.70
N ALA A 64 -2.36 -4.76 -7.16
CA ALA A 64 -2.50 -4.62 -5.72
C ALA A 64 -3.07 -5.88 -5.09
N ARG A 65 -4.13 -6.49 -5.67
CA ARG A 65 -4.70 -7.72 -5.11
C ARG A 65 -3.66 -8.84 -5.15
N ASP A 66 -2.89 -8.95 -6.23
CA ASP A 66 -1.83 -9.95 -6.35
C ASP A 66 -0.75 -9.74 -5.29
N THR A 67 -0.37 -8.48 -5.05
CA THR A 67 0.62 -8.15 -4.01
C THR A 67 0.07 -8.49 -2.63
N LEU A 68 -1.20 -8.17 -2.34
CA LEU A 68 -1.84 -8.48 -1.07
C LEU A 68 -1.90 -9.99 -0.85
N ASP A 69 -2.25 -10.76 -1.89
CA ASP A 69 -2.29 -12.22 -1.82
C ASP A 69 -0.89 -12.78 -1.56
N ALA A 70 0.14 -12.28 -2.26
CA ALA A 70 1.52 -12.72 -2.08
C ALA A 70 2.00 -12.42 -0.66
N LEU A 71 1.68 -11.26 -0.11
CA LEU A 71 2.03 -10.88 1.26
C LEU A 71 1.31 -11.80 2.24
N GLN A 72 -0.02 -11.97 2.11
CA GLN A 72 -0.81 -12.79 2.99
C GLN A 72 -0.36 -14.26 2.95
N ASN A 73 0.10 -14.74 1.79
CA ASN A 73 0.60 -16.11 1.64
C ASN A 73 1.72 -16.43 2.62
N MET A 74 2.55 -15.43 2.99
CA MET A 74 3.64 -15.59 3.94
C MET A 74 3.14 -15.95 5.36
N PHE A 75 1.84 -15.80 5.64
CA PHE A 75 1.23 -16.02 6.94
C PHE A 75 0.09 -17.03 6.86
N ASP A 76 -0.51 -17.24 5.68
CA ASP A 76 -1.50 -18.28 5.44
C ASP A 76 -0.92 -19.68 5.71
N VAL A 77 0.39 -19.85 5.49
CA VAL A 77 1.13 -21.07 5.79
C VAL A 77 1.30 -21.31 7.31
N GLU A 78 0.94 -20.34 8.16
CA GLU A 78 1.01 -20.43 9.61
C GLU A 78 -0.32 -19.88 10.16
N PRO A 79 -1.43 -20.62 10.02
CA PRO A 79 -2.77 -20.10 10.31
C PRO A 79 -2.97 -19.71 11.78
N ASP A 80 -2.13 -20.23 12.70
CA ASP A 80 -2.11 -19.78 14.09
C ASP A 80 -1.76 -18.30 14.19
N VAL A 81 -0.87 -17.80 13.32
CA VAL A 81 -0.54 -16.39 13.20
C VAL A 81 -1.61 -15.71 12.33
N GLY A 82 -2.01 -16.33 11.22
CA GLY A 82 -2.99 -15.78 10.29
C GLY A 82 -4.29 -15.38 10.98
N ALA A 83 -4.80 -16.22 11.89
CA ALA A 83 -6.04 -15.99 12.62
C ALA A 83 -5.97 -14.85 13.65
N LEU A 84 -4.83 -14.16 13.79
CA LEU A 84 -4.66 -12.98 14.63
C LEU A 84 -4.13 -11.81 13.82
N LEU A 85 -3.31 -12.06 12.79
CA LEU A 85 -2.91 -11.03 11.82
C LEU A 85 -4.12 -10.54 11.01
N TYR A 86 -5.10 -11.42 10.78
CA TYR A 86 -6.31 -11.16 9.99
C TYR A 86 -7.56 -11.63 10.77
N GLY A 87 -7.50 -11.60 12.10
CA GLY A 87 -8.55 -12.10 12.99
C GLY A 87 -8.25 -11.68 14.43
N GLU A 88 -8.85 -12.36 15.40
CA GLU A 88 -8.74 -12.04 16.82
C GLU A 88 -8.55 -13.32 17.66
N GLU A 89 -8.14 -14.43 17.03
CA GLU A 89 -7.94 -15.71 17.72
C GLU A 89 -6.77 -15.59 18.71
N LYS A 90 -6.88 -16.26 19.86
CA LYS A 90 -5.84 -16.29 20.90
C LYS A 90 -6.04 -17.57 21.70
N MET A 1 4.18 -1.23 14.05
CA MET A 1 3.21 -1.65 13.02
C MET A 1 3.93 -1.84 11.67
N CYS A 2 3.70 -2.98 11.01
CA CYS A 2 4.29 -3.30 9.71
C CYS A 2 3.85 -2.27 8.65
N ILE A 3 4.72 -2.04 7.67
CA ILE A 3 4.50 -1.13 6.55
C ILE A 3 5.41 -1.63 5.39
N GLY A 4 5.34 -1.02 4.21
CA GLY A 4 5.98 -1.53 3.01
C GLY A 4 5.01 -2.44 2.25
N VAL A 5 3.74 -2.03 2.16
CA VAL A 5 2.62 -2.84 1.67
C VAL A 5 1.69 -1.96 0.82
N PRO A 6 0.80 -2.53 -0.02
CA PRO A 6 -0.22 -1.78 -0.73
C PRO A 6 -1.13 -0.95 0.19
N GLY A 7 -1.72 0.10 -0.37
CA GLY A 7 -2.78 0.90 0.21
C GLY A 7 -3.50 1.61 -0.94
N GLN A 8 -4.66 2.21 -0.66
CA GLN A 8 -5.46 2.90 -1.67
C GLN A 8 -5.55 4.38 -1.30
N ILE A 9 -5.33 5.25 -2.28
CA ILE A 9 -5.41 6.70 -2.13
C ILE A 9 -6.89 7.05 -1.95
N ARG A 10 -7.34 7.24 -0.71
CA ARG A 10 -8.74 7.58 -0.43
C ARG A 10 -8.94 9.08 -0.59
N THR A 11 -8.00 9.88 -0.09
CA THR A 11 -8.07 11.34 -0.10
C THR A 11 -6.65 11.89 -0.28
N ILE A 12 -6.54 13.13 -0.77
CA ILE A 12 -5.30 13.81 -1.13
C ILE A 12 -5.35 15.20 -0.50
N ASP A 13 -4.18 15.72 -0.09
CA ASP A 13 -4.05 17.03 0.57
C ASP A 13 -3.09 17.96 -0.18
N GLY A 14 -2.29 17.42 -1.10
CA GLY A 14 -1.28 18.13 -1.87
C GLY A 14 -0.36 17.08 -2.46
N ASN A 15 0.96 17.25 -2.34
CA ASN A 15 1.94 16.20 -2.66
C ASN A 15 1.96 15.10 -1.58
N GLN A 16 0.87 14.96 -0.82
CA GLN A 16 0.68 14.02 0.25
C GLN A 16 -0.76 13.52 0.15
N ALA A 17 -0.98 12.27 0.55
CA ALA A 17 -2.28 11.62 0.51
C ALA A 17 -2.49 10.81 1.79
N LYS A 18 -3.74 10.45 2.05
CA LYS A 18 -4.14 9.67 3.23
C LYS A 18 -4.55 8.30 2.73
N VAL A 19 -3.56 7.46 2.44
CA VAL A 19 -3.77 6.14 1.90
C VAL A 19 -4.37 5.24 2.98
N ASP A 20 -5.44 4.52 2.68
CA ASP A 20 -5.92 3.46 3.56
C ASP A 20 -4.99 2.29 3.36
N VAL A 21 -4.19 1.96 4.37
CA VAL A 21 -3.25 0.85 4.37
C VAL A 21 -4.01 -0.42 4.77
N CYS A 22 -5.09 -0.70 4.04
CA CYS A 22 -6.02 -1.81 4.24
C CYS A 22 -6.42 -2.02 5.71
N GLY A 23 -6.75 -0.95 6.42
CA GLY A 23 -7.22 -1.04 7.80
C GLY A 23 -7.39 0.33 8.47
N ILE A 24 -6.51 1.29 8.16
CA ILE A 24 -6.57 2.66 8.66
C ILE A 24 -5.89 3.56 7.64
N GLN A 25 -6.31 4.83 7.58
CA GLN A 25 -5.63 5.82 6.76
C GLN A 25 -4.31 6.22 7.43
N ARG A 26 -3.26 6.35 6.62
CA ARG A 26 -1.95 6.88 7.02
C ARG A 26 -1.54 7.94 6.00
N ASP A 27 -0.85 8.99 6.44
CA ASP A 27 -0.30 9.99 5.52
C ASP A 27 0.87 9.36 4.75
N VAL A 28 1.03 9.71 3.48
CA VAL A 28 2.16 9.29 2.65
C VAL A 28 2.55 10.46 1.75
N ASP A 29 3.86 10.67 1.57
CA ASP A 29 4.44 11.62 0.63
C ASP A 29 4.46 11.04 -0.78
N LEU A 30 4.29 11.89 -1.81
CA LEU A 30 4.08 11.49 -3.19
C LEU A 30 5.20 11.96 -4.11
N THR A 31 6.38 12.39 -3.62
CA THR A 31 7.46 12.91 -4.45
C THR A 31 7.85 11.97 -5.60
N LEU A 32 7.79 10.65 -5.37
CA LEU A 32 8.23 9.65 -6.34
C LEU A 32 7.15 9.32 -7.39
N VAL A 33 5.93 9.84 -7.26
CA VAL A 33 4.80 9.48 -8.14
C VAL A 33 4.04 10.72 -8.67
N GLY A 34 4.15 11.88 -8.02
CA GLY A 34 3.44 13.09 -8.40
C GLY A 34 2.03 13.09 -7.81
N SER A 35 1.54 14.29 -7.50
CA SER A 35 0.29 14.52 -6.78
C SER A 35 -0.96 14.13 -7.58
N CYS A 36 -0.84 14.06 -8.91
CA CYS A 36 -1.94 13.79 -9.83
C CYS A 36 -1.57 12.63 -10.74
N ASP A 37 -2.59 11.92 -11.20
CA ASP A 37 -2.52 10.87 -12.20
C ASP A 37 -2.08 11.45 -13.53
N GLU A 38 -1.31 10.66 -14.28
CA GLU A 38 -0.61 11.08 -15.50
C GLU A 38 -1.53 11.74 -16.54
N ASN A 39 -2.81 11.35 -16.62
CA ASN A 39 -3.74 11.89 -17.61
C ASN A 39 -4.40 13.21 -17.16
N GLY A 40 -4.20 13.64 -15.90
CA GLY A 40 -4.61 14.96 -15.44
C GLY A 40 -5.84 14.91 -14.53
N GLN A 41 -5.82 14.08 -13.48
CA GLN A 41 -6.87 13.98 -12.47
C GLN A 41 -6.21 13.70 -11.10
N PRO A 42 -6.88 13.94 -9.96
CA PRO A 42 -6.38 13.50 -8.67
C PRO A 42 -6.33 11.96 -8.63
N ARG A 43 -5.31 11.39 -7.97
CA ARG A 43 -5.07 9.94 -7.89
C ARG A 43 -6.10 9.19 -7.02
N VAL A 44 -7.22 9.79 -6.63
CA VAL A 44 -8.19 9.16 -5.74
C VAL A 44 -8.67 7.83 -6.34
N GLY A 45 -8.72 6.79 -5.51
CA GLY A 45 -9.12 5.44 -5.89
C GLY A 45 -7.96 4.60 -6.42
N GLN A 46 -6.82 5.19 -6.78
CA GLN A 46 -5.67 4.43 -7.25
C GLN A 46 -5.00 3.71 -6.07
N TRP A 47 -4.31 2.61 -6.35
CA TRP A 47 -3.53 1.89 -5.36
C TRP A 47 -2.08 2.31 -5.47
N VAL A 48 -1.31 2.10 -4.41
CA VAL A 48 0.07 2.53 -4.30
C VAL A 48 0.76 1.66 -3.27
N LEU A 49 2.05 1.40 -3.45
CA LEU A 49 2.87 0.73 -2.44
C LEU A 49 3.33 1.79 -1.45
N VAL A 50 3.12 1.55 -0.16
CA VAL A 50 3.30 2.53 0.91
C VAL A 50 4.50 2.08 1.74
N HIS A 51 5.63 2.77 1.57
CA HIS A 51 6.80 2.63 2.43
C HIS A 51 6.55 3.37 3.75
N VAL A 52 7.57 3.51 4.61
CA VAL A 52 7.46 4.09 5.96
C VAL A 52 6.79 5.47 5.98
N GLY A 53 6.88 6.25 4.90
CA GLY A 53 6.15 7.50 4.74
C GLY A 53 6.12 8.01 3.30
N PHE A 54 6.40 7.15 2.30
CA PHE A 54 6.57 7.56 0.92
C PHE A 54 5.90 6.52 0.01
N ALA A 55 5.28 6.98 -1.08
CA ALA A 55 4.79 6.12 -2.13
C ALA A 55 6.01 5.57 -2.86
N MET A 56 6.13 4.24 -3.00
CA MET A 56 7.20 3.66 -3.83
C MET A 56 6.82 3.88 -5.30
N SER A 57 5.64 3.36 -5.68
CA SER A 57 5.10 3.37 -7.03
C SER A 57 3.58 3.21 -6.92
N VAL A 58 2.83 3.85 -7.81
CA VAL A 58 1.41 3.60 -7.97
C VAL A 58 1.23 2.25 -8.67
N ILE A 59 0.15 1.54 -8.38
CA ILE A 59 -0.16 0.21 -8.93
C ILE A 59 -1.66 0.15 -9.25
N ASN A 60 -2.10 -0.87 -9.99
CA ASN A 60 -3.51 -1.09 -10.30
C ASN A 60 -4.12 -2.10 -9.33
N GLU A 61 -5.43 -2.32 -9.43
CA GLU A 61 -6.19 -3.16 -8.52
C GLU A 61 -5.71 -4.62 -8.58
N ALA A 62 -5.28 -5.10 -9.75
CA ALA A 62 -4.81 -6.48 -9.91
C ALA A 62 -3.50 -6.68 -9.16
N GLU A 63 -2.52 -5.78 -9.36
CA GLU A 63 -1.23 -5.85 -8.69
C GLU A 63 -1.41 -5.67 -7.19
N ALA A 64 -2.31 -4.77 -6.76
CA ALA A 64 -2.59 -4.55 -5.34
C ALA A 64 -3.13 -5.84 -4.72
N ARG A 65 -4.17 -6.44 -5.31
CA ARG A 65 -4.78 -7.65 -4.77
C ARG A 65 -3.80 -8.81 -4.80
N ASP A 66 -2.98 -8.96 -5.84
CA ASP A 66 -1.97 -10.02 -5.91
C ASP A 66 -0.94 -9.85 -4.79
N THR A 67 -0.49 -8.63 -4.53
CA THR A 67 0.47 -8.34 -3.48
C THR A 67 -0.18 -8.59 -2.10
N LEU A 68 -1.43 -8.18 -1.90
CA LEU A 68 -2.15 -8.41 -0.65
C LEU A 68 -2.38 -9.90 -0.41
N ASP A 69 -2.62 -10.68 -1.47
CA ASP A 69 -2.78 -12.13 -1.37
C ASP A 69 -1.46 -12.79 -0.97
N ALA A 70 -0.33 -12.36 -1.56
CA ALA A 70 0.99 -12.83 -1.16
C ALA A 70 1.23 -12.53 0.31
N LEU A 71 0.94 -11.30 0.74
CA LEU A 71 1.13 -10.82 2.11
C LEU A 71 0.29 -11.59 3.15
N GLN A 72 -0.64 -12.46 2.74
CA GLN A 72 -1.46 -13.27 3.63
C GLN A 72 -1.39 -14.77 3.32
N ASN A 73 -0.38 -15.23 2.56
CA ASN A 73 -0.12 -16.67 2.40
C ASN A 73 1.36 -17.04 2.22
N MET A 74 2.25 -16.10 1.87
CA MET A 74 3.65 -16.41 1.55
C MET A 74 4.40 -17.07 2.73
N PHE A 75 3.94 -16.86 3.96
CA PHE A 75 4.47 -17.53 5.15
C PHE A 75 4.50 -19.05 5.01
N ASP A 76 3.59 -19.63 4.21
CA ASP A 76 3.47 -21.07 3.98
C ASP A 76 4.70 -21.68 3.27
N VAL A 77 5.60 -20.85 2.75
CA VAL A 77 6.81 -21.27 2.04
C VAL A 77 8.05 -20.53 2.56
N GLU A 78 7.97 -19.91 3.75
CA GLU A 78 8.98 -19.02 4.29
C GLU A 78 9.27 -19.36 5.76
N PRO A 79 10.33 -18.82 6.39
CA PRO A 79 10.73 -19.12 7.76
C PRO A 79 9.64 -18.99 8.83
N ASP A 80 8.58 -18.22 8.58
CA ASP A 80 7.50 -18.01 9.56
C ASP A 80 6.77 -19.30 9.91
N VAL A 81 6.58 -20.22 8.93
CA VAL A 81 6.01 -21.54 9.19
C VAL A 81 6.39 -22.53 8.07
N GLY A 82 6.48 -22.10 6.81
CA GLY A 82 6.83 -22.97 5.69
C GLY A 82 8.12 -23.74 5.90
N ALA A 83 9.14 -23.12 6.50
CA ALA A 83 10.41 -23.79 6.78
C ALA A 83 10.30 -24.92 7.81
N LEU A 84 9.25 -24.95 8.63
CA LEU A 84 8.93 -26.05 9.54
C LEU A 84 8.03 -27.05 8.81
N LEU A 85 7.05 -26.56 8.05
CA LEU A 85 6.05 -27.37 7.33
C LEU A 85 6.74 -28.27 6.30
N TYR A 86 7.77 -27.75 5.62
CA TYR A 86 8.42 -28.38 4.46
C TYR A 86 9.94 -28.48 4.70
N GLY A 87 10.36 -28.74 5.93
CA GLY A 87 11.77 -28.93 6.28
C GLY A 87 11.89 -29.64 7.63
N GLU A 88 13.14 -29.89 8.05
CA GLU A 88 13.44 -30.36 9.39
C GLU A 88 13.06 -29.25 10.39
N GLU A 89 12.65 -29.64 11.59
CA GLU A 89 12.13 -28.71 12.59
C GLU A 89 13.19 -27.70 13.06
N LYS A 90 12.72 -26.55 13.58
CA LYS A 90 13.52 -25.38 13.89
C LYS A 90 12.91 -24.74 15.13
N MET A 1 7.18 2.44 13.83
CA MET A 1 6.26 1.86 12.81
C MET A 1 6.85 2.07 11.40
N CYS A 2 6.64 1.11 10.50
CA CYS A 2 6.95 1.24 9.09
C CYS A 2 5.89 0.50 8.27
N ILE A 3 5.91 0.67 6.94
CA ILE A 3 4.92 0.17 5.99
C ILE A 3 5.69 -0.49 4.85
N GLY A 4 5.03 -1.38 4.11
CA GLY A 4 5.59 -2.14 2.99
C GLY A 4 4.48 -3.00 2.39
N VAL A 5 3.30 -2.41 2.19
CA VAL A 5 2.05 -3.11 1.84
C VAL A 5 1.28 -2.21 0.86
N PRO A 6 0.52 -2.78 -0.10
CA PRO A 6 -0.41 -2.01 -0.92
C PRO A 6 -1.44 -1.23 -0.09
N GLY A 7 -2.05 -0.23 -0.73
CA GLY A 7 -3.20 0.50 -0.23
C GLY A 7 -3.86 1.26 -1.36
N GLN A 8 -4.97 1.95 -1.06
CA GLN A 8 -5.71 2.77 -2.03
C GLN A 8 -5.66 4.21 -1.56
N ILE A 9 -5.43 5.15 -2.47
CA ILE A 9 -5.26 6.57 -2.19
C ILE A 9 -6.64 7.18 -1.93
N ARG A 10 -7.23 6.85 -0.77
CA ARG A 10 -8.60 7.19 -0.40
C ARG A 10 -8.81 8.70 -0.29
N THR A 11 -7.79 9.47 0.09
CA THR A 11 -7.87 10.92 0.19
C THR A 11 -6.47 11.48 -0.11
N ILE A 12 -6.39 12.74 -0.56
CA ILE A 12 -5.15 13.46 -0.85
C ILE A 12 -5.29 14.83 -0.18
N ASP A 13 -4.20 15.33 0.39
CA ASP A 13 -4.12 16.68 0.97
C ASP A 13 -3.29 17.61 0.07
N GLY A 14 -2.34 17.04 -0.68
CA GLY A 14 -1.49 17.73 -1.64
C GLY A 14 -0.40 16.76 -2.03
N ASN A 15 0.87 17.14 -1.82
CA ASN A 15 2.00 16.22 -1.95
C ASN A 15 1.95 15.11 -0.88
N GLN A 16 1.13 15.26 0.16
CA GLN A 16 0.85 14.23 1.16
C GLN A 16 -0.56 13.69 0.90
N ALA A 17 -0.81 12.44 1.27
CA ALA A 17 -2.07 11.76 1.06
C ALA A 17 -2.35 10.79 2.21
N LYS A 18 -3.57 10.25 2.27
CA LYS A 18 -4.05 9.46 3.39
C LYS A 18 -4.52 8.13 2.80
N VAL A 19 -3.54 7.29 2.47
CA VAL A 19 -3.75 6.04 1.77
C VAL A 19 -4.35 5.06 2.78
N ASP A 20 -5.47 4.41 2.44
CA ASP A 20 -6.00 3.30 3.22
C ASP A 20 -5.11 2.09 2.94
N VAL A 21 -4.27 1.72 3.92
CA VAL A 21 -3.39 0.56 3.83
C VAL A 21 -4.22 -0.67 4.23
N CYS A 22 -5.30 -0.89 3.49
CA CYS A 22 -6.27 -1.98 3.64
C CYS A 22 -6.65 -2.28 5.10
N GLY A 23 -7.00 -1.23 5.86
CA GLY A 23 -7.46 -1.39 7.24
C GLY A 23 -7.67 -0.05 7.92
N ILE A 24 -6.79 0.92 7.69
CA ILE A 24 -6.91 2.29 8.19
C ILE A 24 -6.15 3.20 7.23
N GLN A 25 -6.57 4.47 7.16
CA GLN A 25 -5.82 5.49 6.44
C GLN A 25 -4.53 5.79 7.20
N ARG A 26 -3.42 5.91 6.47
CA ARG A 26 -2.11 6.29 6.98
C ARG A 26 -1.70 7.52 6.20
N ASP A 27 -1.31 8.59 6.90
CA ASP A 27 -0.81 9.80 6.26
C ASP A 27 0.61 9.53 5.76
N VAL A 28 0.82 9.65 4.45
CA VAL A 28 2.04 9.26 3.75
C VAL A 28 2.36 10.27 2.64
N ASP A 29 3.52 10.13 2.02
CA ASP A 29 4.09 11.10 1.09
C ASP A 29 4.05 10.58 -0.35
N LEU A 30 3.79 11.46 -1.33
CA LEU A 30 3.63 11.10 -2.75
C LEU A 30 4.74 11.66 -3.63
N THR A 31 5.82 12.22 -3.10
CA THR A 31 6.85 12.91 -3.90
C THR A 31 7.41 12.02 -5.03
N LEU A 32 7.51 10.70 -4.78
CA LEU A 32 8.08 9.75 -5.73
C LEU A 32 7.12 9.40 -6.88
N VAL A 33 5.85 9.81 -6.82
CA VAL A 33 4.82 9.46 -7.82
C VAL A 33 4.04 10.68 -8.32
N GLY A 34 4.10 11.81 -7.62
CA GLY A 34 3.36 13.03 -7.91
C GLY A 34 1.95 12.94 -7.34
N SER A 35 1.41 14.09 -6.94
CA SER A 35 0.06 14.25 -6.40
C SER A 35 -1.02 13.95 -7.46
N CYS A 36 -0.65 14.04 -8.74
CA CYS A 36 -1.52 13.88 -9.88
C CYS A 36 -0.95 12.84 -10.84
N ASP A 37 -1.79 12.44 -11.79
CA ASP A 37 -1.60 11.33 -12.71
C ASP A 37 -1.54 11.85 -14.14
N GLU A 38 -0.87 11.13 -15.04
CA GLU A 38 -0.60 11.54 -16.42
C GLU A 38 -1.89 11.86 -17.20
N ASN A 39 -3.02 11.26 -16.81
CA ASN A 39 -4.33 11.54 -17.40
C ASN A 39 -4.77 13.01 -17.20
N GLY A 40 -4.23 13.70 -16.19
CA GLY A 40 -4.64 15.06 -15.84
C GLY A 40 -5.69 15.04 -14.73
N GLN A 41 -5.44 14.25 -13.68
CA GLN A 41 -6.35 14.03 -12.56
C GLN A 41 -5.53 13.85 -11.28
N PRO A 42 -6.07 14.14 -10.08
CA PRO A 42 -5.40 13.78 -8.83
C PRO A 42 -5.37 12.25 -8.72
N ARG A 43 -4.38 11.68 -8.01
CA ARG A 43 -4.23 10.23 -7.88
C ARG A 43 -5.31 9.55 -7.00
N VAL A 44 -6.37 10.25 -6.64
CA VAL A 44 -7.36 9.75 -5.69
C VAL A 44 -8.00 8.48 -6.27
N GLY A 45 -8.19 7.46 -5.42
CA GLY A 45 -8.80 6.19 -5.80
C GLY A 45 -7.84 5.23 -6.51
N GLN A 46 -6.65 5.68 -6.95
CA GLN A 46 -5.64 4.76 -7.47
C GLN A 46 -5.12 3.88 -6.33
N TRP A 47 -4.45 2.77 -6.67
CA TRP A 47 -3.80 1.91 -5.70
C TRP A 47 -2.29 2.16 -5.78
N VAL A 48 -1.59 1.87 -4.69
CA VAL A 48 -0.18 2.23 -4.55
C VAL A 48 0.47 1.24 -3.59
N LEU A 49 1.72 0.87 -3.85
CA LEU A 49 2.55 0.12 -2.93
C LEU A 49 3.18 1.16 -2.01
N VAL A 50 2.82 1.16 -0.72
CA VAL A 50 3.38 2.09 0.25
C VAL A 50 4.57 1.39 0.91
N HIS A 51 5.68 2.10 1.10
CA HIS A 51 6.87 1.61 1.79
C HIS A 51 7.38 2.70 2.73
N VAL A 52 7.87 2.33 3.91
CA VAL A 52 8.30 3.21 5.00
C VAL A 52 7.17 4.15 5.43
N GLY A 53 6.89 5.20 4.65
CA GLY A 53 5.82 6.17 4.81
C GLY A 53 5.64 6.98 3.51
N PHE A 54 5.97 6.37 2.38
CA PHE A 54 6.07 7.00 1.06
C PHE A 54 5.50 6.04 0.03
N ALA A 55 4.83 6.57 -0.99
CA ALA A 55 4.42 5.80 -2.15
C ALA A 55 5.69 5.32 -2.86
N MET A 56 5.86 4.01 -3.05
CA MET A 56 6.94 3.48 -3.88
C MET A 56 6.51 3.58 -5.35
N SER A 57 5.38 2.96 -5.68
CA SER A 57 4.90 2.83 -7.06
C SER A 57 3.38 2.77 -7.07
N VAL A 58 2.75 3.46 -8.01
CA VAL A 58 1.31 3.32 -8.29
C VAL A 58 1.14 1.95 -8.96
N ILE A 59 0.02 1.26 -8.69
CA ILE A 59 -0.27 -0.08 -9.18
C ILE A 59 -1.74 -0.14 -9.60
N ASN A 60 -2.11 -1.10 -10.46
CA ASN A 60 -3.50 -1.31 -10.83
C ASN A 60 -4.25 -2.13 -9.78
N GLU A 61 -5.58 -2.19 -9.86
CA GLU A 61 -6.43 -2.75 -8.83
C GLU A 61 -6.25 -4.27 -8.67
N ALA A 62 -5.97 -4.98 -9.76
CA ALA A 62 -5.77 -6.43 -9.72
C ALA A 62 -4.36 -6.75 -9.22
N GLU A 63 -3.38 -5.96 -9.65
CA GLU A 63 -2.00 -6.02 -9.18
C GLU A 63 -1.94 -5.76 -7.67
N ALA A 64 -2.72 -4.81 -7.16
CA ALA A 64 -2.84 -4.55 -5.73
C ALA A 64 -3.37 -5.78 -5.00
N ARG A 65 -4.49 -6.34 -5.47
CA ARG A 65 -5.11 -7.50 -4.82
C ARG A 65 -4.18 -8.71 -4.86
N ASP A 66 -3.47 -8.94 -5.98
CA ASP A 66 -2.49 -10.03 -6.08
C ASP A 66 -1.35 -9.82 -5.09
N THR A 67 -0.84 -8.59 -4.98
CA THR A 67 0.24 -8.27 -4.05
C THR A 67 -0.24 -8.43 -2.60
N LEU A 68 -1.48 -8.04 -2.27
CA LEU A 68 -2.05 -8.22 -0.94
C LEU A 68 -2.19 -9.70 -0.61
N ASP A 69 -2.64 -10.51 -1.56
CA ASP A 69 -2.81 -11.95 -1.37
C ASP A 69 -1.46 -12.63 -1.13
N ALA A 70 -0.41 -12.20 -1.85
CA ALA A 70 0.94 -12.68 -1.62
C ALA A 70 1.42 -12.24 -0.23
N LEU A 71 1.31 -10.95 0.09
CA LEU A 71 1.83 -10.35 1.32
C LEU A 71 1.27 -11.08 2.55
N GLN A 72 -0.04 -11.31 2.60
CA GLN A 72 -0.70 -11.96 3.73
C GLN A 72 -0.43 -13.47 3.84
N ASN A 73 0.43 -14.03 2.99
CA ASN A 73 0.79 -15.47 3.00
C ASN A 73 2.30 -15.66 3.05
N MET A 74 3.09 -14.73 2.48
CA MET A 74 4.55 -14.82 2.44
C MET A 74 5.19 -14.89 3.84
N PHE A 75 4.50 -14.48 4.90
CA PHE A 75 5.02 -14.65 6.26
C PHE A 75 5.33 -16.11 6.60
N ASP A 76 4.73 -17.07 5.89
CA ASP A 76 4.99 -18.51 6.05
C ASP A 76 6.42 -18.89 5.65
N VAL A 77 7.11 -18.06 4.86
CA VAL A 77 8.44 -18.33 4.30
C VAL A 77 9.42 -17.18 4.55
N GLU A 78 8.94 -15.98 4.86
CA GLU A 78 9.73 -14.82 5.23
C GLU A 78 8.96 -14.01 6.27
N PRO A 79 8.98 -14.44 7.56
CA PRO A 79 8.11 -13.88 8.60
C PRO A 79 8.36 -12.40 8.91
N ASP A 80 9.44 -11.82 8.40
CA ASP A 80 9.68 -10.37 8.42
C ASP A 80 8.49 -9.61 7.84
N VAL A 81 7.84 -10.10 6.78
CA VAL A 81 6.68 -9.40 6.21
C VAL A 81 5.48 -9.46 7.18
N GLY A 82 5.39 -10.51 8.01
CA GLY A 82 4.36 -10.62 9.02
C GLY A 82 4.60 -9.58 10.09
N ALA A 83 5.83 -9.49 10.61
CA ALA A 83 6.20 -8.47 11.59
C ALA A 83 5.96 -7.07 11.04
N LEU A 84 6.36 -6.81 9.79
CA LEU A 84 6.15 -5.56 9.09
C LEU A 84 4.66 -5.23 9.03
N LEU A 85 3.82 -6.18 8.62
CA LEU A 85 2.37 -6.01 8.59
C LEU A 85 1.82 -5.69 9.98
N TYR A 86 2.32 -6.37 11.02
CA TYR A 86 1.94 -6.09 12.40
C TYR A 86 2.35 -4.68 12.82
N GLY A 87 3.47 -4.15 12.31
CA GLY A 87 3.83 -2.75 12.47
C GLY A 87 5.31 -2.42 12.26
N GLU A 88 6.23 -3.39 12.36
CA GLU A 88 7.67 -3.13 12.37
C GLU A 88 8.42 -4.30 11.74
N GLU A 89 9.35 -4.01 10.82
CA GLU A 89 10.29 -5.00 10.28
C GLU A 89 11.11 -5.68 11.41
N LYS A 90 11.63 -6.87 11.14
CA LYS A 90 12.32 -7.71 12.12
C LYS A 90 13.56 -8.33 11.46
N MET A 1 6.17 5.94 9.69
CA MET A 1 5.71 4.59 10.07
C MET A 1 6.33 3.56 9.11
N CYS A 2 6.82 2.43 9.65
CA CYS A 2 7.48 1.35 8.90
C CYS A 2 6.49 0.48 8.11
N ILE A 3 5.54 1.10 7.39
CA ILE A 3 4.67 0.40 6.45
C ILE A 3 5.52 -0.26 5.34
N GLY A 4 4.96 -1.25 4.64
CA GLY A 4 5.67 -2.03 3.63
C GLY A 4 4.74 -2.96 2.87
N VAL A 5 3.54 -2.48 2.50
CA VAL A 5 2.44 -3.27 1.96
C VAL A 5 1.69 -2.37 0.96
N PRO A 6 1.03 -2.89 -0.09
CA PRO A 6 0.14 -2.08 -0.92
C PRO A 6 -0.94 -1.36 -0.11
N GLY A 7 -1.49 -0.29 -0.67
CA GLY A 7 -2.61 0.46 -0.11
C GLY A 7 -3.33 1.24 -1.21
N GLN A 8 -4.47 1.85 -0.87
CA GLN A 8 -5.32 2.59 -1.81
C GLN A 8 -5.43 4.03 -1.35
N ILE A 9 -5.20 4.98 -2.26
CA ILE A 9 -5.32 6.41 -1.99
C ILE A 9 -6.82 6.70 -1.79
N ARG A 10 -7.17 7.39 -0.71
CA ARG A 10 -8.58 7.70 -0.38
C ARG A 10 -8.81 9.20 -0.32
N THR A 11 -7.81 9.99 0.09
CA THR A 11 -7.89 11.46 0.10
C THR A 11 -6.49 11.98 -0.21
N ILE A 12 -6.37 13.19 -0.77
CA ILE A 12 -5.10 13.84 -1.07
C ILE A 12 -5.23 15.27 -0.54
N ASP A 13 -4.14 15.81 0.03
CA ASP A 13 -4.10 17.13 0.65
C ASP A 13 -3.03 18.03 0.00
N GLY A 14 -2.10 17.44 -0.75
CA GLY A 14 -1.01 18.11 -1.43
C GLY A 14 -0.08 17.04 -1.95
N ASN A 15 1.24 17.22 -1.77
CA ASN A 15 2.25 16.19 -2.02
C ASN A 15 2.15 14.99 -1.05
N GLN A 16 1.13 14.96 -0.19
CA GLN A 16 0.87 13.91 0.79
C GLN A 16 -0.62 13.57 0.70
N ALA A 17 -0.94 12.33 1.06
CA ALA A 17 -2.26 11.73 0.88
C ALA A 17 -2.56 10.78 2.03
N LYS A 18 -3.84 10.52 2.27
CA LYS A 18 -4.30 9.48 3.18
C LYS A 18 -4.55 8.24 2.32
N VAL A 19 -3.87 7.16 2.68
CA VAL A 19 -3.85 5.91 1.93
C VAL A 19 -4.27 4.83 2.92
N ASP A 20 -5.33 4.09 2.60
CA ASP A 20 -5.73 2.92 3.37
C ASP A 20 -4.66 1.86 3.19
N VAL A 21 -4.16 1.30 4.29
CA VAL A 21 -3.28 0.15 4.30
C VAL A 21 -3.92 -0.83 5.29
N CYS A 22 -4.19 -2.06 4.83
CA CYS A 22 -4.80 -3.13 5.61
C CYS A 22 -6.09 -2.72 6.37
N GLY A 23 -6.83 -1.71 5.87
CA GLY A 23 -8.13 -1.32 6.40
C GLY A 23 -8.11 -0.02 7.19
N ILE A 24 -6.95 0.63 7.37
CA ILE A 24 -6.79 1.81 8.21
C ILE A 24 -5.97 2.83 7.42
N GLN A 25 -6.41 4.09 7.38
CA GLN A 25 -5.70 5.15 6.68
C GLN A 25 -4.37 5.45 7.37
N ARG A 26 -3.33 5.69 6.57
CA ARG A 26 -2.02 6.19 6.97
C ARG A 26 -1.74 7.42 6.10
N ASP A 27 -0.99 8.41 6.60
CA ASP A 27 -0.52 9.49 5.74
C ASP A 27 0.72 8.97 4.98
N VAL A 28 0.80 9.24 3.69
CA VAL A 28 1.85 8.76 2.81
C VAL A 28 2.27 9.93 1.90
N ASP A 29 3.57 10.11 1.73
CA ASP A 29 4.17 11.08 0.82
C ASP A 29 4.16 10.54 -0.61
N LEU A 30 3.87 11.40 -1.59
CA LEU A 30 3.64 11.02 -2.98
C LEU A 30 4.72 11.56 -3.94
N THR A 31 5.88 12.04 -3.45
CA THR A 31 6.88 12.70 -4.29
C THR A 31 7.28 11.85 -5.51
N LEU A 32 7.35 10.52 -5.35
CA LEU A 32 7.84 9.61 -6.40
C LEU A 32 6.77 9.30 -7.46
N VAL A 33 5.50 9.72 -7.26
CA VAL A 33 4.39 9.38 -8.16
C VAL A 33 3.56 10.61 -8.55
N GLY A 34 3.67 11.72 -7.82
CA GLY A 34 2.87 12.92 -8.02
C GLY A 34 1.48 12.75 -7.42
N SER A 35 0.87 13.86 -7.00
CA SER A 35 -0.45 13.90 -6.40
C SER A 35 -1.58 13.70 -7.43
N CYS A 36 -1.29 13.90 -8.72
CA CYS A 36 -2.25 13.76 -9.81
C CYS A 36 -1.72 12.75 -10.82
N ASP A 37 -2.65 12.07 -11.48
CA ASP A 37 -2.36 11.11 -12.54
C ASP A 37 -2.04 11.82 -13.85
N GLU A 38 -1.40 11.10 -14.78
CA GLU A 38 -1.17 11.51 -16.16
C GLU A 38 -2.42 12.09 -16.82
N ASN A 39 -3.58 11.47 -16.55
CA ASN A 39 -4.87 11.85 -17.10
C ASN A 39 -5.35 13.23 -16.62
N GLY A 40 -4.74 13.81 -15.58
CA GLY A 40 -4.95 15.18 -15.17
C GLY A 40 -5.99 15.35 -14.07
N GLN A 41 -6.06 14.42 -13.11
CA GLN A 41 -6.88 14.55 -11.91
C GLN A 41 -6.14 13.93 -10.72
N PRO A 42 -6.55 14.21 -9.46
CA PRO A 42 -5.95 13.58 -8.27
C PRO A 42 -5.92 12.06 -8.37
N ARG A 43 -4.89 11.42 -7.79
CA ARG A 43 -4.73 9.95 -7.80
C ARG A 43 -5.74 9.20 -6.89
N VAL A 44 -6.86 9.81 -6.51
CA VAL A 44 -7.83 9.20 -5.61
C VAL A 44 -8.33 7.88 -6.20
N GLY A 45 -8.46 6.85 -5.36
CA GLY A 45 -8.93 5.52 -5.75
C GLY A 45 -7.84 4.64 -6.36
N GLN A 46 -6.71 5.20 -6.82
CA GLN A 46 -5.59 4.42 -7.32
C GLN A 46 -4.91 3.69 -6.15
N TRP A 47 -4.14 2.66 -6.45
CA TRP A 47 -3.38 1.91 -5.47
C TRP A 47 -1.92 2.26 -5.60
N VAL A 48 -1.16 2.05 -4.53
CA VAL A 48 0.24 2.39 -4.43
C VAL A 48 0.91 1.32 -3.57
N LEU A 49 2.13 0.96 -3.93
CA LEU A 49 3.00 0.14 -3.10
C LEU A 49 3.69 1.15 -2.19
N VAL A 50 3.46 1.06 -0.88
CA VAL A 50 3.93 2.08 0.06
C VAL A 50 4.93 1.42 1.01
N HIS A 51 6.03 2.11 1.29
CA HIS A 51 7.10 1.65 2.18
C HIS A 51 7.54 2.86 2.98
N VAL A 52 7.81 2.68 4.28
CA VAL A 52 8.39 3.67 5.20
C VAL A 52 7.79 5.09 5.11
N GLY A 53 6.52 5.21 4.71
CA GLY A 53 5.79 6.48 4.66
C GLY A 53 5.75 7.12 3.27
N PHE A 54 6.24 6.45 2.21
CA PHE A 54 6.30 6.98 0.86
C PHE A 54 5.68 5.99 -0.11
N ALA A 55 4.96 6.50 -1.12
CA ALA A 55 4.49 5.68 -2.23
C ALA A 55 5.70 5.46 -3.14
N MET A 56 6.14 4.21 -3.26
CA MET A 56 7.31 3.86 -4.05
C MET A 56 6.94 3.59 -5.51
N SER A 57 5.70 3.17 -5.77
CA SER A 57 5.13 3.04 -7.11
C SER A 57 3.61 3.15 -7.02
N VAL A 58 2.97 3.53 -8.12
CA VAL A 58 1.52 3.56 -8.28
C VAL A 58 1.15 2.38 -9.19
N ILE A 59 0.08 1.66 -8.85
CA ILE A 59 -0.29 0.38 -9.45
C ILE A 59 -1.80 0.30 -9.65
N ASN A 60 -2.23 -0.60 -10.55
CA ASN A 60 -3.64 -0.92 -10.77
C ASN A 60 -4.14 -1.90 -9.70
N GLU A 61 -5.46 -2.11 -9.63
CA GLU A 61 -6.08 -2.85 -8.54
C GLU A 61 -5.75 -4.35 -8.58
N ALA A 62 -5.51 -4.93 -9.76
CA ALA A 62 -5.17 -6.34 -9.89
C ALA A 62 -3.73 -6.57 -9.44
N GLU A 63 -2.82 -5.66 -9.82
CA GLU A 63 -1.44 -5.68 -9.37
C GLU A 63 -1.38 -5.52 -7.85
N ALA A 64 -2.21 -4.62 -7.29
CA ALA A 64 -2.29 -4.42 -5.85
C ALA A 64 -2.75 -5.69 -5.14
N ARG A 65 -3.83 -6.33 -5.63
CA ARG A 65 -4.36 -7.55 -5.03
C ARG A 65 -3.36 -8.70 -5.15
N ASP A 66 -2.65 -8.82 -6.27
CA ASP A 66 -1.63 -9.85 -6.44
C ASP A 66 -0.47 -9.62 -5.46
N THR A 67 -0.04 -8.36 -5.29
CA THR A 67 1.02 -8.02 -4.35
C THR A 67 0.56 -8.26 -2.90
N LEU A 68 -0.71 -7.97 -2.57
CA LEU A 68 -1.27 -8.27 -1.26
C LEU A 68 -1.26 -9.76 -1.02
N ASP A 69 -1.68 -10.58 -2.00
CA ASP A 69 -1.64 -12.03 -1.86
C ASP A 69 -0.21 -12.54 -1.66
N ALA A 70 0.77 -11.98 -2.38
CA ALA A 70 2.18 -12.32 -2.21
C ALA A 70 2.69 -11.95 -0.81
N LEU A 71 2.19 -10.86 -0.22
CA LEU A 71 2.55 -10.42 1.13
C LEU A 71 1.86 -11.30 2.18
N GLN A 72 0.60 -11.69 1.96
CA GLN A 72 -0.14 -12.59 2.84
C GLN A 72 0.46 -14.00 2.82
N ASN A 73 1.06 -14.44 1.71
CA ASN A 73 1.80 -15.69 1.66
C ASN A 73 2.91 -15.65 2.72
N MET A 74 3.14 -16.78 3.38
CA MET A 74 4.13 -16.96 4.45
C MET A 74 3.86 -16.12 5.73
N PHE A 75 2.68 -15.47 5.85
CA PHE A 75 2.44 -14.49 6.92
C PHE A 75 1.01 -14.57 7.46
N ASP A 76 0.01 -14.73 6.59
CA ASP A 76 -1.41 -14.62 6.93
C ASP A 76 -2.23 -15.78 6.35
N VAL A 77 -1.74 -16.44 5.30
CA VAL A 77 -2.30 -17.70 4.80
C VAL A 77 -2.17 -18.82 5.85
N GLU A 78 -1.31 -18.62 6.84
CA GLU A 78 -1.11 -19.42 8.03
C GLU A 78 -1.02 -18.41 9.20
N PRO A 79 -1.29 -18.80 10.46
CA PRO A 79 -1.40 -17.88 11.59
C PRO A 79 -0.04 -17.34 12.10
N ASP A 80 0.96 -17.18 11.22
CA ASP A 80 2.27 -16.63 11.59
C ASP A 80 2.13 -15.20 12.13
N VAL A 81 1.25 -14.39 11.54
CA VAL A 81 0.89 -13.08 12.06
C VAL A 81 0.30 -13.21 13.47
N GLY A 82 -0.55 -14.20 13.72
CA GLY A 82 -1.17 -14.42 15.02
C GLY A 82 -0.12 -14.79 16.08
N ALA A 83 0.86 -15.60 15.70
CA ALA A 83 1.96 -16.00 16.58
C ALA A 83 2.79 -14.80 17.09
N LEU A 84 2.70 -13.65 16.44
CA LEU A 84 3.33 -12.41 16.86
C LEU A 84 2.30 -11.49 17.51
N LEU A 85 1.13 -11.30 16.90
CA LEU A 85 0.11 -10.37 17.36
C LEU A 85 -0.44 -10.75 18.73
N TYR A 86 -0.55 -12.06 19.02
CA TYR A 86 -1.10 -12.59 20.26
C TYR A 86 -0.24 -13.72 20.85
N GLY A 87 0.60 -14.36 20.02
CA GLY A 87 1.36 -15.55 20.40
C GLY A 87 2.64 -15.24 21.17
N GLU A 88 3.51 -16.24 21.27
CA GLU A 88 4.68 -16.22 22.15
C GLU A 88 5.76 -15.24 21.65
N GLU A 89 5.73 -14.85 20.38
CA GLU A 89 6.71 -13.94 19.82
C GLU A 89 6.38 -12.47 20.16
N LYS A 90 5.19 -12.21 20.73
CA LYS A 90 4.73 -10.89 21.15
C LYS A 90 5.74 -10.25 22.11
N MET A 1 11.53 0.39 7.79
CA MET A 1 10.27 0.03 8.48
C MET A 1 9.60 -1.11 7.72
N CYS A 2 9.35 -2.25 8.38
CA CYS A 2 8.78 -3.46 7.78
C CYS A 2 7.27 -3.34 7.58
N ILE A 3 6.82 -2.30 6.86
CA ILE A 3 5.40 -1.94 6.68
C ILE A 3 5.03 -1.82 5.20
N GLY A 4 5.81 -2.46 4.33
CA GLY A 4 5.64 -2.48 2.89
C GLY A 4 4.39 -3.26 2.49
N VAL A 5 3.27 -2.57 2.37
CA VAL A 5 1.96 -3.16 2.06
C VAL A 5 1.27 -2.22 1.06
N PRO A 6 0.49 -2.72 0.08
CA PRO A 6 -0.28 -1.88 -0.82
C PRO A 6 -1.49 -1.25 -0.13
N GLY A 7 -2.03 -0.18 -0.71
CA GLY A 7 -3.28 0.43 -0.29
C GLY A 7 -3.81 1.37 -1.37
N GLN A 8 -5.02 1.89 -1.17
CA GLN A 8 -5.64 2.82 -2.11
C GLN A 8 -5.38 4.24 -1.62
N ILE A 9 -5.03 5.17 -2.51
CA ILE A 9 -4.96 6.59 -2.20
C ILE A 9 -6.42 7.04 -2.00
N ARG A 10 -6.88 7.04 -0.74
CA ARG A 10 -8.29 7.26 -0.43
C ARG A 10 -8.61 8.75 -0.47
N THR A 11 -7.66 9.61 -0.09
CA THR A 11 -7.82 11.06 -0.06
C THR A 11 -6.45 11.69 -0.33
N ILE A 12 -6.41 12.89 -0.89
CA ILE A 12 -5.20 13.64 -1.19
C ILE A 12 -5.41 15.06 -0.64
N ASP A 13 -4.35 15.69 -0.13
CA ASP A 13 -4.38 17.03 0.46
C ASP A 13 -3.39 17.98 -0.21
N GLY A 14 -2.38 17.44 -0.89
CA GLY A 14 -1.35 18.20 -1.58
C GLY A 14 -0.25 17.23 -1.96
N ASN A 15 1.01 17.54 -1.64
CA ASN A 15 2.12 16.59 -1.76
C ASN A 15 1.99 15.40 -0.79
N GLN A 16 0.98 15.38 0.08
CA GLN A 16 0.68 14.27 0.99
C GLN A 16 -0.77 13.82 0.78
N ALA A 17 -1.03 12.57 1.18
CA ALA A 17 -2.27 11.86 0.95
C ALA A 17 -2.46 10.78 2.00
N LYS A 18 -3.70 10.31 2.18
CA LYS A 18 -4.03 9.21 3.08
C LYS A 18 -4.21 7.98 2.22
N VAL A 19 -3.31 7.01 2.35
CA VAL A 19 -3.47 5.71 1.73
C VAL A 19 -4.17 4.81 2.75
N ASP A 20 -5.30 4.23 2.38
CA ASP A 20 -5.95 3.18 3.17
C ASP A 20 -5.30 1.85 2.81
N VAL A 21 -4.52 1.30 3.74
CA VAL A 21 -3.90 -0.02 3.66
C VAL A 21 -4.95 -1.04 4.12
N CYS A 22 -6.06 -1.09 3.38
CA CYS A 22 -7.21 -1.98 3.54
C CYS A 22 -7.61 -2.25 5.01
N GLY A 23 -7.68 -1.21 5.85
CA GLY A 23 -8.09 -1.35 7.23
C GLY A 23 -7.52 -0.27 8.16
N ILE A 24 -6.46 0.44 7.74
CA ILE A 24 -5.90 1.56 8.48
C ILE A 24 -5.45 2.59 7.45
N GLN A 25 -5.59 3.87 7.78
CA GLN A 25 -5.13 4.96 6.93
C GLN A 25 -3.74 5.35 7.40
N ARG A 26 -2.83 5.52 6.44
CA ARG A 26 -1.45 5.92 6.65
C ARG A 26 -1.22 7.14 5.78
N ASP A 27 -0.87 8.26 6.40
CA ASP A 27 -0.48 9.46 5.67
C ASP A 27 0.88 9.22 5.03
N VAL A 28 1.02 9.52 3.75
CA VAL A 28 2.26 9.35 3.00
C VAL A 28 2.45 10.54 2.06
N ASP A 29 3.70 10.82 1.70
CA ASP A 29 4.04 11.80 0.67
C ASP A 29 3.97 11.15 -0.71
N LEU A 30 3.57 11.90 -1.74
CA LEU A 30 3.33 11.39 -3.10
C LEU A 30 4.35 11.91 -4.11
N THR A 31 5.36 12.69 -3.71
CA THR A 31 6.29 13.34 -4.65
C THR A 31 7.03 12.31 -5.54
N LEU A 32 7.20 11.06 -5.08
CA LEU A 32 7.81 9.99 -5.88
C LEU A 32 6.98 9.60 -7.10
N VAL A 33 5.68 9.92 -7.12
CA VAL A 33 4.74 9.52 -8.18
C VAL A 33 3.94 10.72 -8.72
N GLY A 34 4.01 11.88 -8.06
CA GLY A 34 3.18 13.05 -8.30
C GLY A 34 1.79 12.83 -7.72
N SER A 35 1.20 13.86 -7.10
CA SER A 35 -0.15 13.77 -6.55
C SER A 35 -1.24 13.70 -7.62
N CYS A 36 -0.90 13.96 -8.88
CA CYS A 36 -1.81 13.90 -10.02
C CYS A 36 -1.31 12.87 -11.01
N ASP A 37 -2.24 12.19 -11.67
CA ASP A 37 -1.98 11.21 -12.71
C ASP A 37 -1.69 11.92 -14.03
N GLU A 38 -1.04 11.20 -14.95
CA GLU A 38 -0.79 11.63 -16.33
C GLU A 38 -2.06 12.14 -17.03
N ASN A 39 -3.22 11.56 -16.70
CA ASN A 39 -4.50 11.94 -17.31
C ASN A 39 -4.95 13.35 -16.92
N GLY A 40 -4.34 13.97 -15.91
CA GLY A 40 -4.54 15.39 -15.60
C GLY A 40 -5.50 15.66 -14.45
N GLN A 41 -5.59 14.77 -13.45
CA GLN A 41 -6.36 15.00 -12.22
C GLN A 41 -5.64 14.31 -11.05
N PRO A 42 -6.00 14.59 -9.79
CA PRO A 42 -5.45 13.90 -8.62
C PRO A 42 -5.49 12.37 -8.76
N ARG A 43 -4.55 11.65 -8.13
CA ARG A 43 -4.49 10.19 -8.13
C ARG A 43 -5.56 9.53 -7.23
N VAL A 44 -6.65 10.22 -6.89
CA VAL A 44 -7.66 9.72 -5.98
C VAL A 44 -8.20 8.38 -6.52
N GLY A 45 -8.28 7.37 -5.64
CA GLY A 45 -8.80 6.05 -5.96
C GLY A 45 -7.79 5.11 -6.61
N GLN A 46 -6.62 5.61 -7.05
CA GLN A 46 -5.55 4.74 -7.53
C GLN A 46 -4.93 3.98 -6.35
N TRP A 47 -4.08 2.98 -6.63
CA TRP A 47 -3.44 2.15 -5.62
C TRP A 47 -1.93 2.32 -5.71
N VAL A 48 -1.26 2.17 -4.57
CA VAL A 48 0.16 2.39 -4.40
C VAL A 48 0.71 1.43 -3.36
N LEU A 49 2.01 1.15 -3.44
CA LEU A 49 2.76 0.47 -2.39
C LEU A 49 3.16 1.56 -1.40
N VAL A 50 3.10 1.31 -0.10
CA VAL A 50 3.56 2.25 0.91
C VAL A 50 4.44 1.49 1.89
N HIS A 51 5.67 1.98 2.12
CA HIS A 51 6.70 1.24 2.85
C HIS A 51 7.58 2.13 3.73
N VAL A 52 7.77 3.40 3.36
CA VAL A 52 8.76 4.28 4.00
C VAL A 52 8.20 5.70 4.28
N GLY A 53 6.87 5.84 4.31
CA GLY A 53 6.20 7.14 4.47
C GLY A 53 5.99 7.86 3.14
N PHE A 54 6.22 7.16 2.02
CA PHE A 54 6.02 7.67 0.67
C PHE A 54 5.31 6.59 -0.14
N ALA A 55 4.56 6.99 -1.17
CA ALA A 55 4.02 6.06 -2.17
C ALA A 55 5.22 5.55 -2.98
N MET A 56 5.63 4.31 -2.74
CA MET A 56 6.84 3.74 -3.28
C MET A 56 6.72 3.50 -4.79
N SER A 57 5.56 3.06 -5.28
CA SER A 57 5.20 2.98 -6.69
C SER A 57 3.68 2.90 -6.81
N VAL A 58 3.12 3.32 -7.96
CA VAL A 58 1.72 3.11 -8.31
C VAL A 58 1.57 1.65 -8.79
N ILE A 59 0.42 1.05 -8.51
CA ILE A 59 0.05 -0.31 -8.92
C ILE A 59 -1.40 -0.31 -9.40
N ASN A 60 -1.80 -1.33 -10.15
CA ASN A 60 -3.20 -1.48 -10.56
C ASN A 60 -4.05 -1.95 -9.38
N GLU A 61 -5.36 -1.79 -9.52
CA GLU A 61 -6.39 -2.18 -8.57
C GLU A 61 -6.34 -3.67 -8.23
N ALA A 62 -6.10 -4.52 -9.24
CA ALA A 62 -6.03 -5.96 -9.09
C ALA A 62 -4.64 -6.40 -8.60
N GLU A 63 -3.61 -5.68 -9.03
CA GLU A 63 -2.21 -5.92 -8.66
C GLU A 63 -2.03 -5.73 -7.15
N ALA A 64 -2.76 -4.78 -6.55
CA ALA A 64 -2.81 -4.63 -5.11
C ALA A 64 -3.30 -5.91 -4.42
N ARG A 65 -4.33 -6.56 -4.96
CA ARG A 65 -4.90 -7.76 -4.34
C ARG A 65 -3.92 -8.92 -4.47
N ASP A 66 -3.27 -9.05 -5.63
CA ASP A 66 -2.24 -10.06 -5.84
C ASP A 66 -1.07 -9.85 -4.87
N THR A 67 -0.68 -8.60 -4.64
CA THR A 67 0.37 -8.24 -3.71
C THR A 67 -0.06 -8.57 -2.26
N LEU A 68 -1.31 -8.30 -1.87
CA LEU A 68 -1.82 -8.67 -0.55
C LEU A 68 -1.79 -10.19 -0.38
N ASP A 69 -2.16 -10.94 -1.42
CA ASP A 69 -2.13 -12.40 -1.36
C ASP A 69 -0.70 -12.90 -1.20
N ALA A 70 0.27 -12.32 -1.92
CA ALA A 70 1.68 -12.65 -1.75
C ALA A 70 2.14 -12.34 -0.31
N LEU A 71 1.72 -11.20 0.24
CA LEU A 71 2.10 -10.77 1.58
C LEU A 71 1.62 -11.79 2.61
N GLN A 72 0.33 -12.15 2.59
CA GLN A 72 -0.20 -13.14 3.53
C GLN A 72 0.39 -14.53 3.27
N ASN A 73 0.72 -14.85 2.01
CA ASN A 73 1.23 -16.17 1.65
C ASN A 73 2.61 -16.37 2.28
N MET A 74 3.42 -15.30 2.33
CA MET A 74 4.76 -15.32 2.89
C MET A 74 4.75 -15.90 4.31
N PHE A 75 3.97 -15.29 5.21
CA PHE A 75 3.92 -15.75 6.59
C PHE A 75 3.15 -17.07 6.74
N ASP A 76 2.30 -17.44 5.77
CA ASP A 76 1.62 -18.73 5.78
C ASP A 76 2.57 -19.89 5.45
N VAL A 77 3.59 -19.67 4.60
CA VAL A 77 4.49 -20.73 4.14
C VAL A 77 5.86 -20.68 4.82
N GLU A 78 6.22 -19.56 5.48
CA GLU A 78 7.44 -19.41 6.27
C GLU A 78 7.10 -18.81 7.65
N PRO A 79 6.18 -19.41 8.44
CA PRO A 79 5.76 -18.86 9.73
C PRO A 79 6.92 -18.76 10.74
N ASP A 80 7.97 -19.56 10.57
CA ASP A 80 9.18 -19.54 11.40
C ASP A 80 9.87 -18.17 11.43
N VAL A 81 9.64 -17.33 10.41
CA VAL A 81 10.09 -15.94 10.37
C VAL A 81 8.90 -14.99 10.23
N GLY A 82 7.81 -15.41 9.57
CA GLY A 82 6.58 -14.65 9.44
C GLY A 82 6.02 -14.21 10.79
N ALA A 83 6.09 -15.07 11.82
CA ALA A 83 5.62 -14.76 13.17
C ALA A 83 6.44 -13.65 13.86
N LEU A 84 7.55 -13.20 13.28
CA LEU A 84 8.38 -12.13 13.83
C LEU A 84 8.41 -10.94 12.88
N LEU A 85 8.55 -11.19 11.56
CA LEU A 85 8.54 -10.16 10.54
C LEU A 85 7.16 -9.50 10.42
N TYR A 86 6.08 -10.25 10.68
CA TYR A 86 4.69 -9.85 10.56
C TYR A 86 3.90 -10.35 11.79
N GLY A 87 4.54 -10.42 12.96
CA GLY A 87 3.96 -10.94 14.19
C GLY A 87 4.74 -10.45 15.41
N GLU A 88 4.47 -11.06 16.57
CA GLU A 88 4.94 -10.61 17.87
C GLU A 88 5.69 -11.74 18.62
N GLU A 89 6.33 -12.66 17.88
CA GLU A 89 7.09 -13.78 18.44
C GLU A 89 8.18 -13.32 19.42
N LYS A 90 8.71 -12.10 19.26
CA LYS A 90 9.65 -11.46 20.18
C LYS A 90 9.31 -9.97 20.18
N MET A 1 10.50 1.45 11.63
CA MET A 1 9.09 1.10 11.30
C MET A 1 8.90 1.05 9.79
N CYS A 2 8.22 0.02 9.28
CA CYS A 2 7.92 -0.17 7.86
C CYS A 2 6.46 -0.62 7.73
N ILE A 3 5.87 -0.35 6.56
CA ILE A 3 4.46 -0.60 6.23
C ILE A 3 4.38 -1.12 4.79
N GLY A 4 5.24 -2.10 4.46
CA GLY A 4 5.44 -2.70 3.14
C GLY A 4 4.22 -3.48 2.62
N VAL A 5 3.14 -2.78 2.32
CA VAL A 5 1.82 -3.33 1.97
C VAL A 5 1.19 -2.37 0.94
N PRO A 6 0.37 -2.87 -0.01
CA PRO A 6 -0.44 -1.99 -0.87
C PRO A 6 -1.37 -1.07 -0.06
N GLY A 7 -1.90 -0.04 -0.71
CA GLY A 7 -2.95 0.79 -0.15
C GLY A 7 -3.65 1.57 -1.26
N GLN A 8 -4.85 2.09 -0.97
CA GLN A 8 -5.65 2.86 -1.91
C GLN A 8 -5.79 4.27 -1.36
N ILE A 9 -5.55 5.28 -2.20
CA ILE A 9 -5.61 6.68 -1.82
C ILE A 9 -7.09 7.03 -1.59
N ARG A 10 -7.44 7.42 -0.36
CA ARG A 10 -8.79 7.94 -0.06
C ARG A 10 -8.84 9.45 -0.23
N THR A 11 -7.74 10.16 0.03
CA THR A 11 -7.74 11.61 0.10
C THR A 11 -6.36 12.11 -0.32
N ILE A 12 -6.29 13.34 -0.85
CA ILE A 12 -5.05 14.05 -1.16
C ILE A 12 -5.25 15.46 -0.59
N ASP A 13 -4.19 16.02 -0.01
CA ASP A 13 -4.20 17.33 0.65
C ASP A 13 -3.21 18.30 -0.01
N GLY A 14 -2.24 17.78 -0.75
CA GLY A 14 -1.22 18.54 -1.45
C GLY A 14 -0.19 17.55 -1.96
N ASN A 15 1.09 17.77 -1.64
CA ASN A 15 2.15 16.79 -1.89
C ASN A 15 1.99 15.54 -1.01
N GLN A 16 1.06 15.56 -0.05
CA GLN A 16 0.75 14.45 0.85
C GLN A 16 -0.70 14.05 0.67
N ALA A 17 -0.99 12.82 1.09
CA ALA A 17 -2.23 12.10 0.86
C ALA A 17 -2.49 11.13 2.01
N LYS A 18 -3.62 10.44 1.97
CA LYS A 18 -4.00 9.45 2.97
C LYS A 18 -4.40 8.19 2.23
N VAL A 19 -3.80 7.07 2.60
CA VAL A 19 -3.99 5.78 1.98
C VAL A 19 -4.53 4.82 3.03
N ASP A 20 -5.50 3.99 2.66
CA ASP A 20 -5.93 2.88 3.50
C ASP A 20 -4.97 1.76 3.15
N VAL A 21 -4.06 1.44 4.07
CA VAL A 21 -3.00 0.44 3.90
C VAL A 21 -3.62 -0.94 4.17
N CYS A 22 -4.66 -1.27 3.39
CA CYS A 22 -5.45 -2.49 3.45
C CYS A 22 -5.84 -2.89 4.89
N GLY A 23 -6.26 -1.92 5.71
CA GLY A 23 -6.75 -2.19 7.06
C GLY A 23 -6.96 -0.92 7.88
N ILE A 24 -6.02 0.03 7.78
CA ILE A 24 -6.06 1.30 8.51
C ILE A 24 -5.54 2.42 7.62
N GLN A 25 -6.05 3.63 7.84
CA GLN A 25 -5.63 4.81 7.11
C GLN A 25 -4.27 5.27 7.66
N ARG A 26 -3.36 5.66 6.77
CA ARG A 26 -2.07 6.26 7.11
C ARG A 26 -1.80 7.45 6.18
N ASP A 27 -1.08 8.46 6.68
CA ASP A 27 -0.54 9.55 5.87
C ASP A 27 0.55 8.98 4.96
N VAL A 28 0.71 9.54 3.77
CA VAL A 28 1.79 9.19 2.85
C VAL A 28 2.18 10.45 2.07
N ASP A 29 3.46 10.63 1.78
CA ASP A 29 3.96 11.67 0.89
C ASP A 29 4.08 11.10 -0.53
N LEU A 30 3.80 11.92 -1.53
CA LEU A 30 3.67 11.50 -2.92
C LEU A 30 4.78 12.02 -3.83
N THR A 31 5.90 12.54 -3.30
CA THR A 31 6.99 13.09 -4.13
C THR A 31 7.45 12.12 -5.23
N LEU A 32 7.48 10.81 -4.93
CA LEU A 32 7.99 9.80 -5.86
C LEU A 32 7.01 9.49 -7.00
N VAL A 33 5.75 9.95 -6.94
CA VAL A 33 4.69 9.53 -7.87
C VAL A 33 3.84 10.70 -8.40
N GLY A 34 3.87 11.86 -7.74
CA GLY A 34 3.03 13.01 -8.03
C GLY A 34 1.63 12.82 -7.47
N SER A 35 1.00 13.93 -7.04
CA SER A 35 -0.37 13.96 -6.53
C SER A 35 -1.42 13.85 -7.65
N CYS A 36 -1.03 14.11 -8.90
CA CYS A 36 -1.87 13.92 -10.07
C CYS A 36 -1.31 12.79 -10.92
N ASP A 37 -2.15 12.26 -11.81
CA ASP A 37 -1.91 11.05 -12.56
C ASP A 37 -1.58 11.30 -14.03
N GLU A 38 -1.36 10.19 -14.75
CA GLU A 38 -0.98 10.13 -16.14
C GLU A 38 -2.09 10.62 -17.09
N ASN A 39 -3.33 10.77 -16.61
CA ASN A 39 -4.48 11.21 -17.41
C ASN A 39 -4.69 12.72 -17.24
N GLY A 40 -4.48 13.23 -16.03
CA GLY A 40 -4.61 14.64 -15.67
C GLY A 40 -5.55 14.87 -14.50
N GLN A 41 -5.71 13.91 -13.58
CA GLN A 41 -6.63 13.99 -12.44
C GLN A 41 -5.86 13.70 -11.14
N PRO A 42 -6.35 14.12 -9.97
CA PRO A 42 -5.73 13.76 -8.70
C PRO A 42 -5.81 12.25 -8.48
N ARG A 43 -4.79 11.63 -7.88
CA ARG A 43 -4.71 10.16 -7.72
C ARG A 43 -5.72 9.56 -6.73
N VAL A 44 -6.76 10.30 -6.30
CA VAL A 44 -7.79 9.76 -5.43
C VAL A 44 -8.38 8.50 -6.08
N GLY A 45 -8.48 7.41 -5.31
CA GLY A 45 -9.00 6.13 -5.75
C GLY A 45 -7.94 5.22 -6.39
N GLN A 46 -6.76 5.75 -6.77
CA GLN A 46 -5.68 4.92 -7.31
C GLN A 46 -4.99 4.17 -6.17
N TRP A 47 -4.25 3.12 -6.52
CA TRP A 47 -3.53 2.29 -5.57
C TRP A 47 -2.05 2.61 -5.68
N VAL A 48 -1.34 2.43 -4.56
CA VAL A 48 0.09 2.62 -4.47
C VAL A 48 0.65 1.53 -3.57
N LEU A 49 1.91 1.14 -3.81
CA LEU A 49 2.66 0.30 -2.91
C LEU A 49 3.33 1.28 -1.97
N VAL A 50 3.13 1.13 -0.67
CA VAL A 50 3.74 1.96 0.35
C VAL A 50 4.64 1.06 1.19
N HIS A 51 5.66 1.63 1.85
CA HIS A 51 6.66 0.87 2.60
C HIS A 51 7.26 1.70 3.73
N VAL A 52 7.37 3.01 3.53
CA VAL A 52 7.73 4.01 4.52
C VAL A 52 6.72 5.16 4.34
N GLY A 53 6.98 6.36 4.86
CA GLY A 53 6.10 7.51 4.72
C GLY A 53 6.00 8.08 3.30
N PHE A 54 6.35 7.32 2.26
CA PHE A 54 6.32 7.71 0.85
C PHE A 54 5.66 6.59 0.06
N ALA A 55 4.82 6.97 -0.91
CA ALA A 55 4.29 6.02 -1.88
C ALA A 55 5.45 5.61 -2.79
N MET A 56 5.82 4.34 -2.78
CA MET A 56 7.01 3.86 -3.48
C MET A 56 6.75 3.82 -4.98
N SER A 57 5.57 3.32 -5.38
CA SER A 57 5.16 3.22 -6.78
C SER A 57 3.63 3.19 -6.88
N VAL A 58 3.09 3.65 -8.01
CA VAL A 58 1.67 3.50 -8.35
C VAL A 58 1.50 2.07 -8.87
N ILE A 59 0.36 1.44 -8.56
CA ILE A 59 0.03 0.08 -8.98
C ILE A 59 -1.45 0.04 -9.40
N ASN A 60 -1.84 -0.99 -10.16
CA ASN A 60 -3.26 -1.24 -10.43
C ASN A 60 -3.86 -1.99 -9.25
N GLU A 61 -5.19 -2.03 -9.18
CA GLU A 61 -5.92 -2.86 -8.23
C GLU A 61 -5.50 -4.32 -8.32
N ALA A 62 -5.30 -4.85 -9.54
CA ALA A 62 -4.94 -6.23 -9.76
C ALA A 62 -3.57 -6.54 -9.15
N GLU A 63 -2.63 -5.60 -9.23
CA GLU A 63 -1.31 -5.74 -8.65
C GLU A 63 -1.40 -5.68 -7.12
N ALA A 64 -2.25 -4.81 -6.57
CA ALA A 64 -2.49 -4.76 -5.14
C ALA A 64 -3.06 -6.10 -4.64
N ARG A 65 -4.08 -6.63 -5.32
CA ARG A 65 -4.70 -7.90 -4.96
C ARG A 65 -3.68 -9.04 -5.07
N ASP A 66 -2.87 -9.08 -6.12
CA ASP A 66 -1.82 -10.09 -6.26
C ASP A 66 -0.79 -9.99 -5.14
N THR A 67 -0.39 -8.77 -4.77
CA THR A 67 0.55 -8.54 -3.69
C THR A 67 -0.05 -9.01 -2.36
N LEU A 68 -1.34 -8.75 -2.09
CA LEU A 68 -2.01 -9.20 -0.88
C LEU A 68 -2.14 -10.73 -0.86
N ASP A 69 -2.37 -11.36 -2.02
CA ASP A 69 -2.45 -12.82 -2.12
C ASP A 69 -1.09 -13.46 -1.84
N ALA A 70 -0.01 -12.85 -2.33
CA ALA A 70 1.34 -13.29 -2.00
C ALA A 70 1.61 -13.12 -0.51
N LEU A 71 1.35 -11.92 0.03
CA LEU A 71 1.63 -11.55 1.41
C LEU A 71 0.93 -12.55 2.36
N GLN A 72 -0.37 -12.77 2.18
CA GLN A 72 -1.13 -13.56 3.13
C GLN A 72 -0.71 -15.03 3.19
N ASN A 73 0.07 -15.54 2.22
CA ASN A 73 0.47 -16.95 2.16
C ASN A 73 1.98 -17.16 2.15
N MET A 74 2.79 -16.10 1.97
CA MET A 74 4.26 -16.20 1.94
C MET A 74 4.95 -15.24 2.92
N PHE A 75 4.20 -14.36 3.60
CA PHE A 75 4.73 -13.47 4.64
C PHE A 75 3.93 -13.64 5.94
N ASP A 76 2.60 -13.61 5.86
CA ASP A 76 1.73 -13.97 6.99
C ASP A 76 1.61 -15.50 7.15
N VAL A 77 1.97 -16.24 6.10
CA VAL A 77 1.92 -17.70 6.02
C VAL A 77 0.61 -18.32 6.54
N GLU A 78 -0.51 -17.68 6.15
CA GLU A 78 -1.90 -18.10 6.30
C GLU A 78 -2.43 -17.77 7.71
N PRO A 79 -3.70 -17.33 7.84
CA PRO A 79 -4.25 -16.84 9.10
C PRO A 79 -4.31 -17.94 10.18
N ASP A 80 -4.34 -19.21 9.75
CA ASP A 80 -4.32 -20.39 10.63
C ASP A 80 -3.13 -20.41 11.60
N VAL A 81 -2.06 -19.65 11.31
CA VAL A 81 -0.96 -19.43 12.25
C VAL A 81 -0.60 -17.94 12.33
N GLY A 82 -0.66 -17.18 11.22
CA GLY A 82 -0.27 -15.78 11.21
C GLY A 82 -1.22 -14.93 12.05
N ALA A 83 -2.52 -14.99 11.77
CA ALA A 83 -3.52 -14.25 12.53
C ALA A 83 -3.62 -14.80 13.96
N LEU A 84 -3.46 -16.11 14.13
CA LEU A 84 -3.47 -16.77 15.43
C LEU A 84 -2.37 -16.18 16.34
N LEU A 85 -1.15 -16.03 15.80
CA LEU A 85 -0.02 -15.44 16.50
C LEU A 85 -0.23 -13.94 16.71
N TYR A 86 -0.76 -13.23 15.70
CA TYR A 86 -1.04 -11.80 15.80
C TYR A 86 -2.05 -11.50 16.93
N GLY A 87 -3.02 -12.41 17.13
CA GLY A 87 -3.99 -12.33 18.22
C GLY A 87 -3.43 -12.79 19.56
N GLU A 88 -2.15 -13.18 19.62
CA GLU A 88 -1.44 -13.72 20.77
C GLU A 88 -2.15 -14.95 21.38
N GLU A 89 -2.92 -15.68 20.56
CA GLU A 89 -3.58 -16.92 20.97
C GLU A 89 -2.55 -18.06 21.10
N LYS A 90 -1.39 -17.91 20.44
CA LYS A 90 -0.21 -18.76 20.53
C LYS A 90 0.99 -17.83 20.52
#